data_5ELO
#
_entry.id   5ELO
#
_cell.length_a   73.220
_cell.length_b   120.720
_cell.length_c   143.330
_cell.angle_alpha   90.00
_cell.angle_beta   90.23
_cell.angle_gamma   90.00
#
_symmetry.space_group_name_H-M   'P 1 21 1'
#
loop_
_entity.id
_entity.type
_entity.pdbx_description
1 polymer 'Lysine--tRNA ligase'
2 non-polymer LYSINE
3 non-polymer cladosporin
4 non-polymer 'SULFATE ION'
5 non-polymer 1,2-ETHANEDIOL
6 water water
#
_entity_poly.entity_id   1
_entity_poly.type   'polypeptide(L)'
_entity_poly.pdbx_seq_one_letter_code
;MAHHHHHHMGTLEAQTQGPGSHYTDNRYKMMECIKDAGRPFYPHKFKISMSLPAYALKYGNVENGYIDKDTTLSLSGRVT
SIRSSSSKLIFYDIFCEEQKVQIIANIMEHDISTGEFSVSHSEIRRGDVVGFTGFPGKSKRGELSLFSKSVVLLSPCYHM
LPTAISGLKDQEVRYRQRYLDLMLNEESRKVFKLRSRAIKYIRNYFDRLGFLEVETPMLNMIYGGAAARPFITYHNELET
QLYMRIAPELYLKQLIVGGLDKVYEIGKNFRNEGIDLTHNPEFTAMEFYMAYADYYDLMDLTEELISGLVLEIHGSLKIP
YHPDGPEGKCIEIDFTTPWKRFSFVEEIESGLGEKLKRPLDSQENIDFMVEMCEKHEIELPHPRTAAKLLDKLAGHFVET
KCTNPSFIIDHPQTMSPLAKWHREKPEMTERFELFVLGKELCNAYTELNEPLQQRKFFEQQADAKASGDVEACPIDETFC
LALEHGLPPTGGWGLGIDRLIMFLADKNNIKEVILFPAMRNVKQNAQHSNQHSGN
;
_entity_poly.pdbx_strand_id   A,B,C,D
#
# COMPACT_ATOMS: atom_id res chain seq x y z
N GLY A 20 -1.55 -19.96 -45.12
CA GLY A 20 -0.31 -20.49 -45.68
C GLY A 20 0.90 -20.14 -44.84
N SER A 21 0.67 -19.53 -43.68
CA SER A 21 1.74 -19.09 -42.80
C SER A 21 1.48 -19.63 -41.39
N HIS A 22 2.00 -20.83 -41.12
CA HIS A 22 1.95 -21.42 -39.79
C HIS A 22 2.96 -20.80 -38.85
N TYR A 23 3.84 -19.93 -39.36
CA TYR A 23 4.83 -19.26 -38.53
C TYR A 23 4.16 -18.55 -37.35
N THR A 24 3.08 -17.80 -37.61
CA THR A 24 2.40 -17.06 -36.55
C THR A 24 1.70 -18.00 -35.57
N ASP A 25 1.08 -19.05 -36.07
CA ASP A 25 0.42 -20.01 -35.18
C ASP A 25 1.42 -20.65 -34.23
N ASN A 26 2.53 -21.15 -34.78
CA ASN A 26 3.55 -21.80 -33.95
C ASN A 26 4.14 -20.86 -32.93
N ARG A 27 4.24 -19.58 -33.26
CA ARG A 27 4.84 -18.65 -32.33
C ARG A 27 3.89 -18.39 -31.17
N TYR A 28 2.60 -18.31 -31.48
CA TYR A 28 1.59 -18.29 -30.42
C TYR A 28 1.66 -19.54 -29.57
N LYS A 29 1.90 -20.70 -30.20
CA LYS A 29 2.04 -21.97 -29.49
C LYS A 29 3.32 -21.99 -28.68
N MET A 30 4.43 -21.59 -29.29
CA MET A 30 5.68 -21.48 -28.53
C MET A 30 5.48 -20.62 -27.29
N MET A 31 4.88 -19.44 -27.45
CA MET A 31 4.72 -18.57 -26.29
CA MET A 31 4.70 -18.56 -26.30
C MET A 31 3.79 -19.17 -25.24
N GLU A 32 2.80 -19.97 -25.66
CA GLU A 32 1.95 -20.65 -24.69
C GLU A 32 2.77 -21.64 -23.85
N CYS A 33 3.54 -22.51 -24.52
CA CYS A 33 4.44 -23.42 -23.81
CA CYS A 33 4.44 -23.41 -23.82
C CYS A 33 5.27 -22.67 -22.78
N ILE A 34 5.94 -21.59 -23.21
CA ILE A 34 6.81 -20.82 -22.32
C ILE A 34 6.03 -20.33 -21.10
N LYS A 35 4.85 -19.74 -21.34
CA LYS A 35 3.99 -19.29 -20.24
C LYS A 35 3.71 -20.40 -19.24
N ASP A 36 3.27 -21.55 -19.74
CA ASP A 36 2.84 -22.64 -18.86
C ASP A 36 4.01 -23.32 -18.17
N ALA A 37 5.22 -23.27 -18.77
CA ALA A 37 6.39 -23.88 -18.15
C ALA A 37 7.02 -23.00 -17.09
N GLY A 38 6.42 -21.85 -16.79
CA GLY A 38 6.97 -20.89 -15.86
C GLY A 38 8.23 -20.18 -16.31
N ARG A 39 8.59 -20.27 -17.59
CA ARG A 39 9.73 -19.54 -18.13
C ARG A 39 9.39 -18.07 -18.34
N PRO A 40 10.40 -17.21 -18.50
CA PRO A 40 10.12 -15.77 -18.67
C PRO A 40 9.13 -15.50 -19.81
N PHE A 41 8.09 -14.75 -19.50
CA PHE A 41 6.99 -14.52 -20.43
C PHE A 41 6.67 -13.03 -20.35
N TYR A 42 7.21 -12.27 -21.31
CA TYR A 42 6.92 -10.86 -21.39
C TYR A 42 7.29 -10.10 -20.10
N PRO A 43 8.55 -10.10 -19.70
CA PRO A 43 8.93 -9.40 -18.47
C PRO A 43 8.47 -7.94 -18.44
N HIS A 44 8.04 -7.48 -17.27
CA HIS A 44 7.55 -6.11 -17.18
C HIS A 44 8.68 -5.10 -17.35
N LYS A 45 9.83 -5.32 -16.69
CA LYS A 45 10.91 -4.34 -16.67
C LYS A 45 12.23 -5.03 -16.95
N PHE A 46 12.91 -4.59 -18.00
CA PHE A 46 14.29 -4.97 -18.28
C PHE A 46 15.14 -3.71 -18.15
N LYS A 47 16.08 -3.71 -17.21
CA LYS A 47 16.89 -2.52 -16.91
CA LYS A 47 16.88 -2.52 -16.92
C LYS A 47 18.22 -2.63 -17.65
N ILE A 48 18.39 -1.79 -18.67
CA ILE A 48 19.59 -1.79 -19.47
C ILE A 48 20.67 -1.02 -18.71
N SER A 49 21.91 -1.48 -18.84
CA SER A 49 23.03 -0.72 -18.27
C SER A 49 23.22 0.61 -18.98
N MET A 50 23.03 0.62 -20.30
CA MET A 50 23.19 1.81 -21.13
C MET A 50 22.52 1.54 -22.48
N SER A 51 22.27 2.60 -23.22
CA SER A 51 21.76 2.45 -24.59
C SER A 51 22.83 1.83 -25.49
N LEU A 52 22.39 1.29 -26.62
CA LEU A 52 23.38 0.82 -27.58
C LEU A 52 24.27 1.93 -28.11
N PRO A 53 23.78 3.15 -28.42
CA PRO A 53 24.72 4.21 -28.80
C PRO A 53 25.73 4.55 -27.72
N ALA A 54 25.30 4.61 -26.45
CA ALA A 54 26.25 4.82 -25.35
C ALA A 54 27.27 3.70 -25.26
N TYR A 55 26.81 2.46 -25.42
CA TYR A 55 27.73 1.32 -25.46
C TYR A 55 28.82 1.50 -26.52
N ALA A 56 28.43 1.83 -27.75
CA ALA A 56 29.41 1.98 -28.80
C ALA A 56 30.35 3.14 -28.47
N LEU A 57 29.81 4.21 -27.92
CA LEU A 57 30.64 5.32 -27.48
C LEU A 57 31.67 4.87 -26.44
N LYS A 58 31.30 3.95 -25.57
CA LYS A 58 32.23 3.63 -24.49
C LYS A 58 33.29 2.66 -24.99
N TYR A 59 32.89 1.67 -25.79
CA TYR A 59 33.73 0.51 -26.13
C TYR A 59 34.12 0.42 -27.60
N GLY A 60 33.69 1.36 -28.43
CA GLY A 60 33.99 1.19 -29.86
C GLY A 60 35.45 1.41 -30.24
N ASN A 61 36.29 1.86 -29.33
CA ASN A 61 37.70 2.03 -29.68
C ASN A 61 38.64 1.08 -28.94
N VAL A 62 38.12 0.03 -28.32
CA VAL A 62 39.00 -0.88 -27.60
C VAL A 62 39.74 -1.71 -28.63
N GLU A 63 40.79 -2.40 -28.22
CA GLU A 63 41.52 -3.23 -29.17
C GLU A 63 40.69 -4.42 -29.60
N ASN A 64 41.00 -4.98 -30.79
CA ASN A 64 40.45 -6.27 -31.18
C ASN A 64 40.79 -7.31 -30.12
N GLY A 65 39.80 -8.12 -29.75
CA GLY A 65 39.95 -9.11 -28.70
C GLY A 65 39.83 -8.58 -27.29
N TYR A 66 39.59 -7.29 -27.10
CA TYR A 66 39.42 -6.80 -25.73
C TYR A 66 38.18 -7.40 -25.11
N ILE A 67 38.27 -7.78 -23.85
CA ILE A 67 37.08 -8.19 -23.10
C ILE A 67 37.31 -7.85 -21.64
N ASP A 68 36.35 -7.19 -21.02
CA ASP A 68 36.42 -6.86 -19.61
C ASP A 68 35.50 -7.83 -18.88
N LYS A 69 36.07 -8.91 -18.35
CA LYS A 69 35.22 -9.85 -17.60
C LYS A 69 34.96 -9.43 -16.17
N ASP A 70 35.41 -8.26 -15.75
CA ASP A 70 35.03 -7.72 -14.45
C ASP A 70 33.83 -6.79 -14.53
N THR A 71 33.23 -6.61 -15.71
CA THR A 71 32.13 -5.66 -15.87
C THR A 71 30.95 -6.38 -16.52
N THR A 72 29.82 -6.43 -15.83
CA THR A 72 28.63 -7.09 -16.38
C THR A 72 27.59 -6.05 -16.79
N LEU A 73 27.10 -6.16 -18.02
CA LEU A 73 26.19 -5.14 -18.57
C LEU A 73 24.98 -5.78 -19.20
N SER A 74 23.85 -5.09 -19.12
CA SER A 74 22.61 -5.52 -19.76
C SER A 74 22.31 -4.56 -20.92
N LEU A 75 22.08 -5.14 -22.09
CA LEU A 75 21.73 -4.40 -23.29
C LEU A 75 20.45 -5.00 -23.87
N SER A 76 19.75 -4.20 -24.69
CA SER A 76 18.52 -4.66 -25.34
C SER A 76 18.36 -4.01 -26.71
N GLY A 77 17.71 -4.73 -27.62
CA GLY A 77 17.49 -4.25 -28.98
C GLY A 77 16.64 -5.27 -29.70
N ARG A 78 16.36 -4.99 -30.98
CA ARG A 78 15.66 -5.96 -31.80
C ARG A 78 16.71 -6.81 -32.52
N VAL A 79 16.48 -8.12 -32.60
CA VAL A 79 17.40 -8.99 -33.34
C VAL A 79 17.26 -8.74 -34.84
N THR A 80 18.36 -8.38 -35.49
CA THR A 80 18.34 -8.29 -36.95
C THR A 80 19.07 -9.45 -37.61
N SER A 81 19.71 -10.31 -36.84
CA SER A 81 20.52 -11.34 -37.46
C SER A 81 20.81 -12.40 -36.41
N ILE A 82 20.69 -13.65 -36.81
CA ILE A 82 21.08 -14.78 -36.01
C ILE A 82 21.96 -15.68 -36.88
N ARG A 83 23.17 -15.98 -36.42
CA ARG A 83 24.07 -16.88 -37.12
C ARG A 83 24.75 -17.79 -36.09
N SER A 84 25.22 -18.95 -36.55
CA SER A 84 25.85 -19.90 -35.62
C SER A 84 26.97 -20.68 -36.29
N SER A 85 28.03 -20.97 -35.53
CA SER A 85 29.12 -21.82 -36.01
C SER A 85 29.11 -23.22 -35.42
N SER A 86 28.44 -23.45 -34.29
CA SER A 86 28.36 -24.75 -33.64
C SER A 86 27.11 -24.76 -32.78
N SER A 87 26.89 -25.87 -32.07
CA SER A 87 25.91 -25.83 -31.00
C SER A 87 26.46 -25.18 -29.75
N LYS A 88 27.69 -24.63 -29.78
CA LYS A 88 28.26 -23.92 -28.65
C LYS A 88 28.40 -22.42 -28.84
N LEU A 89 28.21 -21.89 -30.05
CA LEU A 89 28.56 -20.49 -30.31
C LEU A 89 27.56 -19.88 -31.27
N ILE A 90 26.83 -18.87 -30.82
CA ILE A 90 25.79 -18.21 -31.61
C ILE A 90 26.07 -16.72 -31.67
N PHE A 91 25.88 -16.11 -32.86
CA PHE A 91 26.15 -14.70 -33.08
C PHE A 91 24.83 -14.00 -33.38
N TYR A 92 24.50 -13.00 -32.58
CA TYR A 92 23.37 -12.14 -32.89
C TYR A 92 23.87 -10.78 -33.34
N ASP A 93 22.99 -10.07 -34.06
CA ASP A 93 23.03 -8.63 -34.17
C ASP A 93 21.77 -8.03 -33.58
N ILE A 94 21.92 -7.09 -32.68
CA ILE A 94 20.76 -6.39 -32.17
C ILE A 94 20.88 -4.93 -32.56
N PHE A 95 19.73 -4.30 -32.71
CA PHE A 95 19.66 -2.94 -33.20
C PHE A 95 18.76 -2.14 -32.27
N CYS A 96 19.21 -0.94 -31.88
CA CYS A 96 18.37 -0.06 -31.09
C CYS A 96 18.92 1.37 -31.18
N GLU A 97 18.00 2.32 -31.35
CA GLU A 97 18.38 3.73 -31.32
C GLU A 97 19.46 4.03 -32.34
N GLU A 98 19.33 3.46 -33.53
CA GLU A 98 20.23 3.67 -34.68
C GLU A 98 21.59 2.97 -34.57
N GLN A 99 21.77 2.01 -33.65
CA GLN A 99 23.06 1.37 -33.44
C GLN A 99 22.95 -0.15 -33.42
N LYS A 100 23.87 -0.82 -34.07
CA LYS A 100 23.99 -2.27 -34.05
C LYS A 100 25.11 -2.72 -33.12
N VAL A 101 24.86 -3.77 -32.36
CA VAL A 101 25.87 -4.38 -31.50
C VAL A 101 25.80 -5.87 -31.68
N GLN A 102 26.95 -6.53 -31.79
CA GLN A 102 26.96 -8.00 -31.91
C GLN A 102 26.98 -8.65 -30.55
N ILE A 103 26.14 -9.67 -30.39
CA ILE A 103 26.12 -10.48 -29.19
C ILE A 103 26.81 -11.81 -29.52
N ILE A 104 27.86 -12.15 -28.79
CA ILE A 104 28.53 -13.43 -28.96
C ILE A 104 28.16 -14.30 -27.77
N ALA A 105 27.36 -15.35 -28.05
CA ALA A 105 26.82 -16.27 -27.05
C ALA A 105 27.57 -17.60 -27.11
N ASN A 106 28.55 -17.76 -26.23
CA ASN A 106 29.27 -19.02 -26.06
C ASN A 106 28.71 -19.80 -24.89
N ILE A 107 28.54 -21.11 -25.09
CA ILE A 107 27.87 -21.92 -24.10
C ILE A 107 28.67 -21.99 -22.81
N MET A 108 29.99 -21.77 -22.86
CA MET A 108 30.81 -21.86 -21.67
C MET A 108 30.53 -20.69 -20.73
N GLU A 109 29.92 -19.64 -21.23
CA GLU A 109 29.58 -18.48 -20.41
C GLU A 109 28.13 -18.47 -19.98
N HIS A 110 27.35 -19.48 -20.37
CA HIS A 110 25.90 -19.39 -20.26
C HIS A 110 25.45 -19.61 -18.83
N ASP A 111 24.60 -18.70 -18.32
CA ASP A 111 24.10 -18.79 -16.96
C ASP A 111 23.00 -19.84 -16.92
N ILE A 112 23.26 -20.96 -16.25
CA ILE A 112 22.32 -22.08 -16.30
C ILE A 112 21.07 -21.86 -15.47
N SER A 113 21.10 -20.94 -14.50
CA SER A 113 19.90 -20.61 -13.72
C SER A 113 18.82 -19.95 -14.57
N THR A 114 19.13 -19.54 -15.81
CA THR A 114 18.14 -19.04 -16.76
C THR A 114 17.68 -20.14 -17.71
N GLY A 115 18.23 -21.33 -17.59
CA GLY A 115 17.85 -22.45 -18.43
C GLY A 115 19.02 -23.03 -19.21
N GLU A 116 18.74 -24.16 -19.83
CA GLU A 116 19.71 -24.80 -20.69
C GLU A 116 20.04 -23.91 -21.88
N PHE A 117 21.33 -23.85 -22.22
CA PHE A 117 21.81 -23.02 -23.32
C PHE A 117 20.95 -23.20 -24.57
N SER A 118 20.86 -24.44 -25.07
CA SER A 118 20.13 -24.65 -26.32
C SER A 118 18.67 -24.22 -26.19
N VAL A 119 18.06 -24.49 -25.03
CA VAL A 119 16.67 -24.09 -24.79
C VAL A 119 16.54 -22.56 -24.77
N SER A 120 17.51 -21.87 -24.16
CA SER A 120 17.40 -20.42 -24.09
C SER A 120 17.40 -19.79 -25.49
N HIS A 121 18.23 -20.32 -26.39
CA HIS A 121 18.40 -19.69 -27.69
C HIS A 121 17.45 -20.23 -28.75
N SER A 122 16.83 -21.38 -28.53
CA SER A 122 15.82 -21.82 -29.48
C SER A 122 14.53 -21.02 -29.37
N GLU A 123 14.39 -20.18 -28.34
CA GLU A 123 13.21 -19.33 -28.17
C GLU A 123 13.35 -18.02 -28.92
N ILE A 124 14.55 -17.71 -29.40
CA ILE A 124 14.86 -16.45 -30.04
C ILE A 124 14.72 -16.61 -31.56
N ARG A 125 14.14 -15.59 -32.19
CA ARG A 125 14.01 -15.49 -33.64
C ARG A 125 14.38 -14.10 -34.11
N ARG A 126 14.84 -14.03 -35.36
CA ARG A 126 15.07 -12.73 -35.99
C ARG A 126 13.81 -11.87 -35.87
N GLY A 127 13.99 -10.65 -35.38
CA GLY A 127 12.90 -9.75 -35.19
C GLY A 127 12.42 -9.62 -33.77
N ASP A 128 12.84 -10.52 -32.87
CA ASP A 128 12.41 -10.46 -31.48
C ASP A 128 13.07 -9.29 -30.75
N VAL A 129 12.32 -8.66 -29.84
CA VAL A 129 12.94 -7.75 -28.89
C VAL A 129 13.48 -8.59 -27.73
N VAL A 130 14.77 -8.46 -27.46
CA VAL A 130 15.48 -9.38 -26.57
C VAL A 130 16.46 -8.57 -25.73
N GLY A 131 16.75 -9.07 -24.54
CA GLY A 131 17.80 -8.52 -23.71
C GLY A 131 18.91 -9.53 -23.53
N PHE A 132 20.12 -9.02 -23.29
CA PHE A 132 21.28 -9.86 -23.09
C PHE A 132 22.08 -9.31 -21.93
N THR A 133 22.80 -10.17 -21.23
CA THR A 133 23.72 -9.72 -20.21
CA THR A 133 23.72 -9.73 -20.19
C THR A 133 25.07 -10.36 -20.45
N GLY A 134 26.13 -9.60 -20.24
CA GLY A 134 27.44 -10.17 -20.48
C GLY A 134 28.55 -9.14 -20.33
N PHE A 135 29.69 -9.46 -20.94
CA PHE A 135 30.94 -8.74 -20.81
C PHE A 135 31.23 -7.92 -22.05
N PRO A 136 31.67 -6.66 -21.90
CA PRO A 136 31.91 -5.80 -23.07
C PRO A 136 33.24 -6.07 -23.72
N GLY A 137 33.36 -5.64 -24.96
CA GLY A 137 34.64 -5.69 -25.64
C GLY A 137 34.44 -5.80 -27.14
N LYS A 138 35.39 -6.51 -27.78
CA LYS A 138 35.41 -6.64 -29.23
C LYS A 138 35.84 -8.05 -29.60
N SER A 139 35.24 -8.61 -30.64
CA SER A 139 35.72 -9.88 -31.14
C SER A 139 37.14 -9.74 -31.69
N LYS A 140 37.79 -10.88 -31.98
CA LYS A 140 39.14 -10.85 -32.54
C LYS A 140 39.15 -10.23 -33.95
N ARG A 141 38.08 -10.40 -34.70
CA ARG A 141 37.96 -9.71 -35.97
C ARG A 141 37.61 -8.23 -35.84
N GLY A 142 37.42 -7.73 -34.62
CA GLY A 142 37.25 -6.30 -34.39
C GLY A 142 35.84 -5.76 -34.31
N GLU A 143 34.82 -6.63 -34.21
CA GLU A 143 33.44 -6.18 -34.12
C GLU A 143 33.08 -5.81 -32.68
N LEU A 144 32.48 -4.63 -32.50
CA LEU A 144 31.98 -4.27 -31.19
C LEU A 144 30.92 -5.27 -30.74
N SER A 145 31.16 -5.91 -29.61
CA SER A 145 30.34 -7.04 -29.20
C SER A 145 30.11 -7.03 -27.70
N LEU A 146 29.03 -7.68 -27.27
CA LEU A 146 28.84 -8.13 -25.89
C LEU A 146 29.02 -9.64 -25.85
N PHE A 147 29.81 -10.12 -24.91
CA PHE A 147 29.96 -11.56 -24.74
C PHE A 147 28.96 -11.97 -23.67
N SER A 148 27.84 -12.54 -24.12
CA SER A 148 26.68 -12.72 -23.24
C SER A 148 26.80 -13.92 -22.32
N LYS A 149 26.13 -13.80 -21.18
CA LYS A 149 25.93 -14.92 -20.26
C LYS A 149 24.48 -15.36 -20.16
N SER A 150 23.53 -14.55 -20.62
CA SER A 150 22.13 -14.92 -20.66
C SER A 150 21.45 -14.19 -21.80
N VAL A 151 20.24 -14.65 -22.13
CA VAL A 151 19.34 -13.97 -23.07
C VAL A 151 17.92 -14.01 -22.51
N VAL A 152 17.16 -12.93 -22.67
CA VAL A 152 15.76 -12.88 -22.24
C VAL A 152 14.89 -12.44 -23.40
N LEU A 153 13.83 -13.18 -23.66
CA LEU A 153 12.87 -12.80 -24.68
C LEU A 153 11.91 -11.79 -24.07
N LEU A 154 11.96 -10.57 -24.57
CA LEU A 154 11.17 -9.48 -24.03
C LEU A 154 9.83 -9.32 -24.75
N SER A 155 9.84 -9.44 -26.05
CA SER A 155 8.65 -9.26 -26.84
C SER A 155 8.86 -9.93 -28.18
N PRO A 156 8.31 -11.11 -28.44
CA PRO A 156 8.59 -11.80 -29.70
C PRO A 156 7.89 -11.14 -30.89
N CYS A 157 8.45 -11.40 -32.08
CA CYS A 157 7.84 -11.05 -33.36
C CYS A 157 7.16 -12.27 -33.95
N TYR A 158 5.84 -12.20 -34.11
CA TYR A 158 5.09 -13.37 -34.60
C TYR A 158 5.10 -13.51 -36.13
N HIS A 159 5.86 -12.70 -36.86
CA HIS A 159 5.81 -12.66 -38.31
C HIS A 159 7.20 -12.74 -38.89
N MET A 160 7.34 -13.44 -40.01
CA MET A 160 8.65 -13.53 -40.65
C MET A 160 8.96 -12.22 -41.34
N LEU A 161 9.98 -11.55 -40.91
CA LEU A 161 10.22 -10.23 -41.45
C LEU A 161 11.15 -10.28 -42.65
N PRO A 162 10.91 -9.39 -43.63
CA PRO A 162 11.94 -9.12 -44.65
C PRO A 162 13.20 -8.53 -44.05
N THR A 163 14.29 -8.65 -44.81
CA THR A 163 15.54 -8.00 -44.40
C THR A 163 15.50 -6.50 -44.68
N ALA A 164 14.87 -6.09 -45.78
CA ALA A 164 14.76 -4.68 -46.15
C ALA A 164 13.34 -4.44 -46.68
N ILE A 165 13.01 -3.17 -46.94
CA ILE A 165 11.68 -2.80 -47.44
C ILE A 165 11.52 -3.32 -48.86
N SER A 166 12.60 -3.92 -49.41
CA SER A 166 12.51 -4.59 -50.69
C SER A 166 11.80 -5.93 -50.58
N GLY A 167 11.92 -6.62 -49.44
CA GLY A 167 11.24 -7.87 -49.17
C GLY A 167 9.76 -7.76 -48.87
N LEU A 168 9.21 -6.55 -48.76
CA LEU A 168 7.78 -6.39 -48.56
C LEU A 168 7.01 -6.80 -49.82
N LYS A 169 5.76 -7.23 -49.61
CA LYS A 169 4.92 -7.65 -50.73
C LYS A 169 4.67 -6.49 -51.69
N ASP A 170 4.33 -5.31 -51.15
CA ASP A 170 4.20 -4.06 -51.88
C ASP A 170 4.73 -2.93 -51.02
N GLN A 171 5.09 -1.81 -51.66
CA GLN A 171 5.58 -0.65 -50.91
C GLN A 171 4.46 0.17 -50.28
N GLU A 172 3.21 -0.06 -50.69
CA GLU A 172 2.05 0.39 -49.92
C GLU A 172 2.06 -0.15 -48.50
N VAL A 173 2.78 -1.25 -48.25
CA VAL A 173 2.92 -1.72 -46.87
C VAL A 173 3.63 -0.69 -46.02
N ARG A 174 4.55 0.08 -46.60
CA ARG A 174 5.26 1.11 -45.85
C ARG A 174 4.30 2.16 -45.28
N TYR A 175 3.18 2.41 -45.95
CA TYR A 175 2.25 3.42 -45.44
C TYR A 175 1.19 2.83 -44.52
N ARG A 176 0.76 1.59 -44.82
CA ARG A 176 -0.29 0.93 -44.06
C ARG A 176 0.20 0.27 -42.78
N GLN A 177 1.50 0.01 -42.69
CA GLN A 177 2.11 -0.62 -41.55
C GLN A 177 3.44 0.12 -41.39
N ARG A 178 3.34 1.34 -40.90
CA ARG A 178 4.50 2.24 -40.94
C ARG A 178 5.55 1.77 -39.97
N TYR A 179 5.16 0.96 -38.97
CA TYR A 179 6.15 0.36 -38.08
C TYR A 179 7.14 -0.50 -38.83
N LEU A 180 6.70 -1.17 -39.90
CA LEU A 180 7.64 -1.95 -40.71
C LEU A 180 8.59 -1.05 -41.46
N ASP A 181 8.08 0.08 -41.96
CA ASP A 181 8.96 1.02 -42.64
C ASP A 181 10.01 1.53 -41.67
N LEU A 182 9.60 1.94 -40.47
CA LEU A 182 10.56 2.49 -39.53
C LEU A 182 11.53 1.42 -39.08
N MET A 183 11.05 0.18 -38.97
CA MET A 183 11.90 -0.88 -38.45
C MET A 183 13.04 -1.19 -39.43
N LEU A 184 12.72 -1.28 -40.71
CA LEU A 184 13.72 -1.74 -41.67
C LEU A 184 14.44 -0.62 -42.43
N ASN A 185 13.93 0.60 -42.41
CA ASN A 185 14.39 1.59 -43.40
C ASN A 185 14.88 2.86 -42.71
N GLU A 186 16.20 2.97 -42.55
CA GLU A 186 16.80 4.21 -42.03
C GLU A 186 16.27 5.48 -42.74
N GLU A 187 16.08 5.41 -44.06
CA GLU A 187 15.68 6.61 -44.79
C GLU A 187 14.36 7.19 -44.25
N SER A 188 13.39 6.31 -43.93
CA SER A 188 12.14 6.80 -43.36
CA SER A 188 12.13 6.79 -43.35
C SER A 188 12.34 7.43 -41.99
N ARG A 189 13.15 6.80 -41.15
CA ARG A 189 13.43 7.34 -39.82
C ARG A 189 14.05 8.74 -39.92
N LYS A 190 14.93 8.94 -40.90
CA LYS A 190 15.59 10.24 -41.08
C LYS A 190 14.59 11.32 -41.46
N VAL A 191 13.61 10.98 -42.30
CA VAL A 191 12.60 11.94 -42.70
C VAL A 191 11.88 12.53 -41.50
N PHE A 192 11.48 11.67 -40.55
CA PHE A 192 10.67 12.18 -39.46
C PHE A 192 11.53 12.89 -38.40
N LYS A 193 12.81 12.55 -38.30
CA LYS A 193 13.71 13.39 -37.52
C LYS A 193 13.93 14.75 -38.19
N LEU A 194 13.99 14.77 -39.51
CA LEU A 194 14.16 16.04 -40.21
C LEU A 194 12.91 16.90 -40.05
N ARG A 195 11.75 16.26 -40.05
CA ARG A 195 10.50 16.96 -39.81
C ARG A 195 10.52 17.63 -38.43
N SER A 196 10.92 16.88 -37.39
CA SER A 196 11.02 17.48 -36.06
C SER A 196 12.00 18.65 -36.07
N ARG A 197 13.19 18.43 -36.61
CA ARG A 197 14.22 19.47 -36.65
C ARG A 197 13.74 20.75 -37.34
N ALA A 198 13.00 20.61 -38.46
CA ALA A 198 12.57 21.80 -39.18
C ALA A 198 11.51 22.58 -38.40
N ILE A 199 10.54 21.88 -37.80
CA ILE A 199 9.53 22.53 -36.97
C ILE A 199 10.19 23.27 -35.78
N LYS A 200 11.19 22.65 -35.14
CA LYS A 200 11.86 23.34 -34.03
C LYS A 200 12.53 24.62 -34.50
N TYR A 201 13.15 24.57 -35.68
CA TYR A 201 13.81 25.73 -36.24
C TYR A 201 12.79 26.84 -36.46
N ILE A 202 11.62 26.47 -36.99
CA ILE A 202 10.57 27.43 -37.28
C ILE A 202 10.04 28.04 -35.98
N ARG A 203 9.72 27.21 -34.98
CA ARG A 203 9.33 27.77 -33.69
C ARG A 203 10.39 28.72 -33.16
N ASN A 204 11.65 28.34 -33.28
CA ASN A 204 12.66 29.21 -32.69
C ASN A 204 12.70 30.56 -33.39
N TYR A 205 12.56 30.55 -34.72
CA TYR A 205 12.58 31.80 -35.45
C TYR A 205 11.50 32.75 -34.95
N PHE A 206 10.29 32.23 -34.71
CA PHE A 206 9.22 33.11 -34.29
C PHE A 206 9.25 33.36 -32.80
N ASP A 207 9.69 32.40 -31.98
CA ASP A 207 9.88 32.70 -30.56
C ASP A 207 10.86 33.84 -30.39
N ARG A 208 11.92 33.85 -31.18
CA ARG A 208 12.93 34.90 -31.04
C ARG A 208 12.40 36.27 -31.43
N LEU A 209 11.36 36.33 -32.27
CA LEU A 209 10.75 37.62 -32.64
C LEU A 209 9.70 38.08 -31.65
N GLY A 210 9.47 37.30 -30.60
CA GLY A 210 8.54 37.70 -29.54
C GLY A 210 7.12 37.23 -29.79
N PHE A 211 6.96 36.26 -30.71
CA PHE A 211 5.64 35.76 -31.04
C PHE A 211 5.12 34.94 -29.90
N LEU A 212 3.82 34.73 -29.87
CA LEU A 212 3.20 33.93 -28.82
C LEU A 212 2.49 32.83 -29.55
N GLU A 213 2.74 31.57 -29.16
CA GLU A 213 2.03 30.47 -29.77
C GLU A 213 0.65 30.33 -29.12
N VAL A 214 -0.36 30.11 -29.95
CA VAL A 214 -1.74 29.99 -29.50
C VAL A 214 -2.37 28.73 -30.08
N GLU A 215 -3.51 28.35 -29.53
CA GLU A 215 -4.30 27.24 -30.06
C GLU A 215 -5.72 27.73 -30.24
N THR A 216 -6.27 27.58 -31.43
CA THR A 216 -7.63 28.01 -31.68
C THR A 216 -8.47 26.79 -32.06
N PRO A 217 -9.79 26.89 -32.09
CA PRO A 217 -10.62 25.66 -32.10
C PRO A 217 -10.53 24.94 -33.42
N MET A 218 -10.39 23.61 -33.35
CA MET A 218 -10.53 22.80 -34.55
C MET A 218 -11.96 22.38 -34.82
N LEU A 219 -12.83 22.47 -33.82
CA LEU A 219 -14.28 22.34 -34.04
C LEU A 219 -14.86 23.74 -34.19
N ASN A 220 -15.50 24.01 -35.32
CA ASN A 220 -16.05 25.33 -35.60
C ASN A 220 -17.54 25.24 -35.87
N MET A 221 -18.32 26.18 -35.36
CA MET A 221 -19.71 26.22 -35.79
C MET A 221 -19.83 26.71 -37.21
N ILE A 222 -18.85 27.46 -37.71
CA ILE A 222 -18.85 28.00 -39.06
C ILE A 222 -17.42 27.87 -39.58
N TYR A 223 -17.25 27.19 -40.71
CA TYR A 223 -15.92 27.04 -41.28
C TYR A 223 -15.57 28.23 -42.15
N GLY A 224 -14.28 28.52 -42.26
CA GLY A 224 -13.85 29.60 -43.11
C GLY A 224 -12.35 29.78 -43.05
N GLY A 225 -11.85 30.72 -43.85
CA GLY A 225 -10.45 31.02 -43.83
C GLY A 225 -9.65 30.40 -44.96
N ALA A 226 -10.29 29.65 -45.85
CA ALA A 226 -9.61 29.02 -46.97
C ALA A 226 -10.65 28.62 -47.99
N ALA A 227 -10.18 28.27 -49.18
CA ALA A 227 -11.04 27.75 -50.24
C ALA A 227 -10.91 26.23 -50.18
N ALA A 228 -11.81 25.61 -49.41
CA ALA A 228 -11.81 24.17 -49.23
C ALA A 228 -13.18 23.71 -48.77
N ARG A 229 -13.48 22.46 -49.06
CA ARG A 229 -14.67 21.77 -48.57
C ARG A 229 -14.40 21.19 -47.19
N PRO A 230 -15.32 21.34 -46.24
CA PRO A 230 -15.06 20.90 -44.86
C PRO A 230 -15.58 19.49 -44.57
N PHE A 231 -15.03 18.87 -43.51
CA PHE A 231 -15.70 17.75 -42.87
C PHE A 231 -16.79 18.24 -41.92
N ILE A 232 -17.90 17.50 -41.85
CA ILE A 232 -19.04 17.85 -41.00
C ILE A 232 -19.14 16.87 -39.84
N THR A 233 -19.52 17.36 -38.67
CA THR A 233 -19.70 16.48 -37.53
C THR A 233 -20.83 17.06 -36.67
N TYR A 234 -20.98 16.50 -35.47
CA TYR A 234 -22.12 16.80 -34.60
C TYR A 234 -21.73 16.60 -33.15
N HIS A 235 -22.08 17.55 -32.28
CA HIS A 235 -21.89 17.39 -30.84
C HIS A 235 -23.23 17.10 -30.17
N ASN A 236 -23.35 15.91 -29.57
CA ASN A 236 -24.67 15.44 -29.17
C ASN A 236 -25.23 16.26 -28.01
N GLU A 237 -24.45 16.50 -26.96
CA GLU A 237 -24.97 17.26 -25.84
C GLU A 237 -25.38 18.67 -26.28
N LEU A 238 -24.54 19.35 -27.05
CA LEU A 238 -24.92 20.65 -27.56
C LEU A 238 -26.03 20.56 -28.60
N GLU A 239 -26.30 19.36 -29.11
CA GLU A 239 -27.25 19.13 -30.20
C GLU A 239 -27.00 20.11 -31.34
N THR A 240 -25.74 20.25 -31.74
CA THR A 240 -25.42 21.22 -32.77
C THR A 240 -24.46 20.61 -33.79
N GLN A 241 -24.66 20.94 -35.06
CA GLN A 241 -23.71 20.51 -36.08
C GLN A 241 -22.45 21.36 -36.00
N LEU A 242 -21.30 20.71 -36.20
CA LEU A 242 -19.99 21.36 -36.16
C LEU A 242 -19.21 21.03 -37.44
N TYR A 243 -18.26 21.88 -37.79
CA TYR A 243 -17.29 21.63 -38.86
C TYR A 243 -15.88 21.50 -38.27
N MET A 244 -15.09 20.60 -38.83
CA MET A 244 -13.66 20.62 -38.54
C MET A 244 -13.06 21.83 -39.24
N ARG A 245 -12.00 22.40 -38.69
CA ARG A 245 -11.53 23.66 -39.25
C ARG A 245 -10.83 23.42 -40.57
N ILE A 246 -11.06 24.31 -41.54
CA ILE A 246 -10.24 24.28 -42.74
C ILE A 246 -9.02 25.20 -42.62
N ALA A 247 -9.06 26.19 -41.74
CA ALA A 247 -7.90 27.03 -41.47
C ALA A 247 -8.19 27.77 -40.18
N PRO A 248 -7.16 28.19 -39.44
CA PRO A 248 -7.37 28.94 -38.19
C PRO A 248 -7.55 30.45 -38.36
N GLU A 249 -7.62 30.93 -39.61
CA GLU A 249 -7.38 32.34 -39.92
C GLU A 249 -8.35 33.29 -39.23
N LEU A 250 -9.64 32.93 -39.17
CA LEU A 250 -10.60 33.89 -38.63
C LEU A 250 -10.51 33.99 -37.12
N TYR A 251 -10.13 32.91 -36.44
CA TYR A 251 -9.89 33.03 -34.99
C TYR A 251 -8.57 33.76 -34.69
N LEU A 252 -7.51 33.44 -35.41
CA LEU A 252 -6.23 34.13 -35.20
C LEU A 252 -6.38 35.64 -35.38
N LYS A 253 -7.16 36.08 -36.36
CA LYS A 253 -7.28 37.54 -36.54
C LYS A 253 -7.98 38.17 -35.35
N GLN A 254 -8.92 37.47 -34.74
CA GLN A 254 -9.54 38.01 -33.54
C GLN A 254 -8.54 38.27 -32.42
N LEU A 255 -7.47 37.47 -32.34
CA LEU A 255 -6.42 37.62 -31.32
C LEU A 255 -5.61 38.89 -31.55
N ILE A 256 -5.48 39.32 -32.79
CA ILE A 256 -4.84 40.60 -33.07
C ILE A 256 -5.76 41.76 -32.65
N VAL A 257 -7.06 41.68 -32.99
CA VAL A 257 -8.04 42.59 -32.40
C VAL A 257 -7.84 42.68 -30.89
N GLY A 258 -7.56 41.53 -30.27
CA GLY A 258 -7.29 41.31 -28.86
C GLY A 258 -6.06 41.99 -28.37
N GLY A 259 -5.16 42.40 -29.25
CA GLY A 259 -3.95 43.07 -28.83
C GLY A 259 -2.76 42.17 -28.63
N LEU A 260 -2.90 40.88 -28.92
CA LEU A 260 -1.74 40.02 -28.73
C LEU A 260 -0.61 40.31 -29.73
N ASP A 261 -0.87 41.13 -30.75
CA ASP A 261 0.17 41.70 -31.60
C ASP A 261 0.89 40.73 -32.54
N LYS A 262 1.36 39.59 -32.03
CA LYS A 262 2.19 38.65 -32.77
C LYS A 262 1.83 37.24 -32.31
N VAL A 263 1.06 36.51 -33.12
CA VAL A 263 0.63 35.17 -32.75
C VAL A 263 0.98 34.18 -33.86
N TYR A 264 1.22 32.93 -33.46
CA TYR A 264 1.32 31.88 -34.45
C TYR A 264 0.68 30.60 -33.94
N GLU A 265 0.29 29.75 -34.88
CA GLU A 265 -0.34 28.49 -34.55
C GLU A 265 0.20 27.45 -35.52
N ILE A 266 0.61 26.31 -34.99
CA ILE A 266 1.12 25.18 -35.79
C ILE A 266 0.22 23.99 -35.48
N GLY A 267 -0.56 23.53 -36.46
CA GLY A 267 -1.47 22.44 -36.16
C GLY A 267 -2.16 21.95 -37.42
N LYS A 268 -3.05 20.98 -37.24
CA LYS A 268 -3.73 20.34 -38.36
C LYS A 268 -4.83 21.21 -38.94
N ASN A 269 -4.97 21.21 -40.26
CA ASN A 269 -6.19 21.61 -40.94
C ASN A 269 -6.86 20.36 -41.51
N PHE A 270 -8.16 20.43 -41.72
CA PHE A 270 -8.93 19.31 -42.22
C PHE A 270 -9.70 19.76 -43.44
N ARG A 271 -9.44 19.11 -44.58
CA ARG A 271 -10.05 19.52 -45.83
C ARG A 271 -10.61 18.29 -46.51
N ASN A 272 -11.88 18.35 -46.86
CA ASN A 272 -12.67 17.21 -47.30
C ASN A 272 -12.76 17.24 -48.83
N GLU A 273 -11.66 16.90 -49.46
CA GLU A 273 -11.57 17.05 -50.91
C GLU A 273 -10.73 15.93 -51.51
N GLY A 274 -9.91 16.21 -52.52
CA GLY A 274 -9.18 15.15 -53.22
C GLY A 274 -7.83 14.81 -52.59
N ILE A 275 -7.46 13.53 -52.70
CA ILE A 275 -6.20 13.01 -52.19
C ILE A 275 -5.27 12.70 -53.34
N ASP A 276 -4.04 13.21 -53.28
CA ASP A 276 -3.06 12.88 -54.31
C ASP A 276 -1.66 13.12 -53.74
N LEU A 277 -0.66 13.22 -54.63
CA LEU A 277 0.74 13.29 -54.23
C LEU A 277 1.03 14.47 -53.32
N THR A 278 0.25 15.55 -53.41
CA THR A 278 0.51 16.71 -52.56
C THR A 278 -0.65 17.06 -51.64
N HIS A 279 -1.59 16.15 -51.41
CA HIS A 279 -2.79 16.46 -50.65
C HIS A 279 -3.16 15.26 -49.79
N ASN A 280 -3.26 15.48 -48.48
CA ASN A 280 -3.75 14.51 -47.49
C ASN A 280 -4.89 15.17 -46.72
N PRO A 281 -5.96 14.44 -46.39
CA PRO A 281 -7.16 15.12 -45.82
C PRO A 281 -6.88 15.90 -44.56
N GLU A 282 -5.90 15.48 -43.78
CA GLU A 282 -5.40 16.32 -42.71
C GLU A 282 -3.96 16.65 -43.01
N PHE A 283 -3.60 17.89 -42.77
CA PHE A 283 -2.21 18.28 -43.01
C PHE A 283 -1.87 19.33 -41.98
N THR A 284 -0.57 19.49 -41.74
CA THR A 284 -0.05 20.39 -40.73
C THR A 284 0.29 21.73 -41.36
N ALA A 285 -0.29 22.80 -40.84
CA ALA A 285 -0.06 24.13 -41.35
C ALA A 285 0.41 25.02 -40.20
N MET A 286 1.17 26.03 -40.56
CA MET A 286 1.51 27.10 -39.67
C MET A 286 0.82 28.35 -40.19
N GLU A 287 0.18 29.09 -39.29
CA GLU A 287 -0.30 30.43 -39.62
C GLU A 287 0.28 31.40 -38.61
N PHE A 288 0.73 32.56 -39.08
CA PHE A 288 1.00 33.64 -38.13
C PHE A 288 0.38 34.95 -38.61
N TYR A 289 0.08 35.81 -37.62
CA TYR A 289 -0.45 37.16 -37.81
C TYR A 289 0.44 38.14 -37.05
N MET A 290 0.86 39.19 -37.75
CA MET A 290 1.79 40.18 -37.25
C MET A 290 1.16 41.57 -37.39
N ALA A 291 0.74 42.16 -36.28
CA ALA A 291 0.26 43.54 -36.30
C ALA A 291 1.33 44.42 -36.94
N TYR A 292 0.87 45.38 -37.74
CA TYR A 292 1.66 46.45 -38.38
C TYR A 292 2.59 45.97 -39.49
N ALA A 293 2.57 44.69 -39.84
CA ALA A 293 3.20 44.24 -41.08
C ALA A 293 2.24 44.42 -42.25
N ASP A 294 2.80 44.61 -43.46
CA ASP A 294 2.08 44.37 -44.72
C ASP A 294 2.75 43.24 -45.50
N TYR A 295 2.22 42.93 -46.68
CA TYR A 295 2.71 41.73 -47.37
C TYR A 295 4.11 41.90 -47.91
N TYR A 296 4.55 43.13 -48.13
CA TYR A 296 5.96 43.36 -48.43
C TYR A 296 6.83 42.87 -47.30
N ASP A 297 6.48 43.21 -46.05
CA ASP A 297 7.22 42.67 -44.91
C ASP A 297 7.17 41.15 -44.89
N LEU A 298 6.02 40.57 -45.24
CA LEU A 298 5.85 39.14 -45.16
C LEU A 298 6.70 38.43 -46.20
N MET A 299 6.79 39.00 -47.41
CA MET A 299 7.68 38.43 -48.42
C MET A 299 9.11 38.41 -47.91
N ASP A 300 9.57 39.51 -47.32
CA ASP A 300 10.93 39.54 -46.79
C ASP A 300 11.12 38.49 -45.70
N LEU A 301 10.13 38.33 -44.83
CA LEU A 301 10.29 37.36 -43.75
C LEU A 301 10.29 35.95 -44.32
N THR A 302 9.35 35.65 -45.20
CA THR A 302 9.37 34.34 -45.85
C THR A 302 10.77 34.01 -46.36
N GLU A 303 11.40 34.94 -47.08
CA GLU A 303 12.71 34.69 -47.67
C GLU A 303 13.77 34.39 -46.62
N GLU A 304 13.80 35.18 -45.54
CA GLU A 304 14.76 34.94 -44.47
C GLU A 304 14.50 33.61 -43.75
N LEU A 305 13.24 33.35 -43.39
CA LEU A 305 12.92 32.09 -42.72
C LEU A 305 13.26 30.89 -43.58
N ILE A 306 12.72 30.84 -44.80
CA ILE A 306 12.87 29.62 -45.61
C ILE A 306 14.31 29.43 -46.03
N SER A 307 14.99 30.49 -46.48
CA SER A 307 16.38 30.33 -46.88
C SER A 307 17.26 29.93 -45.69
N GLY A 308 17.03 30.51 -44.52
CA GLY A 308 17.82 30.10 -43.36
C GLY A 308 17.61 28.65 -42.97
N LEU A 309 16.37 28.20 -43.00
CA LEU A 309 16.08 26.80 -42.74
C LEU A 309 16.78 25.91 -43.76
N VAL A 310 16.73 26.28 -45.04
CA VAL A 310 17.37 25.50 -46.09
C VAL A 310 18.88 25.43 -45.86
N LEU A 311 19.51 26.58 -45.61
CA LEU A 311 20.92 26.57 -45.25
C LEU A 311 21.19 25.66 -44.03
N GLU A 312 20.31 25.71 -43.03
CA GLU A 312 20.50 24.91 -41.82
C GLU A 312 20.54 23.42 -42.14
N ILE A 313 19.59 22.96 -42.95
CA ILE A 313 19.52 21.55 -43.28
C ILE A 313 20.62 21.17 -44.27
N HIS A 314 20.86 22.01 -45.28
CA HIS A 314 21.64 21.54 -46.42
C HIS A 314 23.04 22.13 -46.52
N GLY A 315 23.37 23.16 -45.76
CA GLY A 315 24.68 23.78 -45.87
C GLY A 315 24.84 24.75 -47.01
N SER A 316 23.86 24.87 -47.89
CA SER A 316 23.86 25.92 -48.90
C SER A 316 22.41 26.19 -49.30
N LEU A 317 22.23 27.08 -50.27
CA LEU A 317 20.90 27.44 -50.73
C LEU A 317 20.51 26.70 -52.00
N LYS A 318 21.34 25.78 -52.50
CA LYS A 318 21.06 25.09 -53.74
C LYS A 318 20.97 23.60 -53.42
N ILE A 319 19.78 23.04 -53.55
CA ILE A 319 19.50 21.72 -53.01
C ILE A 319 18.91 20.82 -54.09
N PRO A 320 19.13 19.52 -54.03
CA PRO A 320 18.68 18.63 -55.11
C PRO A 320 17.21 18.29 -54.95
N TYR A 321 16.59 17.93 -56.06
CA TYR A 321 15.26 17.37 -56.00
C TYR A 321 15.13 16.36 -57.14
N HIS A 322 14.52 15.20 -56.87
CA HIS A 322 14.32 14.18 -57.88
C HIS A 322 12.83 14.01 -58.09
N PRO A 323 12.22 14.79 -58.99
CA PRO A 323 10.76 14.70 -59.15
C PRO A 323 10.29 13.34 -59.66
N ASP A 324 11.21 12.45 -60.08
CA ASP A 324 10.85 11.13 -60.58
C ASP A 324 11.59 9.99 -59.88
N GLY A 325 12.18 10.23 -58.70
CA GLY A 325 12.82 9.17 -57.98
C GLY A 325 14.33 9.29 -57.95
N PRO A 326 14.97 8.55 -57.03
CA PRO A 326 16.39 8.81 -56.72
C PRO A 326 17.39 8.40 -57.80
N GLU A 327 17.02 7.51 -58.73
CA GLU A 327 17.87 7.15 -59.86
C GLU A 327 17.53 7.91 -61.14
N GLY A 328 16.41 8.65 -61.14
CA GLY A 328 16.02 9.48 -62.26
C GLY A 328 16.69 10.84 -62.20
N LYS A 329 16.11 11.80 -62.90
CA LYS A 329 16.78 13.08 -63.10
C LYS A 329 16.80 13.86 -61.80
N CYS A 330 17.88 14.62 -61.62
CA CYS A 330 18.06 15.45 -60.44
C CYS A 330 18.15 16.89 -60.86
N ILE A 331 17.25 17.71 -60.32
CA ILE A 331 17.26 19.14 -60.61
C ILE A 331 17.77 19.85 -59.37
N GLU A 332 18.20 21.09 -59.55
CA GLU A 332 18.66 21.91 -58.45
C GLU A 332 17.67 23.02 -58.18
N ILE A 333 17.23 23.13 -56.93
CA ILE A 333 16.33 24.18 -56.51
C ILE A 333 17.18 25.28 -55.88
N ASP A 334 17.08 26.50 -56.41
CA ASP A 334 17.93 27.61 -56.01
C ASP A 334 17.16 28.53 -55.07
N PHE A 335 17.54 28.56 -53.80
CA PHE A 335 16.85 29.37 -52.80
C PHE A 335 17.50 30.73 -52.56
N THR A 336 18.53 31.11 -53.31
CA THR A 336 19.15 32.43 -53.20
C THR A 336 18.12 33.56 -53.26
N THR A 337 18.18 34.48 -52.30
CA THR A 337 17.22 35.61 -52.25
C THR A 337 17.76 36.87 -52.95
N PRO A 338 16.87 37.74 -53.45
CA PRO A 338 15.42 37.68 -53.47
C PRO A 338 14.91 36.83 -54.59
N TRP A 339 13.71 36.32 -54.35
CA TRP A 339 13.09 35.38 -55.24
C TRP A 339 12.28 36.12 -56.31
N LYS A 340 12.11 35.48 -57.46
CA LYS A 340 11.31 36.04 -58.54
C LYS A 340 9.92 36.40 -58.05
N ARG A 341 9.37 37.49 -58.59
CA ARG A 341 7.96 37.84 -58.41
C ARG A 341 7.24 37.76 -59.75
N PHE A 342 6.11 37.06 -59.76
CA PHE A 342 5.23 37.05 -60.94
C PHE A 342 3.93 37.73 -60.57
N SER A 343 3.53 38.74 -61.34
CA SER A 343 2.24 39.39 -61.11
CA SER A 343 2.25 39.40 -61.12
C SER A 343 1.12 38.57 -61.73
N PHE A 344 0.14 38.22 -60.90
CA PHE A 344 -0.91 37.29 -61.26
C PHE A 344 -1.53 37.60 -62.62
N VAL A 345 -2.15 38.77 -62.77
CA VAL A 345 -2.93 39.01 -63.98
C VAL A 345 -2.02 39.21 -65.19
N GLU A 346 -0.92 39.95 -65.01
CA GLU A 346 0.01 40.20 -66.11
C GLU A 346 0.60 38.91 -66.68
N GLU A 347 0.93 37.93 -65.81
CA GLU A 347 1.61 36.74 -66.32
C GLU A 347 0.62 35.86 -67.08
N ILE A 348 -0.62 35.77 -66.60
CA ILE A 348 -1.68 35.15 -67.40
C ILE A 348 -1.77 35.80 -68.76
N GLU A 349 -1.83 37.13 -68.78
CA GLU A 349 -2.02 37.84 -70.03
C GLU A 349 -0.82 37.71 -70.96
N SER A 350 0.39 37.61 -70.42
CA SER A 350 1.53 37.36 -71.28
CA SER A 350 1.55 37.34 -71.26
C SER A 350 1.47 35.96 -71.89
N GLY A 351 0.94 34.98 -71.15
CA GLY A 351 0.80 33.64 -71.70
C GLY A 351 -0.36 33.49 -72.65
N LEU A 352 -1.38 34.32 -72.50
CA LEU A 352 -2.46 34.35 -73.48
C LEU A 352 -2.07 35.13 -74.74
N GLY A 353 -1.32 36.21 -74.59
CA GLY A 353 -1.14 37.13 -75.69
C GLY A 353 -2.21 38.20 -75.80
N GLU A 354 -3.11 38.28 -74.83
CA GLU A 354 -4.13 39.33 -74.84
C GLU A 354 -4.54 39.60 -73.40
N LYS A 355 -5.26 40.70 -73.20
CA LYS A 355 -5.63 41.11 -71.86
C LYS A 355 -6.97 40.51 -71.42
N LEU A 356 -7.10 40.34 -70.11
CA LEU A 356 -8.39 40.02 -69.55
C LEU A 356 -9.33 41.24 -69.63
N LYS A 357 -10.63 40.96 -69.59
CA LYS A 357 -11.63 42.01 -69.58
C LYS A 357 -11.83 42.54 -68.17
N ARG A 358 -12.16 43.83 -68.08
CA ARG A 358 -12.41 44.48 -66.79
C ARG A 358 -13.82 45.03 -66.67
N PRO A 359 -14.45 44.84 -65.51
CA PRO A 359 -13.94 44.18 -64.30
C PRO A 359 -13.65 42.67 -64.47
N LEU A 360 -12.70 42.18 -63.67
CA LEU A 360 -12.31 40.79 -63.84
C LEU A 360 -13.46 39.85 -63.51
N ASP A 361 -14.33 40.26 -62.60
CA ASP A 361 -15.45 39.42 -62.20
C ASP A 361 -16.70 39.66 -63.02
N SER A 362 -16.60 40.38 -64.13
CA SER A 362 -17.78 40.64 -64.95
C SER A 362 -18.12 39.43 -65.82
N GLN A 363 -19.36 39.39 -66.30
CA GLN A 363 -19.77 38.29 -67.16
C GLN A 363 -18.96 38.28 -68.44
N GLU A 364 -18.68 39.47 -69.00
CA GLU A 364 -17.80 39.54 -70.16
C GLU A 364 -16.50 38.83 -69.92
N ASN A 365 -15.91 38.98 -68.73
CA ASN A 365 -14.63 38.32 -68.48
C ASN A 365 -14.77 36.84 -68.12
N ILE A 366 -15.81 36.46 -67.36
CA ILE A 366 -16.10 35.05 -67.17
C ILE A 366 -16.22 34.35 -68.52
N ASP A 367 -17.05 34.89 -69.43
CA ASP A 367 -17.20 34.30 -70.76
C ASP A 367 -15.87 34.26 -71.50
N PHE A 368 -15.14 35.38 -71.49
CA PHE A 368 -13.82 35.41 -72.10
C PHE A 368 -12.92 34.31 -71.54
N MET A 369 -12.92 34.16 -70.23
CA MET A 369 -11.98 33.21 -69.64
C MET A 369 -12.35 31.77 -69.99
N VAL A 370 -13.64 31.51 -70.21
CA VAL A 370 -14.09 30.21 -70.69
C VAL A 370 -13.54 29.96 -72.09
N GLU A 371 -13.59 30.99 -72.95
CA GLU A 371 -13.02 30.85 -74.27
C GLU A 371 -11.53 30.60 -74.22
N MET A 372 -10.84 31.15 -73.22
CA MET A 372 -9.40 30.97 -73.11
C MET A 372 -9.03 29.57 -72.62
N CYS A 373 -9.74 29.06 -71.62
CA CYS A 373 -9.46 27.69 -71.18
C CYS A 373 -9.70 26.68 -72.31
N GLU A 374 -10.75 26.88 -73.10
CA GLU A 374 -11.02 25.96 -74.21
C GLU A 374 -9.95 26.08 -75.28
N LYS A 375 -9.56 27.30 -75.63
CA LYS A 375 -8.52 27.51 -76.63
C LYS A 375 -7.20 26.85 -76.22
N HIS A 376 -6.79 27.00 -74.96
CA HIS A 376 -5.52 26.44 -74.54
C HIS A 376 -5.65 25.07 -73.89
N GLU A 377 -6.81 24.44 -74.05
CA GLU A 377 -7.07 23.10 -73.54
C GLU A 377 -6.79 23.00 -72.04
N ILE A 378 -7.39 23.93 -71.30
CA ILE A 378 -7.32 23.93 -69.84
C ILE A 378 -8.64 23.37 -69.32
N GLU A 379 -8.56 22.32 -68.50
CA GLU A 379 -9.76 21.70 -67.95
C GLU A 379 -10.62 22.75 -67.27
N LEU A 380 -11.90 22.84 -67.67
CA LEU A 380 -12.75 23.91 -67.18
C LEU A 380 -13.19 23.62 -65.75
N PRO A 381 -13.20 24.63 -64.89
CA PRO A 381 -13.66 24.43 -63.51
C PRO A 381 -15.17 24.34 -63.46
N HIS A 382 -15.66 23.88 -62.33
CA HIS A 382 -17.08 23.90 -62.03
C HIS A 382 -17.27 24.27 -60.57
N PRO A 383 -18.05 25.33 -60.28
CA PRO A 383 -18.73 26.20 -61.24
C PRO A 383 -17.77 27.13 -61.95
N ARG A 384 -18.21 27.76 -63.04
CA ARG A 384 -17.42 28.73 -63.80
C ARG A 384 -17.50 30.13 -63.18
N THR A 385 -17.07 30.24 -61.92
CA THR A 385 -16.92 31.55 -61.29
C THR A 385 -15.68 32.24 -61.86
N ALA A 386 -15.62 33.56 -61.73
CA ALA A 386 -14.43 34.28 -62.18
C ALA A 386 -13.18 33.81 -61.44
N ALA A 387 -13.31 33.56 -60.14
CA ALA A 387 -12.15 33.17 -59.36
C ALA A 387 -11.63 31.81 -59.81
N LYS A 388 -12.53 30.85 -60.02
CA LYS A 388 -12.05 29.52 -60.34
C LYS A 388 -11.49 29.47 -61.74
N LEU A 389 -12.06 30.28 -62.67
CA LEU A 389 -11.48 30.43 -63.99
C LEU A 389 -10.10 31.07 -63.93
N LEU A 390 -9.92 32.07 -63.08
CA LEU A 390 -8.63 32.74 -62.98
C LEU A 390 -7.59 31.83 -62.34
N ASP A 391 -7.99 31.09 -61.30
CA ASP A 391 -7.15 30.07 -60.72
C ASP A 391 -6.68 29.08 -61.79
N LYS A 392 -7.58 28.67 -62.68
CA LYS A 392 -7.22 27.68 -63.68
C LYS A 392 -6.19 28.24 -64.65
N LEU A 393 -6.35 29.50 -65.06
CA LEU A 393 -5.36 30.12 -65.94
C LEU A 393 -4.02 30.23 -65.24
N ALA A 394 -4.03 30.68 -63.97
CA ALA A 394 -2.78 30.86 -63.24
C ALA A 394 -2.03 29.56 -63.12
N GLY A 395 -2.76 28.49 -62.78
CA GLY A 395 -2.14 27.17 -62.69
C GLY A 395 -1.58 26.72 -64.03
N HIS A 396 -2.13 27.23 -65.13
CA HIS A 396 -1.60 26.81 -66.43
C HIS A 396 -0.43 27.69 -66.88
N PHE A 397 -0.53 29.00 -66.71
CA PHE A 397 0.41 29.93 -67.32
C PHE A 397 1.46 30.47 -66.37
N VAL A 398 1.19 30.39 -65.07
CA VAL A 398 2.01 31.08 -64.07
C VAL A 398 2.66 30.08 -63.12
N GLU A 399 1.86 29.22 -62.46
CA GLU A 399 2.46 28.27 -61.50
C GLU A 399 3.49 27.38 -62.16
N THR A 400 3.29 27.09 -63.45
CA THR A 400 4.17 26.23 -64.23
C THR A 400 5.55 26.83 -64.41
N LYS A 401 5.70 28.14 -64.17
CA LYS A 401 6.99 28.82 -64.21
C LYS A 401 7.71 28.83 -62.87
N CYS A 402 7.08 28.33 -61.80
CA CYS A 402 7.69 28.45 -60.48
C CYS A 402 8.47 27.18 -60.15
N THR A 403 9.67 27.10 -60.68
CA THR A 403 10.53 25.96 -60.34
C THR A 403 11.28 26.28 -59.05
N ASN A 404 12.23 27.22 -59.12
CA ASN A 404 12.78 27.85 -57.93
C ASN A 404 11.68 28.54 -57.14
N PRO A 405 11.87 28.76 -55.83
CA PRO A 405 10.85 29.48 -55.05
C PRO A 405 10.52 30.80 -55.69
N SER A 406 9.22 31.06 -55.84
CA SER A 406 8.77 32.24 -56.57
C SER A 406 7.46 32.71 -55.97
N PHE A 407 7.33 34.03 -55.86
CA PHE A 407 6.10 34.65 -55.40
C PHE A 407 5.21 34.97 -56.60
N ILE A 408 4.01 34.40 -56.65
CA ILE A 408 2.92 34.96 -57.46
C ILE A 408 2.18 35.98 -56.59
N ILE A 409 2.03 37.21 -57.09
CA ILE A 409 1.55 38.28 -56.25
C ILE A 409 0.38 38.98 -56.89
N ASP A 410 -0.34 39.70 -56.03
CA ASP A 410 -1.31 40.72 -56.39
C ASP A 410 -2.57 40.10 -56.97
N HIS A 411 -3.04 39.05 -56.31
CA HIS A 411 -4.20 38.30 -56.78
C HIS A 411 -5.42 39.20 -56.86
N PRO A 412 -6.27 39.01 -57.87
CA PRO A 412 -7.59 39.65 -57.88
C PRO A 412 -8.40 39.43 -56.60
N GLN A 413 -9.06 40.51 -56.16
CA GLN A 413 -9.97 40.48 -55.02
C GLN A 413 -11.03 39.42 -55.15
N THR A 414 -11.53 39.19 -56.36
CA THR A 414 -12.58 38.20 -56.53
C THR A 414 -12.16 36.81 -56.07
N MET A 415 -10.85 36.52 -55.99
CA MET A 415 -10.39 35.22 -55.51
C MET A 415 -9.73 35.31 -54.14
N SER A 416 -9.87 36.46 -53.48
CA SER A 416 -9.08 36.82 -52.30
C SER A 416 -9.99 37.56 -51.32
N PRO A 417 -11.06 36.91 -50.85
CA PRO A 417 -12.08 37.61 -50.06
C PRO A 417 -11.59 38.20 -48.75
N LEU A 418 -10.49 37.69 -48.18
CA LEU A 418 -9.96 38.17 -46.91
C LEU A 418 -8.71 39.03 -47.05
N ALA A 419 -8.24 39.27 -48.29
CA ALA A 419 -7.07 40.11 -48.52
C ALA A 419 -7.48 41.58 -48.75
N LYS A 420 -6.70 42.50 -48.16
CA LYS A 420 -6.93 43.93 -48.34
C LYS A 420 -6.69 44.35 -49.79
N TRP A 421 -7.53 45.27 -50.27
CA TRP A 421 -7.37 45.81 -51.62
C TRP A 421 -5.96 46.36 -51.84
N HIS A 422 -5.46 46.19 -53.07
CA HIS A 422 -4.09 46.63 -53.37
C HIS A 422 -4.00 48.16 -53.36
N ARG A 423 -2.98 48.70 -52.71
CA ARG A 423 -2.87 50.15 -52.56
C ARG A 423 -2.55 50.86 -53.86
N GLU A 424 -2.12 50.16 -54.91
CA GLU A 424 -1.90 50.79 -56.20
C GLU A 424 -2.65 50.15 -57.38
N LYS A 425 -3.09 48.91 -57.29
CA LYS A 425 -3.64 48.22 -58.48
C LYS A 425 -5.11 47.94 -58.29
N PRO A 426 -6.01 48.63 -58.98
CA PRO A 426 -7.43 48.34 -58.76
C PRO A 426 -7.77 46.91 -59.16
N GLU A 427 -8.65 46.32 -58.37
CA GLU A 427 -9.25 45.01 -58.52
C GLU A 427 -8.36 43.93 -57.92
N MET A 428 -7.10 44.24 -57.63
CA MET A 428 -6.14 43.32 -57.05
C MET A 428 -6.08 43.51 -55.54
N THR A 429 -5.34 42.63 -54.90
CA THR A 429 -5.15 42.66 -53.46
C THR A 429 -3.67 42.54 -53.15
N GLU A 430 -3.33 42.81 -51.88
CA GLU A 430 -1.95 42.72 -51.41
C GLU A 430 -1.70 41.32 -50.87
N ARG A 431 -1.57 40.38 -51.80
CA ARG A 431 -1.48 38.96 -51.50
C ARG A 431 -0.31 38.38 -52.27
N PHE A 432 0.21 37.26 -51.77
CA PHE A 432 1.16 36.45 -52.50
C PHE A 432 1.01 35.01 -52.11
N GLU A 433 1.37 34.15 -53.05
CA GLU A 433 1.54 32.74 -52.82
C GLU A 433 2.97 32.37 -53.17
N LEU A 434 3.58 31.50 -52.39
CA LEU A 434 4.91 31.00 -52.69
C LEU A 434 4.76 29.63 -53.32
N PHE A 435 5.35 29.49 -54.49
CA PHE A 435 5.41 28.21 -55.17
C PHE A 435 6.86 27.75 -55.29
N VAL A 436 7.05 26.45 -55.17
CA VAL A 436 8.33 25.78 -55.41
C VAL A 436 8.03 24.56 -56.26
N LEU A 437 8.74 24.41 -57.39
CA LEU A 437 8.45 23.32 -58.32
C LEU A 437 6.96 23.26 -58.63
N GLY A 438 6.37 24.43 -58.85
CA GLY A 438 4.95 24.49 -59.16
C GLY A 438 3.99 24.01 -58.09
N LYS A 439 4.42 23.85 -56.83
CA LYS A 439 3.52 23.46 -55.74
C LYS A 439 3.44 24.59 -54.71
N GLU A 440 2.25 24.78 -54.14
CA GLU A 440 2.01 25.91 -53.25
C GLU A 440 2.56 25.60 -51.87
N LEU A 441 3.44 26.48 -51.38
CA LEU A 441 4.06 26.40 -50.06
C LEU A 441 3.55 27.42 -49.07
N CYS A 442 3.24 28.63 -49.52
CA CYS A 442 2.80 29.73 -48.64
C CYS A 442 1.67 30.51 -49.30
N ASN A 443 0.86 31.14 -48.45
CA ASN A 443 -0.25 31.99 -48.90
C ASN A 443 -0.38 33.07 -47.83
N ALA A 444 -0.33 34.34 -48.23
CA ALA A 444 -0.20 35.44 -47.27
C ALA A 444 -0.78 36.70 -47.86
N TYR A 445 -1.13 37.64 -46.98
CA TYR A 445 -1.60 38.91 -47.50
C TYR A 445 -1.63 39.97 -46.39
N THR A 446 -1.55 41.23 -46.80
CA THR A 446 -2.09 42.31 -45.99
C THR A 446 -3.56 42.00 -45.71
N GLU A 447 -3.93 41.93 -44.43
CA GLU A 447 -5.25 41.44 -44.07
C GLU A 447 -6.32 42.51 -44.26
N LEU A 448 -7.44 42.11 -44.83
CA LEU A 448 -8.56 43.04 -44.92
C LEU A 448 -9.07 43.39 -43.52
N ASN A 449 -9.15 44.69 -43.21
CA ASN A 449 -9.60 45.11 -41.88
C ASN A 449 -10.73 46.12 -41.97
N GLU A 450 -11.41 46.20 -43.12
CA GLU A 450 -12.49 47.14 -43.31
C GLU A 450 -13.81 46.36 -43.34
N PRO A 451 -14.70 46.52 -42.36
CA PRO A 451 -15.78 45.54 -42.20
C PRO A 451 -16.84 45.60 -43.29
N LEU A 452 -17.06 46.76 -43.91
CA LEU A 452 -18.05 46.89 -44.96
C LEU A 452 -17.71 46.01 -46.15
N GLN A 453 -16.53 46.22 -46.74
CA GLN A 453 -16.07 45.37 -47.84
C GLN A 453 -15.98 43.90 -47.43
N GLN A 454 -15.55 43.62 -46.19
CA GLN A 454 -15.40 42.21 -45.80
C GLN A 454 -16.72 41.49 -45.85
N ARG A 455 -17.78 42.16 -45.38
CA ARG A 455 -19.14 41.62 -45.47
C ARG A 455 -19.54 41.40 -46.92
N LYS A 456 -19.17 42.33 -47.81
CA LYS A 456 -19.60 42.24 -49.21
C LYS A 456 -18.94 41.06 -49.91
N PHE A 457 -17.64 40.87 -49.70
CA PHE A 457 -16.97 39.70 -50.27
C PHE A 457 -17.44 38.41 -49.61
N PHE A 458 -17.90 38.46 -48.35
CA PHE A 458 -18.49 37.28 -47.74
C PHE A 458 -19.77 36.88 -48.47
N GLU A 459 -20.65 37.86 -48.71
CA GLU A 459 -21.87 37.61 -49.44
C GLU A 459 -21.58 37.06 -50.83
N GLN A 460 -20.52 37.55 -51.48
CA GLN A 460 -20.19 37.00 -52.81
C GLN A 460 -19.72 35.55 -52.70
N GLN A 461 -19.02 35.20 -51.61
CA GLN A 461 -18.63 33.81 -51.40
CA GLN A 461 -18.63 33.80 -51.39
C GLN A 461 -19.85 32.92 -51.22
N ALA A 462 -20.82 33.35 -50.42
CA ALA A 462 -22.06 32.60 -50.29
C ALA A 462 -22.77 32.47 -51.64
N ASP A 463 -22.63 33.47 -52.52
CA ASP A 463 -23.22 33.33 -53.85
C ASP A 463 -22.53 32.24 -54.66
N ALA A 464 -21.20 32.16 -54.60
CA ALA A 464 -20.48 31.08 -55.27
C ALA A 464 -20.79 29.72 -54.64
N LYS A 465 -20.79 29.64 -53.29
CA LYS A 465 -21.16 28.40 -52.62
C LYS A 465 -22.57 27.95 -53.03
N ALA A 466 -23.42 28.89 -53.41
CA ALA A 466 -24.77 28.55 -53.82
C ALA A 466 -24.82 27.99 -55.25
N SER A 467 -23.93 28.44 -56.14
CA SER A 467 -23.86 27.93 -57.50
C SER A 467 -23.11 26.59 -57.61
N GLY A 468 -22.64 26.04 -56.49
CA GLY A 468 -22.01 24.73 -56.47
C GLY A 468 -20.53 24.76 -56.12
N ASP A 469 -20.00 25.91 -55.71
CA ASP A 469 -18.60 26.03 -55.33
C ASP A 469 -18.46 25.45 -53.93
N VAL A 470 -17.99 24.20 -53.86
CA VAL A 470 -17.78 23.56 -52.55
C VAL A 470 -16.63 24.18 -51.77
N GLU A 471 -15.82 25.04 -52.40
CA GLU A 471 -14.72 25.72 -51.72
C GLU A 471 -15.13 27.03 -51.07
N ALA A 472 -16.21 27.66 -51.54
CA ALA A 472 -16.70 28.92 -50.99
C ALA A 472 -17.32 28.70 -49.61
N CYS A 473 -17.08 29.67 -48.69
CA CYS A 473 -17.45 29.58 -47.30
C CYS A 473 -18.67 30.46 -47.03
N PRO A 474 -19.50 30.11 -46.04
CA PRO A 474 -20.63 30.97 -45.67
C PRO A 474 -20.17 32.15 -44.84
N ILE A 475 -21.05 33.17 -44.75
CA ILE A 475 -20.75 34.37 -43.96
C ILE A 475 -20.55 34.00 -42.48
N ASP A 476 -19.53 34.57 -41.86
CA ASP A 476 -19.29 34.36 -40.44
C ASP A 476 -19.56 35.66 -39.68
N GLU A 477 -20.74 35.76 -39.10
CA GLU A 477 -21.09 36.96 -38.34
C GLU A 477 -20.21 37.18 -37.11
N THR A 478 -19.70 36.11 -36.46
CA THR A 478 -18.82 36.37 -35.32
C THR A 478 -17.57 37.11 -35.74
N PHE A 479 -17.10 36.89 -36.98
CA PHE A 479 -15.84 37.48 -37.41
C PHE A 479 -16.04 38.93 -37.86
N CYS A 480 -17.10 39.21 -38.63
CA CYS A 480 -17.46 40.58 -38.96
C CYS A 480 -17.57 41.46 -37.73
N LEU A 481 -18.24 40.95 -36.70
CA LEU A 481 -18.36 41.73 -35.46
C LEU A 481 -17.00 41.97 -34.82
N ALA A 482 -16.09 40.99 -34.91
CA ALA A 482 -14.72 41.20 -34.44
C ALA A 482 -14.06 42.35 -35.20
N LEU A 483 -14.15 42.32 -36.54
CA LEU A 483 -13.55 43.40 -37.30
C LEU A 483 -14.17 44.75 -36.95
N GLU A 484 -15.43 44.76 -36.53
CA GLU A 484 -16.03 46.05 -36.14
C GLU A 484 -15.45 46.58 -34.84
N HIS A 485 -14.67 45.79 -34.12
CA HIS A 485 -13.99 46.32 -32.94
C HIS A 485 -12.60 46.84 -33.26
N GLY A 486 -12.18 46.76 -34.52
CA GLY A 486 -10.91 47.35 -34.90
C GLY A 486 -9.77 46.35 -35.01
N LEU A 487 -9.59 45.76 -36.18
CA LEU A 487 -8.39 44.99 -36.42
C LEU A 487 -7.28 45.95 -36.86
N PRO A 488 -6.19 46.07 -36.11
CA PRO A 488 -5.07 46.93 -36.55
C PRO A 488 -4.57 46.48 -37.91
N PRO A 489 -3.94 47.37 -38.69
CA PRO A 489 -3.21 46.91 -39.87
C PRO A 489 -2.33 45.73 -39.47
N THR A 490 -2.37 44.67 -40.27
CA THR A 490 -1.83 43.36 -39.91
C THR A 490 -1.42 42.65 -41.19
N GLY A 491 -0.41 41.79 -41.09
CA GLY A 491 -0.08 40.86 -42.17
C GLY A 491 -0.16 39.43 -41.65
N GLY A 492 -0.76 38.54 -42.46
CA GLY A 492 -0.94 37.15 -42.06
C GLY A 492 -0.45 36.22 -43.16
N TRP A 493 -0.22 34.98 -42.77
CA TRP A 493 0.67 34.11 -43.54
C TRP A 493 0.42 32.65 -43.16
N GLY A 494 0.42 31.77 -44.14
CA GLY A 494 0.24 30.36 -43.88
C GLY A 494 1.25 29.56 -44.67
N LEU A 495 1.70 28.46 -44.06
CA LEU A 495 2.74 27.61 -44.61
C LEU A 495 2.29 26.16 -44.58
N GLY A 496 2.46 25.45 -45.69
CA GLY A 496 2.15 24.05 -45.72
C GLY A 496 3.38 23.26 -45.28
N ILE A 497 3.37 22.74 -44.05
CA ILE A 497 4.60 22.22 -43.51
C ILE A 497 4.93 20.89 -44.16
N ASP A 498 3.94 20.02 -44.37
CA ASP A 498 4.21 18.75 -45.06
C ASP A 498 4.92 18.97 -46.39
N ARG A 499 4.45 19.96 -47.17
CA ARG A 499 5.07 20.20 -48.48
C ARG A 499 6.45 20.82 -48.35
N LEU A 500 6.68 21.63 -47.33
CA LEU A 500 8.04 22.12 -47.09
C LEU A 500 8.98 20.95 -46.79
N ILE A 501 8.50 19.96 -46.05
CA ILE A 501 9.35 18.81 -45.74
C ILE A 501 9.63 18.01 -47.00
N MET A 502 8.65 17.90 -47.88
CA MET A 502 8.86 17.23 -49.16
C MET A 502 10.07 17.79 -49.88
N PHE A 503 10.17 19.12 -49.95
CA PHE A 503 11.32 19.73 -50.62
C PHE A 503 12.61 19.55 -49.81
N LEU A 504 12.58 19.79 -48.50
CA LEU A 504 13.82 19.66 -47.71
C LEU A 504 14.34 18.21 -47.73
N ALA A 505 13.45 17.24 -47.69
CA ALA A 505 13.85 15.85 -47.64
C ALA A 505 13.89 15.18 -49.00
N ASP A 506 13.47 15.86 -50.07
CA ASP A 506 13.47 15.36 -51.46
C ASP A 506 12.57 14.13 -51.62
N LYS A 507 11.29 14.35 -51.35
CA LYS A 507 10.21 13.39 -51.52
C LYS A 507 9.20 13.96 -52.52
N ASN A 508 8.72 13.13 -53.46
CA ASN A 508 7.72 13.64 -54.39
C ASN A 508 6.31 13.16 -54.06
N ASN A 509 6.12 12.58 -52.87
CA ASN A 509 4.84 12.02 -52.44
C ASN A 509 4.61 12.43 -51.00
N ILE A 510 3.52 13.16 -50.72
CA ILE A 510 3.28 13.62 -49.35
C ILE A 510 3.17 12.44 -48.36
N LYS A 511 2.86 11.24 -48.82
CA LYS A 511 2.81 10.08 -47.93
C LYS A 511 4.18 9.78 -47.33
N GLU A 512 5.27 10.23 -47.97
CA GLU A 512 6.58 9.99 -47.38
C GLU A 512 6.86 10.81 -46.13
N VAL A 513 6.14 11.92 -45.88
CA VAL A 513 6.51 12.81 -44.78
C VAL A 513 5.43 12.91 -43.71
N ILE A 514 4.41 12.06 -43.80
CA ILE A 514 3.32 11.96 -42.85
C ILE A 514 3.37 10.52 -42.38
N LEU A 515 3.45 10.31 -41.06
CA LEU A 515 3.65 8.95 -40.54
C LEU A 515 2.53 8.02 -40.96
N PHE A 516 1.28 8.41 -40.74
CA PHE A 516 0.15 7.55 -41.09
C PHE A 516 -0.76 8.26 -42.09
N PRO A 517 -0.39 8.30 -43.36
CA PRO A 517 -1.20 9.02 -44.35
C PRO A 517 -2.49 8.27 -44.67
N ALA A 518 -3.48 9.02 -45.15
CA ALA A 518 -4.77 8.41 -45.43
C ALA A 518 -4.62 7.52 -46.65
N MET A 519 -5.05 6.26 -46.51
CA MET A 519 -4.96 5.21 -47.52
C MET A 519 -6.35 4.68 -47.83
N ARG A 520 -6.60 4.35 -49.10
CA ARG A 520 -7.85 3.74 -49.52
C ARG A 520 -8.09 2.38 -48.84
N ASN A 521 -9.24 1.75 -49.11
CA ASN A 521 -9.61 0.49 -48.46
C ASN A 521 -8.81 -0.72 -48.97
N SER B 21 -26.30 49.56 -32.37
CA SER B 21 -26.90 50.78 -31.83
C SER B 21 -26.64 51.95 -32.77
N HIS B 22 -27.04 53.16 -32.35
CA HIS B 22 -26.79 54.35 -33.15
C HIS B 22 -25.30 54.66 -33.23
N TYR B 23 -24.54 54.29 -32.20
CA TYR B 23 -23.10 54.52 -32.23
C TYR B 23 -22.44 53.85 -33.41
N THR B 24 -22.89 52.64 -33.74
CA THR B 24 -22.28 51.90 -34.85
C THR B 24 -22.67 52.50 -36.18
N ASP B 25 -23.95 52.82 -36.36
CA ASP B 25 -24.39 53.46 -37.60
C ASP B 25 -23.69 54.79 -37.81
N ASN B 26 -23.53 55.57 -36.73
CA ASN B 26 -22.85 56.84 -36.87
C ASN B 26 -21.39 56.64 -37.28
N ARG B 27 -20.74 55.61 -36.70
CA ARG B 27 -19.34 55.40 -37.05
C ARG B 27 -19.17 55.03 -38.51
N TYR B 28 -20.03 54.13 -39.01
CA TYR B 28 -20.02 53.84 -40.44
C TYR B 28 -20.24 55.09 -41.28
N LYS B 29 -21.17 55.97 -40.86
CA LYS B 29 -21.38 57.22 -41.59
C LYS B 29 -20.13 58.09 -41.54
N MET B 30 -19.45 58.13 -40.39
CA MET B 30 -18.23 58.90 -40.29
C MET B 30 -17.18 58.38 -41.25
N MET B 31 -16.98 57.06 -41.28
CA MET B 31 -15.96 56.51 -42.15
C MET B 31 -16.30 56.71 -43.62
N GLU B 32 -17.59 56.69 -43.97
CA GLU B 32 -17.98 57.02 -45.33
C GLU B 32 -17.63 58.46 -45.65
N CYS B 33 -17.96 59.39 -44.75
CA CYS B 33 -17.58 60.79 -44.97
CA CYS B 33 -17.58 60.79 -44.97
C CYS B 33 -16.07 60.95 -45.10
N ILE B 34 -15.30 60.13 -44.37
CA ILE B 34 -13.84 60.25 -44.41
C ILE B 34 -13.33 59.72 -45.75
N LYS B 35 -13.86 58.58 -46.21
CA LYS B 35 -13.46 58.04 -47.51
C LYS B 35 -13.76 59.03 -48.64
N ASP B 36 -14.95 59.65 -48.61
CA ASP B 36 -15.34 60.51 -49.72
C ASP B 36 -14.58 61.85 -49.70
N ALA B 37 -14.15 62.29 -48.53
CA ALA B 37 -13.40 63.53 -48.40
C ALA B 37 -11.93 63.36 -48.70
N GLY B 38 -11.50 62.20 -49.21
CA GLY B 38 -10.10 62.03 -49.54
C GLY B 38 -9.22 61.92 -48.34
N ARG B 39 -9.79 61.66 -47.20
CA ARG B 39 -9.02 61.64 -45.97
C ARG B 39 -8.59 60.21 -45.69
N PRO B 40 -7.57 60.03 -44.85
CA PRO B 40 -7.01 58.68 -44.66
C PRO B 40 -8.07 57.68 -44.22
N PHE B 41 -8.21 56.62 -45.00
CA PHE B 41 -9.24 55.59 -44.77
C PHE B 41 -8.54 54.23 -44.69
N TYR B 42 -8.42 53.67 -43.49
CA TYR B 42 -7.72 52.40 -43.26
C TYR B 42 -6.38 52.30 -43.98
N PRO B 43 -5.39 53.09 -43.59
CA PRO B 43 -4.09 53.05 -44.28
C PRO B 43 -3.47 51.66 -44.25
N HIS B 44 -2.84 51.28 -45.37
CA HIS B 44 -2.34 49.91 -45.48
C HIS B 44 -1.19 49.66 -44.51
N LYS B 45 -0.28 50.64 -44.35
CA LYS B 45 0.92 50.44 -43.55
C LYS B 45 1.20 51.68 -42.69
N PHE B 46 1.50 51.45 -41.40
CA PHE B 46 2.00 52.48 -40.50
C PHE B 46 3.35 51.99 -39.98
N LYS B 47 4.44 52.67 -40.33
CA LYS B 47 5.76 52.32 -39.82
C LYS B 47 5.95 52.95 -38.45
N ILE B 48 5.94 52.14 -37.39
CA ILE B 48 6.23 52.63 -36.04
C ILE B 48 7.74 52.79 -35.87
N SER B 49 8.14 53.82 -35.13
CA SER B 49 9.57 53.98 -34.87
C SER B 49 10.10 52.89 -33.94
N MET B 50 9.29 52.43 -33.01
CA MET B 50 9.66 51.39 -32.05
C MET B 50 8.40 50.95 -31.31
N SER B 51 8.51 49.84 -30.60
CA SER B 51 7.38 49.32 -29.87
C SER B 51 7.08 50.22 -28.67
N LEU B 52 5.90 50.06 -28.08
CA LEU B 52 5.66 50.90 -26.92
C LEU B 52 6.50 50.48 -25.72
N PRO B 53 6.72 49.18 -25.45
CA PRO B 53 7.73 48.84 -24.44
C PRO B 53 9.05 49.53 -24.70
N ALA B 54 9.57 49.38 -25.92
CA ALA B 54 10.86 49.97 -26.25
C ALA B 54 10.87 51.46 -26.00
N TYR B 55 9.79 52.14 -26.35
CA TYR B 55 9.72 53.57 -26.10
C TYR B 55 9.81 53.87 -24.62
N ALA B 56 9.17 53.03 -23.79
CA ALA B 56 9.26 53.22 -22.34
C ALA B 56 10.64 52.89 -21.81
N LEU B 57 11.31 51.88 -22.39
CA LEU B 57 12.64 51.47 -21.94
C LEU B 57 13.73 52.39 -22.40
N LYS B 58 13.44 53.26 -23.37
CA LYS B 58 14.41 54.25 -23.80
C LYS B 58 14.21 55.59 -23.10
N TYR B 59 12.95 55.98 -22.84
CA TYR B 59 12.65 57.29 -22.30
C TYR B 59 12.05 57.25 -20.89
N GLY B 60 12.12 56.11 -20.20
CA GLY B 60 11.44 55.97 -18.93
C GLY B 60 12.15 56.60 -17.74
N ASN B 61 13.43 56.95 -17.88
CA ASN B 61 14.18 57.53 -16.78
C ASN B 61 14.62 58.97 -17.06
N VAL B 62 13.87 59.71 -17.87
CA VAL B 62 14.23 61.08 -18.22
C VAL B 62 13.73 62.04 -17.14
N GLU B 63 14.31 63.24 -17.11
CA GLU B 63 13.88 64.27 -16.17
C GLU B 63 12.47 64.75 -16.49
N ASN B 64 11.73 65.10 -15.45
CA ASN B 64 10.36 65.56 -15.64
C ASN B 64 10.35 66.81 -16.52
N GLY B 65 9.42 66.84 -17.47
CA GLY B 65 9.34 67.94 -18.41
C GLY B 65 10.35 67.88 -19.55
N TYR B 66 11.27 66.91 -19.55
CA TYR B 66 12.22 66.76 -20.64
C TYR B 66 11.49 66.51 -21.96
N ILE B 67 11.88 67.23 -23.01
CA ILE B 67 11.45 66.90 -24.36
C ILE B 67 12.68 66.95 -25.25
N ASP B 68 12.54 66.36 -26.44
CA ASP B 68 13.59 66.39 -27.46
C ASP B 68 12.90 66.72 -28.80
N LYS B 69 12.97 68.00 -29.21
CA LYS B 69 12.39 68.36 -30.48
C LYS B 69 13.31 68.05 -31.65
N ASP B 70 14.50 67.52 -31.39
CA ASP B 70 15.37 67.04 -32.46
C ASP B 70 14.96 65.68 -32.99
N THR B 71 14.06 64.99 -32.31
CA THR B 71 13.72 63.60 -32.62
C THR B 71 12.22 63.50 -32.85
N THR B 72 11.84 62.94 -33.99
CA THR B 72 10.45 62.67 -34.27
C THR B 72 10.25 61.16 -34.37
N LEU B 73 9.25 60.66 -33.64
CA LEU B 73 8.97 59.24 -33.54
C LEU B 73 7.50 58.99 -33.85
N SER B 74 7.23 57.89 -34.54
CA SER B 74 5.87 57.42 -34.78
C SER B 74 5.60 56.23 -33.85
N LEU B 75 4.44 56.25 -33.21
CA LEU B 75 4.03 55.20 -32.30
C LEU B 75 2.59 54.85 -32.61
N SER B 76 2.16 53.67 -32.16
CA SER B 76 0.80 53.25 -32.47
C SER B 76 0.30 52.35 -31.34
N GLY B 77 -1.00 52.39 -31.10
CA GLY B 77 -1.64 51.37 -30.29
C GLY B 77 -3.13 51.59 -30.28
N ARG B 78 -3.82 50.98 -29.33
CA ARG B 78 -5.25 51.19 -29.21
C ARG B 78 -5.51 52.29 -28.17
N VAL B 79 -6.45 53.18 -28.48
CA VAL B 79 -6.76 54.30 -27.57
C VAL B 79 -7.53 53.80 -26.36
N THR B 80 -7.04 54.13 -25.15
CA THR B 80 -7.76 53.72 -23.96
C THR B 80 -8.35 54.90 -23.20
N SER B 81 -7.97 56.12 -23.57
CA SER B 81 -8.39 57.28 -22.81
C SER B 81 -8.31 58.48 -23.73
N ILE B 82 -9.37 59.29 -23.74
CA ILE B 82 -9.37 60.59 -24.41
C ILE B 82 -9.87 61.60 -23.40
N ARG B 83 -9.02 62.57 -23.06
CA ARG B 83 -9.36 63.63 -22.11
C ARG B 83 -8.97 64.95 -22.76
N SER B 84 -9.97 65.74 -23.15
CA SER B 84 -9.72 67.10 -23.64
C SER B 84 -9.74 68.03 -22.44
N SER B 85 -8.55 68.39 -21.96
CA SER B 85 -8.44 69.29 -20.83
C SER B 85 -9.00 70.68 -21.15
N SER B 86 -8.85 71.12 -22.39
CA SER B 86 -9.28 72.43 -22.86
C SER B 86 -9.48 72.37 -24.37
N SER B 87 -9.78 73.52 -24.98
CA SER B 87 -9.91 73.58 -26.43
C SER B 87 -8.59 73.46 -27.17
N LYS B 88 -7.47 73.62 -26.46
CA LYS B 88 -6.15 73.60 -27.09
C LYS B 88 -5.35 72.34 -26.76
N LEU B 89 -5.88 71.44 -25.94
CA LEU B 89 -5.10 70.34 -25.40
C LEU B 89 -5.96 69.07 -25.37
N ILE B 90 -5.41 67.97 -25.85
CA ILE B 90 -6.05 66.67 -25.77
C ILE B 90 -5.03 65.68 -25.22
N PHE B 91 -5.45 64.89 -24.24
CA PHE B 91 -4.63 63.83 -23.66
C PHE B 91 -5.15 62.49 -24.14
N TYR B 92 -4.24 61.67 -24.66
CA TYR B 92 -4.57 60.32 -25.07
C TYR B 92 -3.76 59.34 -24.26
N ASP B 93 -4.36 58.22 -23.90
CA ASP B 93 -3.62 57.01 -23.60
C ASP B 93 -3.78 56.01 -24.73
N ILE B 94 -2.67 55.57 -25.28
CA ILE B 94 -2.63 54.40 -26.15
C ILE B 94 -1.99 53.26 -25.39
N PHE B 95 -2.29 52.05 -25.84
CA PHE B 95 -1.81 50.83 -25.20
C PHE B 95 -1.41 49.86 -26.29
N CYS B 96 -0.30 49.16 -26.07
CA CYS B 96 0.12 48.17 -27.04
C CYS B 96 1.23 47.34 -26.45
N GLU B 97 1.18 46.03 -26.66
CA GLU B 97 2.22 45.11 -26.20
C GLU B 97 2.53 45.31 -24.72
N GLU B 98 1.47 45.48 -23.93
CA GLU B 98 1.53 45.54 -22.47
C GLU B 98 2.15 46.82 -21.94
N GLN B 99 2.14 47.91 -22.69
CA GLN B 99 2.74 49.17 -22.25
C GLN B 99 1.78 50.29 -22.55
N LYS B 100 1.60 51.18 -21.59
CA LYS B 100 0.75 52.34 -21.78
C LYS B 100 1.61 53.56 -22.10
N VAL B 101 1.21 54.33 -23.09
CA VAL B 101 1.93 55.56 -23.41
C VAL B 101 0.93 56.69 -23.53
N GLN B 102 1.21 57.81 -22.86
CA GLN B 102 0.38 59.00 -22.96
C GLN B 102 0.80 59.85 -24.14
N ILE B 103 -0.19 60.39 -24.85
CA ILE B 103 0.03 61.30 -25.96
C ILE B 103 -0.54 62.65 -25.54
N ILE B 104 0.26 63.71 -25.66
CA ILE B 104 -0.22 65.08 -25.45
C ILE B 104 -0.29 65.77 -26.81
N ALA B 105 -1.51 66.16 -27.21
CA ALA B 105 -1.75 66.75 -28.51
C ALA B 105 -2.09 68.24 -28.34
N ASN B 106 -1.11 69.10 -28.61
CA ASN B 106 -1.20 70.54 -28.47
C ASN B 106 -1.54 71.14 -29.83
N ILE B 107 -2.60 71.95 -29.87
CA ILE B 107 -2.96 72.61 -31.11
C ILE B 107 -1.78 73.37 -31.69
N MET B 108 -0.93 73.96 -30.84
CA MET B 108 0.23 74.69 -31.35
C MET B 108 1.19 73.79 -32.10
N GLU B 109 1.18 72.49 -31.83
CA GLU B 109 2.10 71.56 -32.46
C GLU B 109 1.50 70.83 -33.64
N HIS B 110 0.25 71.11 -34.00
CA HIS B 110 -0.47 70.25 -34.94
C HIS B 110 -0.01 70.46 -36.38
N ASP B 111 0.12 69.37 -37.13
CA ASP B 111 0.53 69.48 -38.53
C ASP B 111 -0.70 69.80 -39.37
N ILE B 112 -0.84 71.05 -39.79
CA ILE B 112 -2.05 71.45 -40.49
C ILE B 112 -2.19 70.74 -41.82
N SER B 113 -1.11 70.15 -42.35
CA SER B 113 -1.21 69.43 -43.61
C SER B 113 -2.05 68.16 -43.51
N THR B 114 -2.20 67.60 -42.31
CA THR B 114 -3.09 66.47 -42.08
C THR B 114 -4.52 66.87 -41.74
N GLY B 115 -4.84 68.17 -41.75
CA GLY B 115 -6.18 68.63 -41.44
C GLY B 115 -6.16 69.59 -40.26
N GLU B 116 -7.22 70.35 -40.03
CA GLU B 116 -7.21 71.22 -38.87
C GLU B 116 -7.27 70.39 -37.60
N PHE B 117 -6.65 70.93 -36.54
CA PHE B 117 -6.57 70.26 -35.24
C PHE B 117 -7.91 69.66 -34.79
N SER B 118 -8.97 70.46 -34.78
CA SER B 118 -10.25 69.93 -34.32
C SER B 118 -10.74 68.84 -35.25
N VAL B 119 -10.54 69.00 -36.56
CA VAL B 119 -11.01 68.00 -37.50
C VAL B 119 -10.28 66.68 -37.28
N SER B 120 -8.94 66.72 -37.24
CA SER B 120 -8.16 65.50 -37.11
C SER B 120 -8.55 64.72 -35.86
N HIS B 121 -8.73 65.42 -34.74
CA HIS B 121 -9.02 64.70 -33.53
C HIS B 121 -10.49 64.36 -33.39
N SER B 122 -11.37 65.08 -34.10
CA SER B 122 -12.78 64.72 -34.03
C SER B 122 -13.05 63.31 -34.55
N GLU B 123 -12.13 62.74 -35.33
CA GLU B 123 -12.32 61.42 -35.92
C GLU B 123 -11.79 60.29 -35.04
N ILE B 124 -11.30 60.59 -33.83
CA ILE B 124 -10.67 59.60 -32.98
C ILE B 124 -11.61 59.30 -31.84
N ARG B 125 -11.82 58.03 -31.60
CA ARG B 125 -12.68 57.57 -30.52
CA ARG B 125 -12.69 57.56 -30.53
C ARG B 125 -11.92 56.61 -29.62
N ARG B 126 -12.29 56.60 -28.36
CA ARG B 126 -11.76 55.57 -27.49
C ARG B 126 -12.01 54.23 -28.16
N GLY B 127 -11.00 53.35 -28.08
CA GLY B 127 -11.03 52.06 -28.71
C GLY B 127 -10.44 52.02 -30.11
N ASP B 128 -10.22 53.16 -30.75
CA ASP B 128 -9.62 53.12 -32.08
C ASP B 128 -8.18 52.68 -31.98
N VAL B 129 -7.71 51.97 -33.00
CA VAL B 129 -6.30 51.76 -33.21
C VAL B 129 -5.78 52.93 -34.05
N VAL B 130 -4.77 53.63 -33.54
CA VAL B 130 -4.32 54.86 -34.16
C VAL B 130 -2.80 54.94 -34.14
N GLY B 131 -2.27 55.83 -34.96
CA GLY B 131 -0.85 56.16 -34.95
C GLY B 131 -0.65 57.64 -34.69
N PHE B 132 0.34 57.96 -33.85
CA PHE B 132 0.74 59.33 -33.58
C PHE B 132 2.20 59.51 -33.96
N THR B 133 2.54 60.69 -34.46
CA THR B 133 3.93 61.10 -34.58
C THR B 133 4.16 62.29 -33.67
N GLY B 134 5.33 62.35 -33.04
CA GLY B 134 5.66 63.52 -32.26
C GLY B 134 7.04 63.40 -31.65
N PHE B 135 7.29 64.28 -30.66
CA PHE B 135 8.59 64.29 -30.00
C PHE B 135 8.54 63.58 -28.65
N PRO B 136 9.60 62.85 -28.29
CA PRO B 136 9.59 62.08 -27.03
C PRO B 136 9.88 62.96 -25.83
N GLY B 137 9.70 62.37 -24.65
CA GLY B 137 10.02 62.98 -23.36
C GLY B 137 9.03 62.56 -22.30
N LYS B 138 8.92 63.39 -21.25
CA LYS B 138 7.98 63.18 -20.16
C LYS B 138 7.33 64.52 -19.84
N SER B 139 6.15 64.47 -19.22
CA SER B 139 5.47 65.70 -18.84
C SER B 139 5.98 66.23 -17.51
N LYS B 140 5.47 67.41 -17.14
CA LYS B 140 5.89 68.05 -15.90
C LYS B 140 5.54 67.18 -14.70
N ARG B 141 4.32 66.63 -14.68
CA ARG B 141 3.93 65.72 -13.61
C ARG B 141 4.82 64.47 -13.60
N GLY B 142 5.39 64.10 -14.74
CA GLY B 142 6.38 63.04 -14.80
C GLY B 142 5.96 61.79 -15.54
N GLU B 143 4.83 61.82 -16.24
CA GLU B 143 4.34 60.63 -16.91
C GLU B 143 4.87 60.56 -18.35
N LEU B 144 5.41 59.40 -18.70
CA LEU B 144 5.96 59.19 -20.03
C LEU B 144 4.96 59.58 -21.10
N SER B 145 5.39 60.44 -22.03
CA SER B 145 4.50 60.99 -23.02
C SER B 145 5.16 61.14 -24.38
N LEU B 146 4.33 61.17 -25.41
CA LEU B 146 4.69 61.66 -26.73
C LEU B 146 3.95 62.96 -26.97
N PHE B 147 4.69 63.97 -27.44
CA PHE B 147 4.13 65.28 -27.77
C PHE B 147 3.81 65.27 -29.26
N SER B 148 2.56 64.94 -29.57
CA SER B 148 2.18 64.53 -30.92
C SER B 148 2.12 65.72 -31.87
N LYS B 149 2.50 65.47 -33.13
CA LYS B 149 2.33 66.43 -34.21
C LYS B 149 1.15 66.09 -35.11
N SER B 150 0.86 64.81 -35.31
CA SER B 150 -0.29 64.44 -36.11
C SER B 150 -0.94 63.22 -35.46
N VAL B 151 -2.04 62.78 -36.06
CA VAL B 151 -2.70 61.56 -35.61
C VAL B 151 -3.28 60.89 -36.84
N VAL B 152 -3.14 59.57 -36.93
CA VAL B 152 -3.74 58.78 -38.00
C VAL B 152 -4.65 57.71 -37.40
N LEU B 153 -5.93 57.75 -37.77
CA LEU B 153 -6.84 56.65 -37.46
C LEU B 153 -6.51 55.45 -38.34
N LEU B 154 -6.11 54.35 -37.72
CA LEU B 154 -5.72 53.18 -38.52
C LEU B 154 -6.89 52.22 -38.72
N SER B 155 -7.66 52.03 -37.67
CA SER B 155 -8.71 51.02 -37.65
C SER B 155 -9.68 51.41 -36.54
N PRO B 156 -10.82 52.00 -36.88
CA PRO B 156 -11.74 52.46 -35.83
C PRO B 156 -12.48 51.28 -35.20
N CYS B 157 -12.90 51.50 -33.96
CA CYS B 157 -13.80 50.60 -33.25
C CYS B 157 -15.21 51.17 -33.37
N TYR B 158 -16.13 50.36 -33.87
CA TYR B 158 -17.48 50.82 -34.19
C TYR B 158 -18.45 50.63 -33.04
N HIS B 159 -17.96 50.28 -31.85
CA HIS B 159 -18.79 49.94 -30.71
C HIS B 159 -18.27 50.68 -29.49
N MET B 160 -19.18 51.10 -28.62
CA MET B 160 -18.77 51.77 -27.39
C MET B 160 -18.23 50.74 -26.42
N LEU B 161 -16.95 50.82 -26.13
CA LEU B 161 -16.37 49.79 -25.29
C LEU B 161 -16.51 50.20 -23.83
N PRO B 162 -16.65 49.23 -22.93
CA PRO B 162 -16.54 49.53 -21.50
C PRO B 162 -15.10 49.85 -21.10
N THR B 163 -14.96 50.34 -19.88
CA THR B 163 -13.64 50.62 -19.33
C THR B 163 -12.91 49.31 -18.98
N ALA B 164 -13.60 48.42 -18.26
CA ALA B 164 -13.07 47.13 -17.83
C ALA B 164 -14.15 46.09 -18.04
N ILE B 165 -13.79 44.81 -17.89
CA ILE B 165 -14.71 43.70 -18.08
C ILE B 165 -15.97 43.84 -17.23
N SER B 166 -15.97 44.76 -16.26
CA SER B 166 -17.13 44.97 -15.40
C SER B 166 -18.31 45.57 -16.18
N GLY B 167 -18.02 46.29 -17.26
CA GLY B 167 -19.02 46.97 -18.06
C GLY B 167 -19.58 46.17 -19.23
N LEU B 168 -19.24 44.88 -19.34
CA LEU B 168 -19.72 44.03 -20.42
C LEU B 168 -21.11 43.47 -20.10
N ASP B 170 -22.68 40.78 -19.32
CA ASP B 170 -22.36 39.62 -18.51
C ASP B 170 -20.95 39.12 -18.85
N GLN B 171 -20.46 38.13 -18.07
CA GLN B 171 -19.09 37.69 -18.19
C GLN B 171 -18.90 36.48 -19.13
N GLU B 172 -19.98 35.97 -19.75
CA GLU B 172 -19.85 35.04 -20.87
C GLU B 172 -19.48 35.74 -22.17
N VAL B 173 -19.56 37.06 -22.23
CA VAL B 173 -19.01 37.76 -23.37
C VAL B 173 -17.50 37.55 -23.44
N ARG B 174 -16.85 37.38 -22.28
CA ARG B 174 -15.40 37.19 -22.29
C ARG B 174 -15.02 35.93 -23.04
N TYR B 175 -15.91 34.93 -23.04
CA TYR B 175 -15.71 33.68 -23.76
C TYR B 175 -16.17 33.75 -25.20
N ARG B 176 -17.30 34.44 -25.49
CA ARG B 176 -17.83 34.50 -26.85
C ARG B 176 -17.20 35.60 -27.69
N GLN B 177 -16.66 36.63 -27.07
CA GLN B 177 -15.91 37.67 -27.76
C GLN B 177 -14.57 37.78 -27.05
N ARG B 178 -13.71 36.78 -27.26
CA ARG B 178 -12.47 36.72 -26.51
C ARG B 178 -11.58 37.92 -26.80
N TYR B 179 -11.70 38.52 -27.99
CA TYR B 179 -10.90 39.73 -28.24
C TYR B 179 -11.23 40.84 -27.23
N LEU B 180 -12.46 40.88 -26.72
CA LEU B 180 -12.80 41.91 -25.75
C LEU B 180 -12.17 41.61 -24.41
N ASP B 181 -12.12 40.32 -24.04
CA ASP B 181 -11.44 39.95 -22.81
C ASP B 181 -9.95 40.27 -22.93
N LEU B 182 -9.35 40.03 -24.08
CA LEU B 182 -7.92 40.24 -24.25
C LEU B 182 -7.58 41.72 -24.36
N MET B 183 -8.52 42.52 -24.82
CA MET B 183 -8.28 43.94 -24.99
C MET B 183 -8.37 44.71 -23.67
N LEU B 184 -9.24 44.28 -22.76
CA LEU B 184 -9.52 45.04 -21.55
C LEU B 184 -8.95 44.42 -20.28
N ASN B 185 -8.54 43.14 -20.31
CA ASN B 185 -8.30 42.39 -19.10
C ASN B 185 -6.88 41.84 -19.11
N GLU B 186 -6.02 42.37 -18.24
CA GLU B 186 -4.64 41.92 -18.21
C GLU B 186 -4.55 40.49 -17.70
N GLU B 187 -5.42 40.14 -16.74
CA GLU B 187 -5.39 38.79 -16.18
C GLU B 187 -5.56 37.72 -17.27
N SER B 188 -6.33 38.01 -18.31
CA SER B 188 -6.56 36.95 -19.29
C SER B 188 -5.36 36.81 -20.22
N ARG B 189 -4.78 37.94 -20.66
CA ARG B 189 -3.56 37.86 -21.46
C ARG B 189 -2.49 37.08 -20.71
N LYS B 190 -2.41 37.25 -19.39
CA LYS B 190 -1.39 36.56 -18.62
C LYS B 190 -1.56 35.04 -18.68
N VAL B 191 -2.81 34.56 -18.64
CA VAL B 191 -3.02 33.11 -18.64
C VAL B 191 -2.49 32.46 -19.93
N PHE B 192 -2.66 33.14 -21.06
CA PHE B 192 -2.29 32.49 -22.30
C PHE B 192 -0.80 32.59 -22.55
N LYS B 193 -0.18 33.63 -22.02
CA LYS B 193 1.28 33.67 -22.02
CA LYS B 193 1.28 33.67 -22.02
C LYS B 193 1.84 32.57 -21.13
N LEU B 194 1.22 32.35 -19.96
CA LEU B 194 1.67 31.27 -19.07
C LEU B 194 1.48 29.91 -19.74
N ARG B 195 0.35 29.73 -20.42
CA ARG B 195 0.12 28.50 -21.17
C ARG B 195 1.26 28.20 -22.13
N SER B 196 1.65 29.18 -22.94
CA SER B 196 2.77 28.96 -23.86
C SER B 196 4.07 28.68 -23.10
N ARG B 197 4.35 29.42 -22.02
CA ARG B 197 5.58 29.18 -21.27
C ARG B 197 5.62 27.76 -20.71
N ALA B 198 4.47 27.26 -20.25
CA ALA B 198 4.40 25.92 -19.68
C ALA B 198 4.59 24.85 -20.74
N ILE B 199 3.98 25.02 -21.91
CA ILE B 199 4.18 24.03 -22.98
C ILE B 199 5.62 24.06 -23.48
N LYS B 200 6.24 25.25 -23.59
CA LYS B 200 7.68 25.33 -23.89
C LYS B 200 8.51 24.54 -22.90
N TYR B 201 8.26 24.75 -21.61
CA TYR B 201 9.00 24.04 -20.58
C TYR B 201 8.89 22.53 -20.77
N ILE B 202 7.68 22.04 -21.04
CA ILE B 202 7.46 20.62 -21.17
C ILE B 202 8.18 20.06 -22.38
N ARG B 203 8.06 20.69 -23.57
CA ARG B 203 8.81 20.21 -24.73
C ARG B 203 10.31 20.14 -24.44
N ASN B 204 10.88 21.23 -23.93
CA ASN B 204 12.30 21.22 -23.56
C ASN B 204 12.64 20.02 -22.70
N TYR B 205 11.88 19.80 -21.61
CA TYR B 205 12.10 18.66 -20.75
C TYR B 205 12.27 17.38 -21.55
N PHE B 206 11.33 17.10 -22.46
CA PHE B 206 11.41 15.87 -23.25
C PHE B 206 12.43 15.93 -24.39
N ASP B 207 12.60 17.08 -25.06
CA ASP B 207 13.68 17.22 -26.04
C ASP B 207 15.04 16.95 -25.40
N ARG B 208 15.28 17.50 -24.22
CA ARG B 208 16.53 17.24 -23.53
C ARG B 208 16.76 15.74 -23.31
N LEU B 209 15.68 14.97 -23.19
CA LEU B 209 15.84 13.54 -22.92
C LEU B 209 15.99 12.73 -24.18
N GLY B 210 16.06 13.39 -25.33
CA GLY B 210 16.22 12.71 -26.59
C GLY B 210 14.95 12.19 -27.17
N PHE B 211 13.80 12.74 -26.76
CA PHE B 211 12.54 12.33 -27.37
C PHE B 211 12.39 12.91 -28.78
N LEU B 212 11.55 12.28 -29.59
CA LEU B 212 11.17 12.76 -30.91
C LEU B 212 9.69 13.15 -30.93
N GLU B 213 9.40 14.40 -31.25
CA GLU B 213 8.01 14.81 -31.39
C GLU B 213 7.46 14.34 -32.72
N VAL B 214 6.29 13.74 -32.67
CA VAL B 214 5.62 13.19 -33.84
C VAL B 214 4.21 13.77 -33.90
N GLU B 215 3.54 13.52 -35.04
CA GLU B 215 2.13 13.81 -35.28
C GLU B 215 1.45 12.58 -35.84
N THR B 216 0.35 12.16 -35.22
CA THR B 216 -0.44 11.03 -35.67
C THR B 216 -1.84 11.48 -36.06
N PRO B 217 -2.59 10.65 -36.81
CA PRO B 217 -3.84 11.14 -37.42
C PRO B 217 -4.92 11.51 -36.42
N MET B 218 -5.58 12.64 -36.68
CA MET B 218 -6.78 12.99 -35.93
C MET B 218 -8.04 12.51 -36.63
N LEU B 219 -7.93 12.11 -37.89
CA LEU B 219 -8.98 11.40 -38.58
C LEU B 219 -8.63 9.92 -38.51
N ASN B 220 -9.53 9.11 -37.98
CA ASN B 220 -9.30 7.68 -37.78
C ASN B 220 -10.40 6.86 -38.44
N MET B 221 -10.02 5.73 -39.01
CA MET B 221 -11.04 4.78 -39.44
C MET B 221 -11.65 4.11 -38.22
N ILE B 222 -10.84 3.79 -37.22
CA ILE B 222 -11.30 3.22 -35.96
C ILE B 222 -10.78 4.04 -34.80
N TYR B 223 -11.65 4.40 -33.89
CA TYR B 223 -11.24 5.20 -32.76
C TYR B 223 -10.86 4.33 -31.57
N GLY B 224 -9.92 4.80 -30.76
CA GLY B 224 -9.62 4.12 -29.50
C GLY B 224 -8.59 4.88 -28.68
N GLY B 225 -8.19 4.24 -27.58
CA GLY B 225 -7.14 4.74 -26.71
C GLY B 225 -7.65 5.52 -25.51
N ALA B 226 -8.96 5.65 -25.34
CA ALA B 226 -9.53 6.33 -24.20
C ALA B 226 -10.97 5.86 -24.07
N ALA B 227 -11.58 6.20 -22.93
CA ALA B 227 -12.97 5.81 -22.64
C ALA B 227 -13.82 7.02 -22.96
N ALA B 228 -14.32 7.08 -24.20
CA ALA B 228 -15.01 8.31 -24.57
C ALA B 228 -15.83 8.11 -25.85
N ARG B 229 -16.94 8.83 -25.95
CA ARG B 229 -17.72 8.85 -27.18
C ARG B 229 -17.02 9.74 -28.23
N PRO B 230 -16.85 9.27 -29.47
CA PRO B 230 -16.19 10.08 -30.49
C PRO B 230 -17.14 11.01 -31.25
N PHE B 231 -16.51 11.96 -31.96
CA PHE B 231 -17.15 12.69 -33.05
C PHE B 231 -17.10 11.85 -34.31
N ILE B 232 -18.15 11.98 -35.12
CA ILE B 232 -18.31 11.20 -36.34
CA ILE B 232 -18.31 11.20 -36.34
C ILE B 232 -18.32 12.15 -37.53
N THR B 233 -17.59 11.80 -38.59
CA THR B 233 -17.56 12.62 -39.78
C THR B 233 -17.52 11.68 -40.98
N TYR B 234 -17.23 12.25 -42.16
CA TYR B 234 -17.38 11.50 -43.40
C TYR B 234 -16.49 12.15 -44.46
N HIS B 235 -15.75 11.32 -45.20
CA HIS B 235 -14.90 11.78 -46.31
C HIS B 235 -15.59 11.45 -47.61
N ASN B 236 -15.88 12.47 -48.43
CA ASN B 236 -16.79 12.27 -49.54
C ASN B 236 -16.12 11.56 -50.72
N GLU B 237 -14.84 11.85 -51.01
CA GLU B 237 -14.23 11.14 -52.13
C GLU B 237 -13.83 9.71 -51.77
N LEU B 238 -13.44 9.44 -50.53
CA LEU B 238 -13.24 8.05 -50.11
C LEU B 238 -14.52 7.33 -49.72
N GLU B 239 -15.63 8.04 -49.64
CA GLU B 239 -16.96 7.49 -49.29
C GLU B 239 -16.92 6.62 -48.02
N THR B 240 -16.25 7.11 -46.98
CA THR B 240 -16.14 6.35 -45.74
C THR B 240 -16.42 7.24 -44.55
N GLN B 241 -17.12 6.67 -43.57
CA GLN B 241 -17.28 7.29 -42.27
C GLN B 241 -15.95 7.34 -41.53
N LEU B 242 -15.71 8.42 -40.77
CA LEU B 242 -14.48 8.56 -40.00
C LEU B 242 -14.82 9.06 -38.60
N TYR B 243 -13.85 8.93 -37.70
CA TYR B 243 -13.96 9.46 -36.34
C TYR B 243 -12.84 10.47 -36.10
N MET B 244 -13.14 11.50 -35.33
CA MET B 244 -12.04 12.28 -34.75
C MET B 244 -11.41 11.44 -33.65
N ARG B 245 -10.10 11.55 -33.48
CA ARG B 245 -9.42 10.75 -32.47
C ARG B 245 -9.87 11.13 -31.06
N ILE B 246 -10.07 10.13 -30.21
CA ILE B 246 -10.25 10.45 -28.82
C ILE B 246 -8.92 10.45 -28.08
N ALA B 247 -7.89 9.79 -28.64
CA ALA B 247 -6.55 9.76 -28.08
C ALA B 247 -5.61 9.27 -29.16
N PRO B 248 -4.34 9.63 -29.13
CA PRO B 248 -3.38 9.14 -30.12
C PRO B 248 -2.67 7.84 -29.74
N GLU B 249 -3.10 7.22 -28.64
CA GLU B 249 -2.34 6.14 -28.01
C GLU B 249 -2.00 5.00 -28.98
N LEU B 250 -2.99 4.53 -29.76
CA LEU B 250 -2.78 3.32 -30.55
C LEU B 250 -1.77 3.57 -31.66
N TYR B 251 -1.78 4.77 -32.25
CA TYR B 251 -0.76 5.10 -33.25
C TYR B 251 0.60 5.28 -32.60
N LEU B 252 0.65 5.96 -31.45
CA LEU B 252 1.95 6.27 -30.87
C LEU B 252 2.69 4.98 -30.56
N LYS B 253 1.99 3.99 -29.99
CA LYS B 253 2.63 2.72 -29.66
C LYS B 253 3.15 2.02 -30.91
N GLN B 254 2.50 2.21 -32.07
CA GLN B 254 3.08 1.58 -33.27
C GLN B 254 4.42 2.18 -33.65
N LEU B 255 4.68 3.42 -33.23
CA LEU B 255 5.99 3.99 -33.49
C LEU B 255 7.05 3.36 -32.58
N ILE B 256 6.66 2.85 -31.42
CA ILE B 256 7.63 2.15 -30.60
C ILE B 256 7.92 0.78 -31.21
N VAL B 257 6.91 0.11 -31.74
CA VAL B 257 7.17 -1.07 -32.58
C VAL B 257 8.18 -0.72 -33.68
N GLY B 258 8.04 0.44 -34.27
CA GLY B 258 8.97 0.85 -35.29
C GLY B 258 10.34 1.24 -34.80
N GLY B 259 10.57 1.24 -33.50
CA GLY B 259 11.92 1.54 -33.02
C GLY B 259 12.29 2.98 -32.75
N LEU B 260 11.33 3.91 -32.79
CA LEU B 260 11.67 5.31 -32.49
C LEU B 260 12.03 5.53 -31.02
N ASP B 261 11.67 4.58 -30.15
CA ASP B 261 12.20 4.39 -28.79
C ASP B 261 11.62 5.37 -27.79
N LYS B 262 11.56 6.65 -28.16
CA LYS B 262 11.05 7.70 -27.29
C LYS B 262 10.31 8.69 -28.18
N VAL B 263 8.97 8.69 -28.11
CA VAL B 263 8.18 9.67 -28.86
C VAL B 263 7.22 10.42 -27.95
N TYR B 264 6.85 11.62 -28.38
CA TYR B 264 5.75 12.36 -27.75
C TYR B 264 4.95 13.12 -28.78
N GLU B 265 3.70 13.41 -28.41
CA GLU B 265 2.79 14.18 -29.24
C GLU B 265 2.04 15.16 -28.35
N ILE B 266 1.95 16.41 -28.76
CA ILE B 266 1.12 17.37 -28.05
C ILE B 266 0.08 17.87 -29.04
N GLY B 267 -1.18 17.53 -28.80
CA GLY B 267 -2.22 18.11 -29.63
C GLY B 267 -3.62 17.84 -29.11
N LYS B 268 -4.60 18.14 -29.94
CA LYS B 268 -5.99 18.07 -29.54
C LYS B 268 -6.50 16.65 -29.55
N ASN B 269 -7.28 16.30 -28.54
CA ASN B 269 -8.21 15.19 -28.58
C ASN B 269 -9.61 15.74 -28.77
N PHE B 270 -10.53 14.87 -29.21
CA PHE B 270 -11.90 15.27 -29.50
C PHE B 270 -12.81 14.26 -28.81
N ARG B 271 -13.57 14.70 -27.83
CA ARG B 271 -14.48 13.79 -27.16
C ARG B 271 -15.88 14.39 -27.18
N ASN B 272 -16.84 13.57 -27.59
CA ASN B 272 -18.22 13.98 -27.80
C ASN B 272 -19.05 13.56 -26.58
N GLU B 273 -18.93 14.34 -25.52
CA GLU B 273 -19.61 14.01 -24.27
C GLU B 273 -20.01 15.29 -23.56
N GLY B 274 -19.78 15.38 -22.25
CA GLY B 274 -20.33 16.47 -21.47
C GLY B 274 -19.36 17.64 -21.33
N ILE B 275 -19.93 18.84 -21.25
CA ILE B 275 -19.16 20.07 -21.10
C ILE B 275 -19.39 20.58 -19.69
N ASP B 276 -18.32 20.75 -18.93
CA ASP B 276 -18.48 21.38 -17.62
C ASP B 276 -17.19 22.14 -17.32
N LEU B 277 -16.97 22.43 -16.04
CA LEU B 277 -15.83 23.26 -15.64
C LEU B 277 -14.50 22.64 -16.02
N THR B 278 -14.43 21.31 -16.15
CA THR B 278 -13.16 20.63 -16.45
C THR B 278 -13.20 19.86 -17.78
N HIS B 279 -14.21 20.11 -18.61
CA HIS B 279 -14.38 19.38 -19.85
C HIS B 279 -14.76 20.34 -20.97
N ASN B 280 -13.98 20.34 -22.05
CA ASN B 280 -14.27 21.05 -23.28
C ASN B 280 -14.16 20.01 -24.40
N PRO B 281 -14.98 20.10 -25.44
CA PRO B 281 -15.06 18.98 -26.39
C PRO B 281 -13.78 18.72 -27.10
N GLU B 282 -12.92 19.73 -27.32
CA GLU B 282 -11.56 19.54 -27.79
C GLU B 282 -10.65 20.09 -26.70
N PHE B 283 -9.55 19.41 -26.47
CA PHE B 283 -8.68 19.79 -25.36
C PHE B 283 -7.30 19.30 -25.72
N THR B 284 -6.29 19.97 -25.16
CA THR B 284 -4.92 19.74 -25.57
C THR B 284 -4.31 18.70 -24.64
N ALA B 285 -3.80 17.65 -25.23
CA ALA B 285 -3.26 16.55 -24.48
C ALA B 285 -1.84 16.28 -24.95
N MET B 286 -1.00 15.81 -24.03
CA MET B 286 0.30 15.28 -24.38
C MET B 286 0.34 13.78 -24.09
N GLU B 287 0.85 13.01 -25.04
CA GLU B 287 1.17 11.61 -24.76
C GLU B 287 2.64 11.38 -25.06
N PHE B 288 3.29 10.53 -24.26
CA PHE B 288 4.60 10.07 -24.66
C PHE B 288 4.69 8.58 -24.41
N TYR B 289 5.56 7.94 -25.17
CA TYR B 289 5.85 6.53 -25.01
C TYR B 289 7.35 6.40 -24.90
N MET B 290 7.81 5.60 -23.92
CA MET B 290 9.22 5.43 -23.60
C MET B 290 9.52 3.94 -23.59
N ALA B 291 10.23 3.46 -24.59
CA ALA B 291 10.64 2.07 -24.52
C ALA B 291 11.47 1.83 -23.28
N TYR B 292 11.18 0.71 -22.62
CA TYR B 292 11.90 0.09 -21.49
C TYR B 292 11.59 0.77 -20.16
N ALA B 293 10.67 1.71 -20.13
CA ALA B 293 10.13 2.20 -18.88
C ALA B 293 9.01 1.28 -18.38
N ASP B 294 8.79 1.29 -17.06
CA ASP B 294 7.52 0.83 -16.51
C ASP B 294 6.84 1.98 -15.76
N TYR B 295 5.73 1.68 -15.08
CA TYR B 295 4.99 2.80 -14.50
C TYR B 295 5.70 3.39 -13.26
N TYR B 296 6.63 2.65 -12.64
CA TYR B 296 7.41 3.23 -11.57
C TYR B 296 8.36 4.30 -12.11
N ASP B 297 8.96 4.07 -13.28
CA ASP B 297 9.78 5.12 -13.90
C ASP B 297 8.96 6.35 -14.22
N LEU B 298 7.72 6.15 -14.65
CA LEU B 298 6.84 7.26 -15.03
C LEU B 298 6.41 8.10 -13.81
N MET B 299 6.23 7.48 -12.63
CA MET B 299 5.92 8.27 -11.44
C MET B 299 7.04 9.25 -11.13
N ASP B 300 8.25 8.73 -10.93
CA ASP B 300 9.42 9.60 -10.75
C ASP B 300 9.45 10.69 -11.82
N LEU B 301 9.25 10.31 -13.08
CA LEU B 301 9.30 11.29 -14.16
C LEU B 301 8.21 12.36 -13.98
N THR B 302 6.98 11.95 -13.66
CA THR B 302 5.91 12.91 -13.49
C THR B 302 6.21 13.91 -12.37
N GLU B 303 6.72 13.42 -11.23
CA GLU B 303 7.05 14.33 -10.15
C GLU B 303 8.15 15.31 -10.56
N GLU B 304 9.18 14.81 -11.24
CA GLU B 304 10.26 15.69 -11.67
C GLU B 304 9.74 16.75 -12.64
N LEU B 305 8.91 16.32 -13.61
CA LEU B 305 8.43 17.27 -14.63
C LEU B 305 7.52 18.33 -14.01
N ILE B 306 6.54 17.88 -13.25
CA ILE B 306 5.53 18.78 -12.72
C ILE B 306 6.06 19.64 -11.58
N SER B 307 6.86 19.06 -10.66
CA SER B 307 7.37 19.92 -9.59
C SER B 307 8.29 20.97 -10.18
N GLY B 308 9.06 20.59 -11.20
CA GLY B 308 9.99 21.53 -11.80
C GLY B 308 9.27 22.67 -12.50
N LEU B 309 8.20 22.36 -13.22
CA LEU B 309 7.40 23.38 -13.88
C LEU B 309 6.76 24.31 -12.85
N VAL B 310 6.14 23.74 -11.81
CA VAL B 310 5.60 24.56 -10.70
C VAL B 310 6.66 25.49 -10.16
N LEU B 311 7.82 24.93 -9.83
CA LEU B 311 8.89 25.74 -9.25
C LEU B 311 9.29 26.84 -10.23
N GLU B 312 9.43 26.48 -11.50
CA GLU B 312 9.76 27.47 -12.52
C GLU B 312 8.70 28.58 -12.58
N ILE B 313 7.43 28.22 -12.54
CA ILE B 313 6.36 29.21 -12.73
CA ILE B 313 6.38 29.22 -12.74
C ILE B 313 6.17 30.06 -11.48
N HIS B 314 6.08 29.41 -10.33
CA HIS B 314 5.72 30.15 -9.13
C HIS B 314 6.90 30.53 -8.25
N GLY B 315 8.06 29.92 -8.45
CA GLY B 315 9.17 30.17 -7.54
C GLY B 315 9.15 29.39 -6.25
N SER B 316 8.27 28.39 -6.13
CA SER B 316 8.17 27.52 -4.96
C SER B 316 7.16 26.44 -5.30
N LEU B 317 7.07 25.42 -4.45
CA LEU B 317 6.24 24.26 -4.73
C LEU B 317 4.87 24.29 -4.04
N LYS B 318 4.58 25.34 -3.28
CA LYS B 318 3.29 25.51 -2.65
C LYS B 318 2.60 26.69 -3.30
N ILE B 319 1.47 26.46 -3.96
CA ILE B 319 0.82 27.49 -4.77
C ILE B 319 -0.64 27.67 -4.39
N PRO B 320 -1.19 28.89 -4.47
CA PRO B 320 -2.58 29.09 -4.07
C PRO B 320 -3.55 28.52 -5.09
N TYR B 321 -4.73 28.14 -4.61
CA TYR B 321 -5.79 27.71 -5.52
C TYR B 321 -7.15 28.05 -4.93
N HIS B 322 -7.97 28.79 -5.70
CA HIS B 322 -9.29 29.21 -5.24
C HIS B 322 -10.37 28.44 -5.97
N PRO B 323 -10.97 27.40 -5.37
CA PRO B 323 -12.02 26.65 -6.07
C PRO B 323 -13.29 27.46 -6.34
N ASP B 324 -13.56 28.54 -5.61
CA ASP B 324 -14.79 29.31 -5.80
C ASP B 324 -14.52 30.73 -6.25
N GLY B 325 -13.33 31.01 -6.78
CA GLY B 325 -13.03 32.34 -7.27
C GLY B 325 -12.21 33.18 -6.31
N PRO B 326 -11.81 34.37 -6.75
CA PRO B 326 -10.76 35.12 -6.01
C PRO B 326 -11.19 35.60 -4.63
N GLU B 327 -12.47 35.84 -4.40
CA GLU B 327 -12.95 36.24 -3.09
C GLU B 327 -13.42 35.06 -2.24
N GLY B 328 -13.30 33.83 -2.74
CA GLY B 328 -13.67 32.64 -1.99
C GLY B 328 -12.47 32.03 -1.28
N LYS B 329 -12.72 30.87 -0.67
CA LYS B 329 -11.68 30.19 0.10
C LYS B 329 -10.46 29.86 -0.77
N CYS B 330 -9.29 29.94 -0.17
CA CYS B 330 -8.04 29.63 -0.86
C CYS B 330 -7.46 28.34 -0.32
N ILE B 331 -7.04 27.47 -1.23
CA ILE B 331 -6.31 26.26 -0.88
C ILE B 331 -4.87 26.39 -1.37
N GLU B 332 -3.93 25.95 -0.55
CA GLU B 332 -2.52 25.94 -0.92
C GLU B 332 -2.18 24.50 -1.30
N ILE B 333 -1.97 24.27 -2.59
CA ILE B 333 -1.56 22.98 -3.08
C ILE B 333 -0.05 22.86 -2.96
N ASP B 334 0.41 21.74 -2.44
CA ASP B 334 1.82 21.48 -2.19
C ASP B 334 2.30 20.45 -3.20
N PHE B 335 3.27 20.85 -4.02
CA PHE B 335 3.83 19.95 -5.02
C PHE B 335 5.14 19.30 -4.60
N THR B 336 5.54 19.46 -3.34
CA THR B 336 6.77 18.83 -2.87
C THR B 336 6.76 17.32 -3.11
N THR B 337 7.89 16.81 -3.60
CA THR B 337 8.08 15.41 -3.99
C THR B 337 8.82 14.60 -2.90
N PRO B 338 8.59 13.26 -2.84
CA PRO B 338 7.65 12.47 -3.65
C PRO B 338 6.20 12.65 -3.23
N TRP B 339 5.26 12.18 -4.06
CA TRP B 339 3.84 12.39 -3.86
C TRP B 339 3.18 11.15 -3.27
N LYS B 340 2.03 11.36 -2.63
CA LYS B 340 1.31 10.27 -1.98
C LYS B 340 0.83 9.27 -3.02
N ARG B 341 0.99 7.97 -2.71
CA ARG B 341 0.39 6.87 -3.48
C ARG B 341 -0.82 6.32 -2.74
N PHE B 342 -1.92 6.10 -3.47
CA PHE B 342 -3.11 5.45 -2.94
C PHE B 342 -3.40 4.24 -3.81
N SER B 343 -3.40 3.04 -3.22
CA SER B 343 -3.70 1.86 -4.02
CA SER B 343 -3.70 1.85 -4.02
C SER B 343 -5.20 1.79 -4.28
N PHE B 344 -5.57 1.57 -5.55
CA PHE B 344 -6.97 1.69 -5.99
C PHE B 344 -7.92 0.91 -5.10
N VAL B 345 -7.77 -0.41 -5.08
CA VAL B 345 -8.76 -1.25 -4.41
C VAL B 345 -8.61 -1.15 -2.90
N GLU B 346 -7.37 -1.15 -2.40
CA GLU B 346 -7.14 -1.14 -0.96
C GLU B 346 -7.79 0.07 -0.29
N GLU B 347 -7.75 1.25 -0.95
CA GLU B 347 -8.35 2.42 -0.31
C GLU B 347 -9.87 2.45 -0.42
N ILE B 348 -10.45 1.88 -1.50
CA ILE B 348 -11.91 1.69 -1.54
C ILE B 348 -12.37 0.79 -0.40
N GLU B 349 -11.69 -0.34 -0.23
CA GLU B 349 -12.10 -1.25 0.84
C GLU B 349 -11.85 -0.65 2.21
N SER B 350 -10.87 0.26 2.34
CA SER B 350 -10.67 0.95 3.61
C SER B 350 -11.78 1.97 3.86
N GLY B 351 -12.29 2.61 2.81
CA GLY B 351 -13.45 3.47 2.97
C GLY B 351 -14.70 2.67 3.27
N LEU B 352 -14.83 1.50 2.64
CA LEU B 352 -16.04 0.69 2.80
C LEU B 352 -16.13 0.02 4.16
N GLY B 353 -14.99 -0.24 4.80
CA GLY B 353 -14.95 -1.17 5.91
C GLY B 353 -15.34 -2.57 5.48
N GLU B 354 -15.07 -2.93 4.22
CA GLU B 354 -15.42 -4.21 3.66
C GLU B 354 -14.61 -4.45 2.40
N LYS B 355 -14.37 -5.71 2.10
CA LYS B 355 -13.62 -6.09 0.91
C LYS B 355 -14.54 -6.34 -0.28
N LEU B 356 -14.11 -5.88 -1.46
CA LEU B 356 -14.79 -6.22 -2.69
C LEU B 356 -14.77 -7.72 -2.89
N LYS B 357 -15.69 -8.18 -3.73
CA LYS B 357 -15.78 -9.60 -4.03
C LYS B 357 -14.94 -9.94 -5.25
N ARG B 358 -14.32 -11.12 -5.23
CA ARG B 358 -13.47 -11.61 -6.32
C ARG B 358 -14.14 -12.78 -7.05
N PRO B 359 -13.96 -12.90 -8.39
CA PRO B 359 -13.26 -11.96 -9.28
C PRO B 359 -13.91 -10.59 -9.25
N LEU B 360 -13.12 -9.54 -9.55
CA LEU B 360 -13.63 -8.19 -9.43
C LEU B 360 -14.75 -7.92 -10.44
N ASP B 361 -14.74 -8.62 -11.58
CA ASP B 361 -15.74 -8.47 -12.61
C ASP B 361 -16.85 -9.51 -12.54
N SER B 362 -17.03 -10.16 -11.39
CA SER B 362 -18.11 -11.14 -11.37
C SER B 362 -19.45 -10.46 -11.07
N GLN B 363 -20.54 -11.20 -11.37
CA GLN B 363 -21.87 -10.70 -11.06
C GLN B 363 -22.01 -10.44 -9.57
N GLU B 364 -21.41 -11.28 -8.73
CA GLU B 364 -21.51 -11.06 -7.30
C GLU B 364 -20.86 -9.72 -6.91
N ASN B 365 -19.67 -9.43 -7.46
CA ASN B 365 -19.05 -8.14 -7.20
C ASN B 365 -19.87 -7.00 -7.79
N ILE B 366 -20.38 -7.17 -9.01
CA ILE B 366 -21.22 -6.13 -9.59
C ILE B 366 -22.36 -5.80 -8.65
N ASP B 367 -23.01 -6.85 -8.14
CA ASP B 367 -24.15 -6.64 -7.25
C ASP B 367 -23.69 -5.95 -5.97
N PHE B 368 -22.54 -6.40 -5.45
CA PHE B 368 -22.05 -5.86 -4.19
C PHE B 368 -21.71 -4.38 -4.34
N MET B 369 -21.13 -4.01 -5.49
CA MET B 369 -20.77 -2.61 -5.73
C MET B 369 -22.01 -1.73 -5.90
N VAL B 370 -22.99 -2.20 -6.69
CA VAL B 370 -24.29 -1.52 -6.74
C VAL B 370 -24.78 -1.21 -5.32
N GLU B 371 -24.82 -2.24 -4.47
CA GLU B 371 -25.33 -2.09 -3.11
C GLU B 371 -24.53 -1.07 -2.30
N MET B 372 -23.20 -1.08 -2.44
CA MET B 372 -22.38 -0.10 -1.72
C MET B 372 -22.61 1.33 -2.25
N CYS B 373 -22.91 1.49 -3.55
CA CYS B 373 -23.14 2.81 -4.10
C CYS B 373 -24.43 3.41 -3.57
N GLU B 374 -25.46 2.59 -3.44
CA GLU B 374 -26.68 3.05 -2.80
C GLU B 374 -26.43 3.35 -1.33
N LYS B 375 -25.69 2.47 -0.65
CA LYS B 375 -25.40 2.66 0.78
C LYS B 375 -24.65 3.96 1.03
N HIS B 376 -23.75 4.36 0.11
CA HIS B 376 -22.97 5.58 0.27
C HIS B 376 -23.48 6.72 -0.62
N GLU B 377 -24.70 6.60 -1.16
CA GLU B 377 -25.37 7.66 -1.93
C GLU B 377 -24.54 8.08 -3.15
N ILE B 378 -23.99 7.09 -3.87
CA ILE B 378 -23.18 7.30 -5.05
C ILE B 378 -24.02 7.03 -6.29
N GLU B 379 -24.07 8.02 -7.20
CA GLU B 379 -24.84 7.89 -8.43
C GLU B 379 -24.41 6.67 -9.22
N LEU B 380 -25.36 5.79 -9.54
CA LEU B 380 -25.00 4.59 -10.28
C LEU B 380 -24.70 4.93 -11.73
N PRO B 381 -23.75 4.24 -12.36
CA PRO B 381 -23.47 4.47 -13.79
C PRO B 381 -24.36 3.59 -14.68
N HIS B 382 -24.27 3.85 -15.99
CA HIS B 382 -24.94 3.01 -17.00
C HIS B 382 -24.08 2.73 -18.24
N PRO B 383 -23.96 1.44 -18.63
CA PRO B 383 -24.41 0.29 -17.84
C PRO B 383 -23.67 0.15 -16.50
N ARG B 384 -24.16 -0.79 -15.70
CA ARG B 384 -23.55 -1.10 -14.41
C ARG B 384 -22.46 -2.19 -14.58
N THR B 385 -21.50 -1.87 -15.45
CA THR B 385 -20.30 -2.67 -15.62
C THR B 385 -19.42 -2.57 -14.38
N ALA B 386 -18.69 -3.65 -14.09
CA ALA B 386 -17.74 -3.62 -12.98
C ALA B 386 -16.82 -2.41 -13.08
N ALA B 387 -16.35 -2.13 -14.30
CA ALA B 387 -15.45 -1.01 -14.54
C ALA B 387 -16.09 0.32 -14.15
N LYS B 388 -17.30 0.57 -14.61
CA LYS B 388 -17.91 1.85 -14.30
C LYS B 388 -18.20 1.98 -12.81
N LEU B 389 -18.58 0.86 -12.16
CA LEU B 389 -18.88 0.90 -10.74
C LEU B 389 -17.62 1.15 -9.93
N LEU B 390 -16.53 0.45 -10.27
CA LEU B 390 -15.27 0.71 -9.63
C LEU B 390 -14.89 2.19 -9.75
N ASP B 391 -15.03 2.76 -10.94
CA ASP B 391 -14.82 4.18 -11.16
C ASP B 391 -15.63 5.03 -10.16
N LYS B 392 -16.89 4.67 -9.95
CA LYS B 392 -17.72 5.46 -9.06
C LYS B 392 -17.22 5.37 -7.61
N LEU B 393 -16.77 4.19 -7.19
CA LEU B 393 -16.29 4.01 -5.82
C LEU B 393 -14.97 4.75 -5.59
N ALA B 394 -14.06 4.72 -6.57
CA ALA B 394 -12.82 5.47 -6.46
C ALA B 394 -13.05 6.96 -6.61
N GLY B 395 -14.06 7.36 -7.40
CA GLY B 395 -14.47 8.75 -7.43
C GLY B 395 -14.89 9.25 -6.06
N HIS B 396 -15.48 8.37 -5.23
CA HIS B 396 -16.06 8.70 -3.94
C HIS B 396 -15.05 8.58 -2.80
N PHE B 397 -14.32 7.46 -2.73
CA PHE B 397 -13.48 7.16 -1.58
C PHE B 397 -12.02 7.55 -1.77
N VAL B 398 -11.57 7.76 -3.00
CA VAL B 398 -10.15 7.94 -3.25
C VAL B 398 -9.86 9.30 -3.87
N GLU B 399 -10.50 9.58 -5.01
CA GLU B 399 -10.31 10.86 -5.65
C GLU B 399 -10.67 12.01 -4.73
N THR B 400 -11.33 11.74 -3.62
CA THR B 400 -11.60 12.80 -2.67
C THR B 400 -10.45 13.03 -1.69
N LYS B 401 -9.45 12.15 -1.63
CA LYS B 401 -8.34 12.37 -0.71
C LYS B 401 -7.16 13.08 -1.37
N CYS B 402 -7.25 13.34 -2.68
CA CYS B 402 -6.17 13.88 -3.46
CA CYS B 402 -6.13 13.89 -3.42
C CYS B 402 -6.29 15.40 -3.52
N THR B 403 -5.95 16.08 -2.45
CA THR B 403 -5.87 17.52 -2.57
C THR B 403 -4.51 17.91 -3.14
N ASN B 404 -3.43 17.60 -2.42
CA ASN B 404 -2.12 17.68 -3.07
C ASN B 404 -2.04 16.66 -4.21
N PRO B 405 -1.17 16.88 -5.22
CA PRO B 405 -0.97 15.84 -6.24
C PRO B 405 -0.74 14.51 -5.59
N SER B 406 -1.57 13.54 -5.94
CA SER B 406 -1.45 12.20 -5.40
C SER B 406 -1.65 11.20 -6.53
N PHE B 407 -0.91 10.09 -6.51
CA PHE B 407 -1.09 9.02 -7.50
C PHE B 407 -2.14 8.04 -7.00
N ILE B 408 -3.11 7.74 -7.85
CA ILE B 408 -3.99 6.60 -7.64
C ILE B 408 -3.45 5.48 -8.52
N ILE B 409 -3.00 4.39 -7.89
CA ILE B 409 -2.24 3.38 -8.61
C ILE B 409 -2.92 2.00 -8.55
N ASP B 410 -2.51 1.17 -9.52
CA ASP B 410 -2.78 -0.28 -9.59
C ASP B 410 -4.24 -0.57 -9.93
N HIS B 411 -4.80 0.21 -10.87
CA HIS B 411 -6.18 0.06 -11.31
C HIS B 411 -6.48 -1.38 -11.71
N PRO B 412 -7.68 -1.89 -11.41
CA PRO B 412 -8.10 -3.21 -11.89
C PRO B 412 -8.06 -3.32 -13.41
N GLN B 413 -7.80 -4.56 -13.87
CA GLN B 413 -7.67 -4.80 -15.31
C GLN B 413 -8.97 -4.48 -16.03
N THR B 414 -10.11 -4.81 -15.42
CA THR B 414 -11.38 -4.69 -16.14
C THR B 414 -11.66 -3.25 -16.58
N MET B 415 -11.03 -2.28 -15.93
CA MET B 415 -11.22 -0.88 -16.28
C MET B 415 -10.00 -0.32 -17.02
N SER B 416 -9.01 -1.18 -17.34
CA SER B 416 -7.75 -0.75 -17.95
C SER B 416 -7.34 -1.67 -19.12
N PRO B 417 -8.08 -1.63 -20.23
CA PRO B 417 -7.88 -2.64 -21.30
C PRO B 417 -6.52 -2.60 -22.01
N LEU B 418 -5.77 -1.49 -21.96
CA LEU B 418 -4.47 -1.39 -22.63
C LEU B 418 -3.30 -1.33 -21.66
N ALA B 419 -3.58 -1.49 -20.37
CA ALA B 419 -2.57 -1.50 -19.33
C ALA B 419 -2.14 -2.93 -19.07
N LYS B 420 -0.84 -3.15 -18.98
CA LYS B 420 -0.31 -4.47 -18.75
C LYS B 420 -0.58 -4.92 -17.31
N TRP B 421 -0.72 -6.22 -17.15
CA TRP B 421 -1.09 -6.78 -15.86
C TRP B 421 -0.06 -6.45 -14.77
N HIS B 422 -0.52 -6.43 -13.52
CA HIS B 422 0.41 -6.16 -12.43
C HIS B 422 1.33 -7.37 -12.27
N ARG B 423 2.64 -7.12 -12.16
CA ARG B 423 3.55 -8.26 -12.04
C ARG B 423 3.34 -9.03 -10.74
N GLU B 424 2.60 -8.50 -9.76
CA GLU B 424 2.41 -9.18 -8.48
C GLU B 424 0.96 -9.26 -7.98
N LYS B 425 0.13 -8.22 -8.24
CA LYS B 425 -1.23 -8.17 -7.68
C LYS B 425 -2.23 -8.77 -8.66
N PRO B 426 -2.91 -9.86 -8.33
CA PRO B 426 -3.87 -10.43 -9.29
C PRO B 426 -5.02 -9.47 -9.61
N GLU B 427 -5.48 -9.52 -10.84
CA GLU B 427 -6.58 -8.71 -11.38
C GLU B 427 -6.24 -7.22 -11.51
N MET B 428 -5.05 -6.79 -11.11
CA MET B 428 -4.64 -5.39 -11.21
C MET B 428 -3.73 -5.16 -12.43
N THR B 429 -3.49 -3.88 -12.74
CA THR B 429 -2.55 -3.48 -13.79
C THR B 429 -1.52 -2.52 -13.22
N GLU B 430 -0.45 -2.33 -14.00
CA GLU B 430 0.59 -1.36 -13.65
C GLU B 430 0.17 0.00 -14.22
N ARG B 431 -0.85 0.56 -13.60
CA ARG B 431 -1.43 1.82 -14.06
C ARG B 431 -1.42 2.82 -12.92
N PHE B 432 -1.33 4.09 -13.27
CA PHE B 432 -1.59 5.14 -12.31
C PHE B 432 -2.34 6.26 -12.98
N GLU B 433 -3.12 6.97 -12.17
CA GLU B 433 -3.65 8.27 -12.50
C GLU B 433 -3.11 9.30 -11.53
N LEU B 434 -2.87 10.51 -12.01
CA LEU B 434 -2.48 11.61 -11.16
C LEU B 434 -3.68 12.53 -10.95
N PHE B 435 -4.00 12.79 -9.69
CA PHE B 435 -5.07 13.70 -9.30
C PHE B 435 -4.51 14.88 -8.52
N VAL B 436 -5.01 16.08 -8.81
CA VAL B 436 -4.74 17.28 -8.02
C VAL B 436 -6.09 17.90 -7.67
N LEU B 437 -6.32 18.15 -6.39
CA LEU B 437 -7.59 18.68 -5.90
C LEU B 437 -8.78 17.93 -6.50
N GLY B 438 -8.75 16.60 -6.40
CA GLY B 438 -9.83 15.77 -6.91
C GLY B 438 -9.98 15.69 -8.41
N LYS B 439 -9.06 16.26 -9.19
CA LYS B 439 -9.21 16.31 -10.64
C LYS B 439 -8.08 15.56 -11.33
N GLU B 440 -8.44 14.72 -12.30
CA GLU B 440 -7.47 13.94 -13.05
C GLU B 440 -6.56 14.84 -13.90
N LEU B 441 -5.26 14.62 -13.80
CA LEU B 441 -4.24 15.34 -14.57
C LEU B 441 -3.46 14.45 -15.50
N CYS B 442 -3.16 13.22 -15.10
CA CYS B 442 -2.30 12.31 -15.83
C CYS B 442 -2.90 10.92 -15.78
N ASN B 443 -2.64 10.15 -16.81
CA ASN B 443 -3.06 8.76 -16.85
C ASN B 443 -1.94 8.01 -17.56
N ALA B 444 -1.40 6.95 -16.94
CA ALA B 444 -0.24 6.28 -17.49
C ALA B 444 -0.27 4.82 -17.11
N TYR B 445 0.44 4.01 -17.91
CA TYR B 445 0.65 2.63 -17.49
C TYR B 445 1.87 2.01 -18.17
N THR B 446 2.38 0.96 -17.54
CA THR B 446 3.15 -0.04 -18.26
C THR B 446 2.28 -0.61 -19.36
N GLU B 447 2.74 -0.47 -20.59
CA GLU B 447 1.91 -0.74 -21.76
C GLU B 447 1.68 -2.23 -21.93
N LEU B 448 0.45 -2.62 -22.21
CA LEU B 448 0.21 -4.02 -22.53
C LEU B 448 0.88 -4.33 -23.87
N ASN B 449 1.77 -5.33 -23.90
CA ASN B 449 2.46 -5.69 -25.14
C ASN B 449 2.29 -7.16 -25.51
N GLU B 450 1.34 -7.87 -24.88
CA GLU B 450 1.08 -9.27 -25.21
C GLU B 450 -0.16 -9.32 -26.07
N PRO B 451 -0.08 -9.80 -27.31
CA PRO B 451 -1.23 -9.68 -28.22
C PRO B 451 -2.45 -10.49 -27.79
N LEU B 452 -2.25 -11.67 -27.22
CA LEU B 452 -3.39 -12.53 -26.90
C LEU B 452 -4.30 -11.85 -25.90
N GLN B 453 -3.76 -11.48 -24.73
CA GLN B 453 -4.54 -10.74 -23.74
C GLN B 453 -5.16 -9.47 -24.33
N GLN B 454 -4.41 -8.75 -25.18
CA GLN B 454 -4.88 -7.48 -25.70
C GLN B 454 -6.11 -7.67 -26.57
N ARG B 455 -6.09 -8.71 -27.41
CA ARG B 455 -7.26 -9.00 -28.23
C ARG B 455 -8.46 -9.28 -27.35
N LYS B 456 -8.28 -10.10 -26.32
CA LYS B 456 -9.36 -10.44 -25.40
C LYS B 456 -9.90 -9.21 -24.69
N PHE B 457 -9.03 -8.28 -24.30
CA PHE B 457 -9.51 -7.08 -23.65
C PHE B 457 -10.29 -6.22 -24.64
N PHE B 458 -9.89 -6.22 -25.91
CA PHE B 458 -10.66 -5.51 -26.93
C PHE B 458 -12.04 -6.12 -27.06
N GLU B 459 -12.11 -7.45 -27.16
CA GLU B 459 -13.41 -8.12 -27.29
C GLU B 459 -14.32 -7.80 -26.12
N GLN B 460 -13.78 -7.79 -24.89
CA GLN B 460 -14.61 -7.35 -23.76
C GLN B 460 -15.05 -5.90 -23.92
N GLN B 461 -14.21 -5.06 -24.54
CA GLN B 461 -14.63 -3.69 -24.83
C GLN B 461 -15.73 -3.67 -25.89
N ALA B 462 -15.56 -4.45 -26.96
CA ALA B 462 -16.58 -4.52 -28.01
C ALA B 462 -17.93 -4.96 -27.45
N ASP B 463 -17.93 -5.90 -26.49
CA ASP B 463 -19.19 -6.37 -25.92
C ASP B 463 -19.81 -5.32 -25.00
N ALA B 464 -18.98 -4.56 -24.28
CA ALA B 464 -19.48 -3.50 -23.41
C ALA B 464 -20.12 -2.38 -24.23
N LYS B 465 -19.49 -2.00 -25.35
CA LYS B 465 -20.12 -1.06 -26.28
C LYS B 465 -21.45 -1.61 -26.78
N ALA B 466 -21.51 -2.92 -27.06
CA ALA B 466 -22.77 -3.53 -27.49
C ALA B 466 -23.83 -3.47 -26.39
N SER B 467 -23.41 -3.46 -25.12
CA SER B 467 -24.31 -3.51 -23.98
C SER B 467 -24.65 -2.13 -23.42
N GLY B 468 -24.34 -1.05 -24.14
CA GLY B 468 -24.73 0.28 -23.73
C GLY B 468 -23.61 1.17 -23.27
N ASP B 469 -22.37 0.69 -23.28
CA ASP B 469 -21.23 1.52 -22.91
C ASP B 469 -20.81 2.35 -24.11
N VAL B 470 -21.28 3.61 -24.14
CA VAL B 470 -20.94 4.49 -25.25
C VAL B 470 -19.45 4.83 -25.24
N GLU B 471 -18.80 4.72 -24.09
CA GLU B 471 -17.40 5.07 -23.96
C GLU B 471 -16.49 3.89 -24.23
N ALA B 472 -17.02 2.79 -24.77
CA ALA B 472 -16.22 1.60 -25.01
C ALA B 472 -15.81 1.58 -26.48
N CYS B 473 -14.59 1.15 -26.73
CA CYS B 473 -14.04 1.28 -28.08
C CYS B 473 -14.15 -0.03 -28.87
N PRO B 474 -14.33 0.05 -30.18
CA PRO B 474 -14.33 -1.16 -31.00
C PRO B 474 -12.93 -1.76 -31.07
N ILE B 475 -12.86 -2.99 -31.59
CA ILE B 475 -11.56 -3.61 -31.81
C ILE B 475 -10.87 -2.94 -32.98
N ASP B 476 -9.56 -2.76 -32.87
CA ASP B 476 -8.72 -2.19 -33.93
C ASP B 476 -7.72 -3.26 -34.34
N GLU B 477 -8.03 -3.97 -35.42
CA GLU B 477 -7.15 -5.06 -35.85
C GLU B 477 -5.78 -4.57 -36.28
N THR B 478 -5.70 -3.36 -36.85
CA THR B 478 -4.39 -2.87 -37.25
C THR B 478 -3.48 -2.75 -36.04
N PHE B 479 -4.04 -2.42 -34.86
CA PHE B 479 -3.21 -2.32 -33.67
C PHE B 479 -2.79 -3.70 -33.18
N CYS B 480 -3.70 -4.68 -33.20
CA CYS B 480 -3.33 -6.03 -32.84
C CYS B 480 -2.21 -6.54 -33.74
N LEU B 481 -2.31 -6.27 -35.05
CA LEU B 481 -1.27 -6.73 -35.97
C LEU B 481 0.07 -6.08 -35.65
N ALA B 482 0.03 -4.79 -35.30
CA ALA B 482 1.25 -4.12 -34.87
C ALA B 482 1.83 -4.75 -33.62
N LEU B 483 0.97 -5.11 -32.63
CA LEU B 483 1.52 -5.78 -31.45
C LEU B 483 2.11 -7.12 -31.80
N GLU B 484 1.63 -7.75 -32.86
CA GLU B 484 2.19 -9.01 -33.30
C GLU B 484 3.57 -8.89 -33.92
N HIS B 485 4.07 -7.67 -34.17
CA HIS B 485 5.43 -7.43 -34.62
C HIS B 485 6.36 -7.08 -33.48
N GLY B 486 5.86 -7.14 -32.25
CA GLY B 486 6.69 -6.95 -31.08
C GLY B 486 6.74 -5.52 -30.56
N LEU B 487 5.90 -5.20 -29.57
CA LEU B 487 6.10 -3.98 -28.81
C LEU B 487 7.09 -4.28 -27.68
N PRO B 488 8.28 -3.70 -27.70
CA PRO B 488 9.19 -3.79 -26.55
C PRO B 488 8.53 -3.33 -25.27
N PRO B 489 8.97 -3.83 -24.12
CA PRO B 489 8.46 -3.30 -22.84
C PRO B 489 8.52 -1.79 -22.85
N THR B 490 7.41 -1.15 -22.46
CA THR B 490 7.20 0.27 -22.68
C THR B 490 6.34 0.88 -21.57
N GLY B 491 6.67 2.09 -21.15
CA GLY B 491 5.76 2.94 -20.38
C GLY B 491 5.22 4.05 -21.25
N GLY B 492 3.89 4.30 -21.15
CA GLY B 492 3.26 5.44 -21.82
C GLY B 492 2.44 6.27 -20.84
N TRP B 493 2.01 7.44 -21.32
CA TRP B 493 1.59 8.45 -20.36
C TRP B 493 0.83 9.54 -21.06
N GLY B 494 -0.23 10.03 -20.44
CA GLY B 494 -0.93 11.20 -20.96
C GLY B 494 -1.18 12.25 -19.91
N LEU B 495 -1.21 13.52 -20.36
CA LEU B 495 -1.43 14.67 -19.50
C LEU B 495 -2.45 15.64 -20.11
N GLY B 496 -3.45 16.03 -19.33
CA GLY B 496 -4.38 17.02 -19.79
C GLY B 496 -3.79 18.39 -19.55
N ILE B 497 -3.29 19.00 -20.63
CA ILE B 497 -2.57 20.27 -20.51
CA ILE B 497 -2.57 20.26 -20.50
C ILE B 497 -3.48 21.38 -19.97
N ASP B 498 -4.72 21.42 -20.45
CA ASP B 498 -5.63 22.47 -20.03
C ASP B 498 -5.82 22.46 -18.52
N ARG B 499 -6.08 21.27 -17.96
CA ARG B 499 -6.25 21.15 -16.52
C ARG B 499 -4.97 21.48 -15.78
N LEU B 500 -3.82 21.28 -16.41
CA LEU B 500 -2.60 21.65 -15.73
C LEU B 500 -2.48 23.16 -15.66
N ILE B 501 -2.83 23.86 -16.75
CA ILE B 501 -2.84 25.32 -16.75
C ILE B 501 -3.79 25.85 -15.70
N MET B 502 -4.89 25.14 -15.46
CA MET B 502 -5.86 25.63 -14.49
C MET B 502 -5.22 25.72 -13.12
N PHE B 503 -4.45 24.71 -12.73
CA PHE B 503 -3.81 24.77 -11.43
C PHE B 503 -2.68 25.79 -11.41
N LEU B 504 -1.91 25.85 -12.51
CA LEU B 504 -0.76 26.75 -12.55
C LEU B 504 -1.20 28.22 -12.57
N ALA B 505 -2.36 28.53 -13.15
CA ALA B 505 -2.86 29.90 -13.21
C ALA B 505 -4.02 30.17 -12.26
N ASP B 506 -4.35 29.23 -11.37
CA ASP B 506 -5.48 29.39 -10.44
C ASP B 506 -6.73 29.90 -11.18
N LYS B 507 -7.19 29.08 -12.10
CA LYS B 507 -8.56 29.21 -12.58
C LYS B 507 -9.30 27.94 -12.21
N ASN B 508 -10.61 28.05 -11.96
CA ASN B 508 -11.42 26.88 -11.70
C ASN B 508 -12.41 26.57 -12.83
N ASN B 509 -12.20 27.15 -14.01
CA ASN B 509 -13.10 26.92 -15.13
C ASN B 509 -12.23 26.71 -16.36
N ILE B 510 -12.37 25.57 -17.01
CA ILE B 510 -11.52 25.29 -18.17
C ILE B 510 -11.68 26.37 -19.23
N LYS B 511 -12.82 27.05 -19.25
CA LYS B 511 -13.00 28.11 -20.24
C LYS B 511 -12.00 29.23 -20.06
N GLU B 512 -11.36 29.32 -18.89
CA GLU B 512 -10.44 30.42 -18.67
C GLU B 512 -9.10 30.19 -19.35
N VAL B 513 -8.75 28.94 -19.63
CA VAL B 513 -7.44 28.59 -20.15
C VAL B 513 -7.49 28.13 -21.60
N ILE B 514 -8.62 28.33 -22.27
CA ILE B 514 -8.82 27.99 -23.69
C ILE B 514 -9.31 29.25 -24.36
N LEU B 515 -8.70 29.64 -25.50
CA LEU B 515 -9.00 30.95 -26.05
C LEU B 515 -10.46 31.07 -26.47
N PHE B 516 -10.94 30.10 -27.26
CA PHE B 516 -12.29 30.09 -27.80
C PHE B 516 -12.95 28.81 -27.32
N PRO B 517 -13.43 28.77 -26.09
CA PRO B 517 -14.05 27.53 -25.60
C PRO B 517 -15.41 27.31 -26.25
N ALA B 518 -15.87 26.06 -26.19
CA ALA B 518 -17.19 25.73 -26.73
C ALA B 518 -18.29 26.35 -25.88
N MET B 519 -19.12 27.17 -26.50
CA MET B 519 -20.25 27.80 -25.82
C MET B 519 -21.55 27.31 -26.43
N ARG B 520 -22.57 27.12 -25.60
CA ARG B 520 -23.92 26.92 -26.12
C ARG B 520 -24.42 28.20 -26.79
N ASN B 521 -25.21 28.05 -27.84
CA ASN B 521 -25.70 29.25 -28.51
C ASN B 521 -27.20 29.45 -28.31
N SER C 21 30.38 -33.65 9.99
CA SER C 21 29.78 -34.86 9.44
C SER C 21 29.68 -34.76 7.92
N HIS C 22 30.13 -35.80 7.21
CA HIS C 22 30.14 -35.77 5.75
C HIS C 22 28.75 -35.53 5.19
N TYR C 23 27.72 -36.13 5.80
CA TYR C 23 26.37 -36.00 5.24
C TYR C 23 25.89 -34.54 5.32
N THR C 24 26.16 -33.87 6.44
CA THR C 24 25.65 -32.52 6.64
C THR C 24 26.34 -31.51 5.75
N ASP C 25 27.67 -31.62 5.60
CA ASP C 25 28.42 -30.73 4.73
C ASP C 25 27.89 -30.82 3.30
N ASN C 26 27.74 -32.04 2.79
CA ASN C 26 27.28 -32.23 1.41
C ASN C 26 25.88 -31.68 1.22
N ARG C 27 24.99 -31.88 2.18
CA ARG C 27 23.62 -31.39 1.98
C ARG C 27 23.62 -29.87 1.85
N TYR C 28 24.48 -29.19 2.60
CA TYR C 28 24.63 -27.75 2.44
C TYR C 28 25.10 -27.39 1.05
N LYS C 29 26.02 -28.19 0.49
CA LYS C 29 26.49 -27.97 -0.87
C LYS C 29 25.37 -28.22 -1.87
N MET C 30 24.58 -29.27 -1.66
CA MET C 30 23.38 -29.45 -2.47
C MET C 30 22.52 -28.19 -2.48
N MET C 31 22.23 -27.65 -1.31
CA MET C 31 21.30 -26.52 -1.20
C MET C 31 21.88 -25.26 -1.81
N GLU C 32 23.20 -25.06 -1.67
CA GLU C 32 23.86 -23.99 -2.41
C GLU C 32 23.74 -24.19 -3.91
N CYS C 33 24.06 -25.41 -4.39
CA CYS C 33 23.92 -25.73 -5.81
CA CYS C 33 23.92 -25.75 -5.81
C CYS C 33 22.50 -25.51 -6.31
N ILE C 34 21.49 -25.84 -5.49
CA ILE C 34 20.09 -25.60 -5.85
C ILE C 34 19.80 -24.10 -5.93
N LYS C 35 20.30 -23.33 -4.97
CA LYS C 35 20.05 -21.90 -5.00
C LYS C 35 20.65 -21.26 -6.25
N ASP C 36 21.84 -21.73 -6.66
CA ASP C 36 22.58 -21.15 -7.76
C ASP C 36 22.11 -21.67 -9.12
N ALA C 37 21.35 -22.76 -9.14
CA ALA C 37 20.74 -23.28 -10.36
C ALA C 37 19.35 -22.68 -10.62
N GLY C 38 18.90 -21.72 -9.81
CA GLY C 38 17.58 -21.13 -9.93
C GLY C 38 16.42 -22.00 -9.49
N ARG C 39 16.68 -23.15 -8.91
CA ARG C 39 15.64 -24.10 -8.60
C ARG C 39 15.02 -23.79 -7.23
N PRO C 40 13.86 -24.37 -6.92
CA PRO C 40 13.14 -24.02 -5.69
C PRO C 40 13.98 -24.17 -4.44
N PHE C 41 13.96 -23.13 -3.62
CA PHE C 41 14.89 -22.98 -2.51
C PHE C 41 14.06 -22.38 -1.38
N TYR C 42 13.64 -23.24 -0.45
CA TYR C 42 12.89 -22.85 0.75
C TYR C 42 11.63 -22.04 0.42
N PRO C 43 10.70 -22.60 -0.37
CA PRO C 43 9.51 -21.82 -0.76
C PRO C 43 8.78 -21.29 0.46
N HIS C 44 8.24 -20.07 0.32
CA HIS C 44 7.64 -19.41 1.47
C HIS C 44 6.31 -20.03 1.83
N LYS C 45 5.54 -20.48 0.85
CA LYS C 45 4.19 -20.93 1.11
C LYS C 45 3.88 -22.12 0.21
N PHE C 46 3.46 -23.24 0.82
CA PHE C 46 2.93 -24.36 0.07
C PHE C 46 1.47 -24.51 0.47
N LYS C 47 0.55 -24.45 -0.49
CA LYS C 47 -0.88 -24.51 -0.16
C LYS C 47 -1.35 -25.95 -0.30
N ILE C 48 -1.57 -26.62 0.83
CA ILE C 48 -2.08 -27.99 0.78
C ILE C 48 -3.55 -27.96 0.40
N SER C 49 -3.97 -28.95 -0.39
CA SER C 49 -5.40 -29.13 -0.69
C SER C 49 -6.16 -29.53 0.56
N MET C 50 -5.55 -30.35 1.40
CA MET C 50 -6.16 -30.87 2.62
C MET C 50 -5.05 -31.54 3.42
N SER C 51 -5.33 -31.81 4.69
CA SER C 51 -4.40 -32.49 5.57
C SER C 51 -4.26 -33.95 5.17
N LEU C 52 -3.16 -34.57 5.60
CA LEU C 52 -3.08 -36.01 5.41
C LEU C 52 -4.21 -36.73 6.14
N PRO C 53 -4.63 -36.34 7.37
CA PRO C 53 -5.80 -37.00 7.97
C PRO C 53 -7.05 -36.88 7.13
N ALA C 54 -7.33 -35.70 6.57
CA ALA C 54 -8.50 -35.52 5.69
C ALA C 54 -8.35 -36.33 4.42
N TYR C 55 -7.14 -36.37 3.88
CA TYR C 55 -6.90 -37.23 2.71
C TYR C 55 -7.25 -38.68 2.99
N ALA C 56 -6.78 -39.20 4.14
CA ALA C 56 -7.09 -40.58 4.50
C ALA C 56 -8.60 -40.78 4.71
N LEU C 57 -9.28 -39.80 5.30
CA LEU C 57 -10.75 -39.91 5.46
C LEU C 57 -11.46 -39.91 4.10
N LYS C 58 -10.99 -39.12 3.16
CA LYS C 58 -11.71 -39.07 1.90
C LYS C 58 -11.44 -40.29 1.04
N TYR C 59 -10.19 -40.78 1.01
CA TYR C 59 -9.82 -41.79 0.03
C TYR C 59 -9.41 -43.12 0.64
N GLY C 60 -9.41 -43.26 1.96
CA GLY C 60 -9.00 -44.51 2.60
C GLY C 60 -9.83 -45.72 2.22
N ASN C 61 -11.06 -45.52 1.72
CA ASN C 61 -11.96 -46.64 1.42
C ASN C 61 -12.22 -46.83 -0.08
N VAL C 62 -11.46 -46.20 -0.97
CA VAL C 62 -11.67 -46.51 -2.38
C VAL C 62 -11.16 -47.92 -2.66
N GLU C 63 -11.59 -48.47 -3.79
CA GLU C 63 -11.11 -49.78 -4.22
C GLU C 63 -9.61 -49.76 -4.52
N ASN C 64 -8.98 -50.93 -4.35
CA ASN C 64 -7.64 -51.13 -4.85
C ASN C 64 -7.58 -50.71 -6.31
N GLY C 65 -6.56 -49.92 -6.65
CA GLY C 65 -6.34 -49.51 -8.02
C GLY C 65 -7.11 -48.29 -8.44
N TYR C 66 -8.03 -47.81 -7.62
CA TYR C 66 -8.77 -46.58 -7.91
C TYR C 66 -7.81 -45.43 -8.20
N ILE C 67 -8.12 -44.63 -9.20
CA ILE C 67 -7.41 -43.37 -9.39
C ILE C 67 -8.37 -42.38 -10.04
N ASP C 68 -8.42 -41.17 -9.50
CA ASP C 68 -9.21 -40.08 -10.05
C ASP C 68 -8.23 -39.14 -10.76
N LYS C 69 -8.12 -39.25 -12.09
CA LYS C 69 -7.20 -38.38 -12.80
C LYS C 69 -7.86 -37.07 -13.20
N ASP C 70 -9.10 -36.85 -12.76
CA ASP C 70 -9.76 -35.56 -12.90
C ASP C 70 -9.43 -34.59 -11.79
N THR C 71 -8.92 -35.07 -10.64
CA THR C 71 -8.73 -34.26 -9.43
C THR C 71 -7.24 -34.17 -9.13
N THR C 72 -6.73 -32.93 -9.08
CA THR C 72 -5.32 -32.67 -8.77
C THR C 72 -5.22 -32.10 -7.36
N LEU C 73 -4.39 -32.73 -6.52
CA LEU C 73 -4.29 -32.37 -5.10
C LEU C 73 -2.85 -32.13 -4.70
N SER C 74 -2.67 -31.24 -3.72
CA SER C 74 -1.37 -30.93 -3.13
C SER C 74 -1.35 -31.41 -1.68
N LEU C 75 -0.35 -32.26 -1.34
CA LEU C 75 -0.15 -32.78 0.01
C LEU C 75 1.28 -32.49 0.47
N SER C 76 1.45 -32.46 1.79
CA SER C 76 2.78 -32.19 2.33
C SER C 76 2.97 -32.95 3.62
N GLY C 77 4.21 -33.31 3.88
CA GLY C 77 4.57 -34.15 5.01
C GLY C 77 6.06 -34.26 5.07
N ARG C 78 6.54 -34.98 6.09
CA ARG C 78 7.97 -35.27 6.19
C ARG C 78 8.21 -36.64 5.57
N VAL C 79 9.26 -36.75 4.76
CA VAL C 79 9.55 -38.04 4.12
C VAL C 79 10.08 -39.02 5.17
N THR C 80 9.35 -40.12 5.39
CA THR C 80 9.83 -41.19 6.24
C THR C 80 10.46 -42.32 5.44
N SER C 81 10.21 -42.43 4.14
CA SER C 81 10.76 -43.54 3.38
C SER C 81 10.91 -43.15 1.91
N ILE C 82 11.99 -43.60 1.27
CA ILE C 82 12.14 -43.48 -0.18
C ILE C 82 12.58 -44.83 -0.72
N ARG C 83 11.91 -45.27 -1.77
CA ARG C 83 12.28 -46.53 -2.41
C ARG C 83 12.23 -46.27 -3.91
N SER C 84 13.39 -46.11 -4.53
CA SER C 84 13.51 -46.09 -6.00
C SER C 84 13.46 -47.52 -6.48
N SER C 85 12.25 -47.94 -6.82
CA SER C 85 12.04 -49.31 -7.27
C SER C 85 12.73 -49.56 -8.61
N SER C 86 12.60 -48.64 -9.56
CA SER C 86 13.22 -48.80 -10.87
C SER C 86 13.77 -47.45 -11.31
N SER C 87 14.32 -47.37 -12.53
CA SER C 87 14.73 -46.06 -13.04
C SER C 87 13.55 -45.13 -13.33
N LYS C 88 12.31 -45.64 -13.37
CA LYS C 88 11.15 -44.85 -13.77
C LYS C 88 10.14 -44.66 -12.64
N LEU C 89 10.37 -45.27 -11.49
CA LEU C 89 9.32 -45.37 -10.47
C LEU C 89 9.98 -45.19 -9.12
N ILE C 90 9.52 -44.17 -8.38
CA ILE C 90 9.99 -43.90 -7.03
C ILE C 90 8.81 -43.90 -6.09
N PHE C 91 8.94 -44.60 -4.96
CA PHE C 91 7.91 -44.61 -3.93
C PHE C 91 8.38 -43.80 -2.73
N TYR C 92 7.54 -42.88 -2.30
CA TYR C 92 7.75 -42.16 -1.04
C TYR C 92 6.73 -42.57 0.00
N ASP C 93 7.11 -42.50 1.28
CA ASP C 93 6.13 -42.34 2.36
C ASP C 93 6.26 -40.95 2.94
N ILE C 94 5.15 -40.25 3.13
CA ILE C 94 5.20 -38.98 3.85
C ILE C 94 4.31 -39.08 5.07
N PHE C 95 4.62 -38.26 6.09
CA PHE C 95 3.94 -38.36 7.37
C PHE C 95 3.61 -36.96 7.84
N CYS C 96 2.40 -36.77 8.33
CA CYS C 96 2.02 -35.47 8.87
C CYS C 96 0.75 -35.62 9.67
N GLU C 97 0.70 -34.96 10.83
CA GLU C 97 -0.47 -34.95 11.70
C GLU C 97 -0.95 -36.37 12.02
N GLU C 98 0.00 -37.27 12.29
CA GLU C 98 -0.24 -38.66 12.67
C GLU C 98 -0.75 -39.55 11.55
N GLN C 99 -0.63 -39.14 10.29
CA GLN C 99 -1.11 -39.95 9.17
C GLN C 99 0.02 -40.14 8.18
N LYS C 100 0.15 -41.37 7.67
CA LYS C 100 1.08 -41.67 6.60
C LYS C 100 0.37 -41.79 5.27
N VAL C 101 0.99 -41.27 4.22
CA VAL C 101 0.47 -41.40 2.86
C VAL C 101 1.62 -41.81 1.95
N GLN C 102 1.36 -42.72 1.03
CA GLN C 102 2.35 -43.12 0.02
C GLN C 102 2.23 -42.19 -1.19
N ILE C 103 3.38 -41.76 -1.70
CA ILE C 103 3.46 -41.03 -2.97
C ILE C 103 4.02 -41.96 -4.04
N ILE C 104 3.32 -42.08 -5.15
CA ILE C 104 3.78 -42.88 -6.28
C ILE C 104 4.22 -41.92 -7.38
N ALA C 105 5.54 -41.79 -7.59
CA ALA C 105 6.13 -40.93 -8.63
C ALA C 105 6.60 -41.77 -9.83
N ASN C 106 5.80 -41.76 -10.89
CA ASN C 106 6.12 -42.42 -12.15
C ASN C 106 6.65 -41.40 -13.14
N ILE C 107 7.72 -41.76 -13.85
CA ILE C 107 8.36 -40.78 -14.72
C ILE C 107 7.41 -40.29 -15.80
N MET C 108 6.47 -41.13 -16.26
CA MET C 108 5.54 -40.74 -17.33
C MET C 108 4.55 -39.66 -16.90
N GLU C 109 4.33 -39.47 -15.61
CA GLU C 109 3.43 -38.43 -15.15
C GLU C 109 4.16 -37.16 -14.71
N HIS C 110 5.49 -37.15 -14.74
CA HIS C 110 6.26 -36.05 -14.15
C HIS C 110 6.09 -34.78 -14.96
N ASP C 111 5.77 -33.69 -14.28
CA ASP C 111 5.71 -32.37 -14.91
C ASP C 111 7.14 -31.91 -15.24
N ILE C 112 7.45 -31.83 -16.54
CA ILE C 112 8.80 -31.48 -16.97
C ILE C 112 9.13 -30.02 -16.69
N SER C 113 8.13 -29.17 -16.52
CA SER C 113 8.39 -27.78 -16.22
C SER C 113 9.12 -27.61 -14.89
N THR C 114 9.04 -28.60 -13.99
CA THR C 114 9.72 -28.53 -12.71
C THR C 114 11.14 -29.08 -12.78
N GLY C 115 11.54 -29.64 -13.92
CA GLY C 115 12.83 -30.28 -14.08
C GLY C 115 12.73 -31.67 -14.68
N GLU C 116 13.89 -32.19 -15.08
CA GLU C 116 14.00 -33.62 -15.36
C GLU C 116 13.63 -34.45 -14.12
N PHE C 117 12.86 -35.51 -14.36
CA PHE C 117 12.40 -36.40 -13.29
C PHE C 117 13.55 -36.82 -12.38
N SER C 118 14.63 -37.33 -12.98
CA SER C 118 15.80 -37.73 -12.19
C SER C 118 16.38 -36.55 -11.42
N VAL C 119 16.45 -35.38 -12.04
CA VAL C 119 16.94 -34.20 -11.31
C VAL C 119 16.00 -33.84 -10.17
N SER C 120 14.69 -33.78 -10.45
CA SER C 120 13.76 -33.36 -9.41
C SER C 120 13.87 -34.28 -8.20
N HIS C 121 13.97 -35.58 -8.44
CA HIS C 121 13.95 -36.47 -7.29
C HIS C 121 15.32 -36.66 -6.66
N SER C 122 16.40 -36.29 -7.35
CA SER C 122 17.74 -36.36 -6.77
C SER C 122 17.91 -35.44 -5.57
N GLU C 123 17.03 -34.47 -5.42
CA GLU C 123 17.17 -33.47 -4.39
C GLU C 123 16.51 -33.86 -3.08
N ILE C 124 15.80 -34.98 -3.05
CA ILE C 124 14.96 -35.37 -1.93
C ILE C 124 15.66 -36.47 -1.14
N ARG C 125 15.56 -36.38 0.19
CA ARG C 125 16.16 -37.32 1.12
C ARG C 125 15.17 -37.65 2.21
N ARG C 126 15.34 -38.84 2.79
CA ARG C 126 14.51 -39.20 3.94
C ARG C 126 14.71 -38.17 5.04
N GLY C 127 13.62 -37.76 5.65
CA GLY C 127 13.63 -36.72 6.62
C GLY C 127 13.28 -35.36 6.08
N ASP C 128 13.34 -35.16 4.77
CA ASP C 128 12.98 -33.85 4.20
C ASP C 128 11.50 -33.55 4.40
N VAL C 129 11.16 -32.28 4.68
CA VAL C 129 9.79 -31.80 4.52
C VAL C 129 9.57 -31.49 3.05
N VAL C 130 8.51 -32.03 2.46
CA VAL C 130 8.31 -31.93 1.01
C VAL C 130 6.83 -31.75 0.70
N GLY C 131 6.54 -31.23 -0.48
CA GLY C 131 5.19 -31.19 -1.01
C GLY C 131 5.14 -31.91 -2.34
N PHE C 132 3.99 -32.52 -2.63
CA PHE C 132 3.72 -33.16 -3.91
C PHE C 132 2.37 -32.71 -4.41
N THR C 133 2.18 -32.83 -5.71
CA THR C 133 0.92 -32.59 -6.39
CA THR C 133 0.92 -32.60 -6.40
C THR C 133 0.62 -33.79 -7.29
N GLY C 134 -0.62 -34.26 -7.28
CA GLY C 134 -0.96 -35.40 -8.09
C GLY C 134 -2.43 -35.78 -7.93
N PHE C 135 -2.74 -36.99 -8.36
CA PHE C 135 -4.07 -37.58 -8.40
C PHE C 135 -4.30 -38.52 -7.21
N PRO C 136 -5.47 -38.52 -6.60
CA PRO C 136 -5.73 -39.45 -5.50
C PRO C 136 -6.08 -40.86 -5.94
N GLY C 137 -5.75 -41.79 -5.06
CA GLY C 137 -6.31 -43.13 -5.20
C GLY C 137 -5.60 -44.11 -4.30
N LYS C 138 -5.47 -45.33 -4.80
CA LYS C 138 -4.86 -46.44 -4.09
C LYS C 138 -4.08 -47.28 -5.09
N SER C 139 -2.94 -47.80 -4.65
CA SER C 139 -2.20 -48.73 -5.51
C SER C 139 -3.00 -50.00 -5.73
N LYS C 140 -2.58 -50.80 -6.73
CA LYS C 140 -3.15 -52.12 -6.92
C LYS C 140 -3.05 -52.93 -5.65
N ARG C 141 -1.96 -52.73 -4.88
CA ARG C 141 -1.79 -53.44 -3.61
C ARG C 141 -2.71 -52.91 -2.52
N GLY C 142 -3.41 -51.81 -2.75
CA GLY C 142 -4.30 -51.26 -1.74
C GLY C 142 -3.72 -50.21 -0.84
N GLU C 143 -2.57 -49.61 -1.19
CA GLU C 143 -1.99 -48.52 -0.41
C GLU C 143 -2.63 -47.18 -0.76
N LEU C 144 -3.16 -46.48 0.25
CA LEU C 144 -3.59 -45.09 0.06
C LEU C 144 -2.46 -44.25 -0.52
N SER C 145 -2.67 -43.69 -1.71
CA SER C 145 -1.57 -43.07 -2.43
C SER C 145 -1.97 -41.76 -3.11
N LEU C 146 -0.95 -40.95 -3.38
CA LEU C 146 -1.05 -39.84 -4.32
C LEU C 146 -0.18 -40.21 -5.52
N PHE C 147 -0.76 -40.18 -6.71
CA PHE C 147 -0.01 -40.44 -7.93
C PHE C 147 0.50 -39.10 -8.43
N SER C 148 1.78 -38.84 -8.18
CA SER C 148 2.30 -37.49 -8.27
C SER C 148 2.76 -37.12 -9.65
N LYS C 149 2.73 -35.81 -9.89
CA LYS C 149 3.31 -35.19 -11.07
C LYS C 149 4.47 -34.25 -10.77
N SER C 150 4.66 -33.83 -9.50
CA SER C 150 5.78 -32.99 -9.13
C SER C 150 6.14 -33.25 -7.67
N VAL C 151 7.34 -32.81 -7.29
CA VAL C 151 7.77 -32.78 -5.89
C VAL C 151 8.45 -31.43 -5.66
N VAL C 152 8.21 -30.83 -4.49
CA VAL C 152 8.87 -29.57 -4.16
C VAL C 152 9.54 -29.73 -2.80
N LEU C 153 10.82 -29.46 -2.75
CA LEU C 153 11.53 -29.55 -1.48
C LEU C 153 11.22 -28.29 -0.69
N LEU C 154 10.55 -28.45 0.45
CA LEU C 154 10.21 -27.30 1.29
C LEU C 154 11.24 -27.06 2.39
N SER C 155 11.69 -28.09 3.05
CA SER C 155 12.71 -27.85 4.05
C SER C 155 13.56 -29.10 4.22
N PRO C 156 14.79 -29.13 3.73
CA PRO C 156 15.57 -30.37 3.82
C PRO C 156 16.00 -30.67 5.24
N CYS C 157 16.36 -31.93 5.46
CA CYS C 157 16.94 -32.35 6.72
C CYS C 157 18.41 -32.63 6.47
N TYR C 158 19.29 -32.05 7.29
CA TYR C 158 20.72 -32.11 7.02
C TYR C 158 21.44 -33.21 7.79
N HIS C 159 20.70 -34.12 8.42
CA HIS C 159 21.28 -35.12 9.30
C HIS C 159 20.66 -36.46 8.97
N MET C 160 21.47 -37.51 8.96
CA MET C 160 20.91 -38.82 8.66
C MET C 160 20.13 -39.26 9.89
N LEU C 161 18.93 -39.49 9.72
CA LEU C 161 18.00 -39.83 10.78
C LEU C 161 17.98 -41.33 10.98
N PRO C 162 17.91 -41.77 12.23
CA PRO C 162 17.77 -43.22 12.48
C PRO C 162 16.40 -43.71 12.06
N THR C 163 16.24 -45.04 12.17
CA THR C 163 14.93 -45.64 11.90
C THR C 163 13.97 -45.38 13.05
N ALA C 164 14.44 -45.55 14.29
CA ALA C 164 13.66 -45.32 15.50
C ALA C 164 14.56 -44.70 16.55
N ILE C 165 13.98 -44.33 17.69
CA ILE C 165 14.76 -43.68 18.77
C ILE C 165 15.86 -44.60 19.26
N ASP C 170 22.93 -42.42 22.71
CA ASP C 170 22.43 -41.89 23.99
C ASP C 170 20.94 -41.56 23.91
N GLN C 171 20.11 -42.27 24.68
CA GLN C 171 18.68 -41.96 24.73
C GLN C 171 18.37 -40.64 25.43
N GLU C 172 19.34 -40.04 26.14
CA GLU C 172 19.22 -38.64 26.55
C GLU C 172 19.10 -37.70 25.37
N VAL C 173 19.46 -38.16 24.18
CA VAL C 173 19.14 -37.39 22.98
C VAL C 173 17.66 -37.07 22.94
N ARG C 174 16.79 -37.98 23.42
CA ARG C 174 15.36 -37.73 23.32
C ARG C 174 14.98 -36.52 24.16
N TYR C 175 15.68 -36.29 25.27
CA TYR C 175 15.43 -35.13 26.10
C TYR C 175 16.15 -33.89 25.61
N ARG C 176 17.36 -34.04 25.08
CA ARG C 176 18.11 -32.85 24.65
C ARG C 176 17.68 -32.36 23.28
N GLN C 177 17.19 -33.25 22.44
CA GLN C 177 16.70 -32.93 21.11
C GLN C 177 15.28 -33.48 21.01
N ARG C 178 14.37 -32.82 21.74
CA ARG C 178 13.02 -33.34 21.86
C ARG C 178 12.30 -33.39 20.51
N TYR C 179 12.71 -32.55 19.54
CA TYR C 179 12.12 -32.64 18.22
C TYR C 179 12.41 -34.01 17.57
N LEU C 180 13.55 -34.60 17.86
CA LEU C 180 13.84 -35.94 17.33
C LEU C 180 12.93 -36.98 17.96
N ASP C 181 12.74 -36.91 19.27
CA ASP C 181 11.76 -37.80 19.92
C ASP C 181 10.35 -37.64 19.31
N LEU C 182 9.84 -36.41 19.22
CA LEU C 182 8.49 -36.23 18.67
C LEU C 182 8.43 -36.72 17.23
N MET C 183 9.49 -36.49 16.47
CA MET C 183 9.45 -36.79 15.04
C MET C 183 9.36 -38.29 14.79
N LEU C 184 10.11 -39.08 15.57
CA LEU C 184 10.26 -40.51 15.32
C LEU C 184 9.44 -41.40 16.25
N ASN C 185 8.83 -40.89 17.32
CA ASN C 185 8.33 -41.78 18.38
C ASN C 185 6.90 -41.42 18.76
N GLU C 186 5.93 -42.18 18.22
CA GLU C 186 4.53 -41.89 18.49
C GLU C 186 4.24 -41.86 19.98
N GLU C 187 4.92 -42.69 20.78
CA GLU C 187 4.59 -42.78 22.19
C GLU C 187 4.87 -41.48 22.94
N SER C 188 5.90 -40.72 22.53
CA SER C 188 6.13 -39.45 23.18
CA SER C 188 6.13 -39.45 23.18
C SER C 188 5.06 -38.43 22.79
N ARG C 189 4.68 -38.40 21.50
CA ARG C 189 3.60 -37.52 21.06
C ARG C 189 2.34 -37.77 21.86
N LYS C 190 2.03 -39.04 22.13
CA LYS C 190 0.82 -39.38 22.89
C LYS C 190 0.88 -38.83 24.30
N VAL C 191 2.07 -38.82 24.89
CA VAL C 191 2.21 -38.29 26.25
C VAL C 191 1.74 -36.85 26.32
N PHE C 192 2.20 -36.02 25.37
CA PHE C 192 1.92 -34.61 25.52
C PHE C 192 0.50 -34.24 25.11
N LYS C 193 -0.12 -35.04 24.25
CA LYS C 193 -1.56 -34.90 24.06
C LYS C 193 -2.34 -35.34 25.31
N LEU C 194 -1.93 -36.43 25.95
CA LEU C 194 -2.57 -36.84 27.20
C LEU C 194 -2.49 -35.75 28.27
N ARG C 195 -1.35 -35.06 28.35
CA ARG C 195 -1.16 -34.00 29.33
C ARG C 195 -2.12 -32.85 29.06
N SER C 196 -2.24 -32.45 27.81
CA SER C 196 -3.23 -31.44 27.48
C SER C 196 -4.62 -31.91 27.88
N ARG C 197 -4.95 -33.14 27.57
CA ARG C 197 -6.31 -33.63 27.81
C ARG C 197 -6.65 -33.65 29.29
N ALA C 198 -5.67 -34.01 30.13
CA ALA C 198 -5.90 -34.08 31.57
C ALA C 198 -6.01 -32.69 32.17
N ILE C 199 -5.15 -31.76 31.75
CA ILE C 199 -5.32 -30.37 32.19
C ILE C 199 -6.67 -29.80 31.77
N LYS C 200 -7.11 -30.09 30.54
CA LYS C 200 -8.42 -29.61 30.10
C LYS C 200 -9.52 -30.18 30.97
N TYR C 201 -9.37 -31.45 31.37
CA TYR C 201 -10.38 -32.07 32.21
C TYR C 201 -10.41 -31.40 33.57
N ILE C 202 -9.23 -31.10 34.10
CA ILE C 202 -9.13 -30.44 35.40
C ILE C 202 -9.74 -29.04 35.36
N ARG C 203 -9.40 -28.25 34.34
CA ARG C 203 -10.03 -26.94 34.27
C ARG C 203 -11.54 -27.05 34.21
N ASN C 204 -12.04 -27.94 33.37
CA ASN C 204 -13.50 -28.06 33.24
C ASN C 204 -14.14 -28.37 34.58
N TYR C 205 -13.56 -29.32 35.33
CA TYR C 205 -14.11 -29.73 36.63
C TYR C 205 -14.31 -28.53 37.55
N PHE C 206 -13.31 -27.65 37.64
CA PHE C 206 -13.42 -26.51 38.55
C PHE C 206 -14.25 -25.38 37.95
N ASP C 207 -14.18 -25.22 36.62
CA ASP C 207 -15.02 -24.23 35.96
C ASP C 207 -16.49 -24.52 36.25
N ARG C 208 -16.85 -25.80 36.21
CA ARG C 208 -18.25 -26.16 36.47
C ARG C 208 -18.66 -25.80 37.88
N LEU C 209 -17.72 -25.85 38.84
CA LEU C 209 -17.97 -25.48 40.22
C LEU C 209 -18.04 -23.98 40.44
N GLY C 210 -17.82 -23.17 39.42
CA GLY C 210 -17.91 -21.74 39.56
C GLY C 210 -16.62 -21.09 39.97
N PHE C 211 -15.49 -21.78 39.81
CA PHE C 211 -14.19 -21.20 40.15
C PHE C 211 -13.78 -20.13 39.13
N LEU C 212 -12.89 -19.26 39.55
CA LEU C 212 -12.27 -18.25 38.69
C LEU C 212 -10.79 -18.57 38.59
N GLU C 213 -10.29 -18.71 37.38
CA GLU C 213 -8.86 -18.91 37.25
C GLU C 213 -8.14 -17.58 37.29
N VAL C 214 -7.02 -17.53 38.00
CA VAL C 214 -6.32 -16.29 38.20
C VAL C 214 -4.85 -16.50 37.88
N GLU C 215 -4.13 -15.40 37.71
CA GLU C 215 -2.67 -15.40 37.66
C GLU C 215 -2.11 -14.46 38.72
N THR C 216 -1.21 -14.98 39.54
CA THR C 216 -0.52 -14.27 40.60
C THR C 216 0.98 -14.27 40.29
N PRO C 217 1.76 -13.40 40.94
CA PRO C 217 3.11 -13.12 40.42
C PRO C 217 4.08 -14.28 40.61
N MET C 218 4.87 -14.52 39.55
CA MET C 218 6.00 -15.43 39.64
C MET C 218 7.28 -14.72 40.08
N LEU C 219 7.33 -13.39 40.05
CA LEU C 219 8.41 -12.61 40.68
C LEU C 219 7.88 -12.12 42.02
N ASN C 220 8.60 -12.46 43.10
CA ASN C 220 8.17 -12.13 44.46
C ASN C 220 9.21 -11.30 45.19
N MET C 221 8.75 -10.25 45.89
CA MET C 221 9.61 -9.57 46.85
C MET C 221 10.02 -10.53 47.96
N ILE C 222 9.10 -11.37 48.42
CA ILE C 222 9.38 -12.40 49.42
C ILE C 222 8.78 -13.74 48.97
N TYR C 223 9.59 -14.79 49.01
CA TYR C 223 9.15 -16.12 48.63
C TYR C 223 8.50 -16.84 49.81
N GLY C 224 7.60 -17.77 49.51
CA GLY C 224 6.90 -18.46 50.59
C GLY C 224 5.79 -19.35 50.06
N GLY C 225 5.11 -19.97 51.01
CA GLY C 225 3.99 -20.86 50.70
C GLY C 225 4.38 -22.30 50.47
N ALA C 226 5.65 -22.66 50.71
CA ALA C 226 6.13 -24.03 50.55
C ALA C 226 7.47 -24.13 51.25
N ALA C 227 7.91 -25.37 51.45
CA ALA C 227 9.20 -25.66 52.07
C ALA C 227 10.19 -25.92 50.93
N ALA C 228 10.94 -24.90 50.55
CA ALA C 228 11.79 -24.99 49.34
C ALA C 228 12.69 -23.78 49.21
N ARG C 229 13.92 -24.01 48.68
CA ARG C 229 14.87 -22.94 48.34
C ARG C 229 14.44 -22.23 47.06
N PRO C 230 14.54 -20.91 47.01
CA PRO C 230 14.10 -20.19 45.80
C PRO C 230 15.23 -19.86 44.85
N PHE C 231 14.89 -19.61 43.58
CA PHE C 231 15.80 -18.86 42.71
C PHE C 231 15.78 -17.41 43.10
N ILE C 232 16.94 -16.75 43.00
CA ILE C 232 17.07 -15.32 43.27
C ILE C 232 17.35 -14.59 41.96
N THR C 233 16.74 -13.41 41.79
CA THR C 233 17.05 -12.57 40.65
C THR C 233 16.95 -11.12 41.09
N TYR C 234 17.00 -10.21 40.12
CA TYR C 234 17.17 -8.80 40.42
C TYR C 234 16.50 -8.01 39.31
N HIS C 235 15.81 -6.93 39.67
CA HIS C 235 15.21 -6.04 38.68
C HIS C 235 16.01 -4.74 38.62
N ASN C 236 16.62 -4.44 37.46
CA ASN C 236 17.57 -3.34 37.38
C ASN C 236 16.92 -1.99 37.65
N GLU C 237 15.80 -1.66 36.99
CA GLU C 237 15.18 -0.35 37.21
C GLU C 237 14.65 -0.21 38.64
N LEU C 238 14.00 -1.24 39.17
CA LEU C 238 13.50 -1.12 40.53
C LEU C 238 14.61 -1.21 41.57
N GLU C 239 15.82 -1.58 41.15
CA GLU C 239 16.97 -1.75 42.03
C GLU C 239 16.62 -2.63 43.22
N THR C 240 15.91 -3.70 42.96
CA THR C 240 15.54 -4.59 44.03
C THR C 240 15.68 -6.04 43.61
N GLN C 241 16.13 -6.84 44.56
CA GLN C 241 16.14 -8.27 44.44
C GLN C 241 14.72 -8.82 44.44
N LEU C 242 14.53 -9.91 43.70
CA LEU C 242 13.28 -10.64 43.64
C LEU C 242 13.59 -12.13 43.75
N TYR C 243 12.56 -12.90 44.08
CA TYR C 243 12.62 -14.36 44.10
C TYR C 243 11.67 -14.89 43.05
N MET C 244 12.02 -16.01 42.42
CA MET C 244 10.98 -16.70 41.67
C MET C 244 10.09 -17.41 42.67
N ARG C 245 8.78 -17.45 42.37
CA ARG C 245 7.86 -18.06 43.32
C ARG C 245 8.15 -19.54 43.50
N ILE C 246 8.11 -19.99 44.76
CA ILE C 246 8.09 -21.42 45.05
C ILE C 246 6.67 -21.98 45.10
N ALA C 247 5.66 -21.15 45.29
CA ALA C 247 4.25 -21.55 45.36
C ALA C 247 3.43 -20.28 45.27
N PRO C 248 2.20 -20.30 44.73
CA PRO C 248 1.35 -19.10 44.71
C PRO C 248 0.50 -18.87 45.96
N GLU C 249 0.63 -19.70 46.98
CA GLU C 249 -0.35 -19.82 48.05
C GLU C 249 -0.67 -18.50 48.74
N LEU C 250 0.36 -17.69 49.04
CA LEU C 250 0.12 -16.51 49.85
CA LEU C 250 0.13 -16.50 49.85
C LEU C 250 -0.63 -15.43 49.08
N TYR C 251 -0.42 -15.36 47.76
CA TYR C 251 -1.23 -14.41 47.00
C TYR C 251 -2.63 -14.96 46.82
N LEU C 252 -2.74 -16.26 46.53
CA LEU C 252 -4.06 -16.83 46.32
C LEU C 252 -4.95 -16.62 47.55
N LYS C 253 -4.39 -16.75 48.75
CA LYS C 253 -5.20 -16.56 49.94
C LYS C 253 -5.68 -15.12 50.08
N GLN C 254 -4.88 -14.12 49.68
CA GLN C 254 -5.36 -12.75 49.66
C GLN C 254 -6.58 -12.59 48.77
N LEU C 255 -6.69 -13.35 47.67
CA LEU C 255 -7.87 -13.24 46.82
C LEU C 255 -9.14 -13.76 47.48
N ILE C 256 -9.01 -14.64 48.45
CA ILE C 256 -10.16 -15.09 49.24
C ILE C 256 -10.54 -14.03 50.31
N VAL C 257 -9.54 -13.38 50.95
CA VAL C 257 -9.82 -12.18 51.76
C VAL C 257 -10.57 -11.14 50.91
N GLY C 258 -10.20 -11.05 49.64
CA GLY C 258 -10.82 -10.13 48.71
C GLY C 258 -12.24 -10.49 48.33
N GLY C 259 -12.70 -11.69 48.66
CA GLY C 259 -14.06 -12.09 48.36
C GLY C 259 -14.31 -12.85 47.06
N LEU C 260 -13.27 -13.16 46.28
CA LEU C 260 -13.48 -13.98 45.09
C LEU C 260 -13.96 -15.41 45.36
N ASP C 261 -13.89 -15.91 46.59
CA ASP C 261 -14.59 -17.12 47.03
C ASP C 261 -14.06 -18.45 46.48
N LYS C 262 -13.91 -18.59 45.16
CA LYS C 262 -13.35 -19.83 44.58
C LYS C 262 -12.34 -19.44 43.52
N VAL C 263 -11.03 -19.62 43.79
CA VAL C 263 -9.97 -19.30 42.84
C VAL C 263 -9.07 -20.50 42.61
N TYR C 264 -8.54 -20.62 41.38
CA TYR C 264 -7.50 -21.59 41.04
C TYR C 264 -6.48 -20.97 40.07
N GLU C 265 -5.30 -21.54 40.09
CA GLU C 265 -4.21 -21.10 39.24
C GLU C 265 -3.44 -22.36 38.87
N ILE C 266 -3.08 -22.44 37.59
CA ILE C 266 -2.31 -23.54 37.00
C ILE C 266 -1.12 -22.88 36.30
N GLY C 267 0.09 -23.13 36.80
CA GLY C 267 1.29 -22.63 36.12
C GLY C 267 2.52 -23.08 36.88
N LYS C 268 3.66 -22.58 36.48
CA LYS C 268 4.94 -23.03 37.01
C LYS C 268 5.24 -22.55 38.43
N ASN C 269 5.91 -23.41 39.17
CA ASN C 269 6.67 -23.05 40.35
C ASN C 269 8.13 -23.24 40.04
N PHE C 270 8.97 -22.56 40.80
CA PHE C 270 10.39 -22.58 40.59
C PHE C 270 11.02 -22.93 41.93
N ARG C 271 11.75 -24.03 41.98
CA ARG C 271 12.38 -24.38 43.25
C ARG C 271 13.80 -24.81 42.96
N ASN C 272 14.71 -24.37 43.82
CA ASN C 272 16.14 -24.37 43.55
C ASN C 272 16.76 -25.40 44.48
N GLU C 273 16.66 -26.67 44.07
CA GLU C 273 17.02 -27.78 44.93
C GLU C 273 17.44 -28.95 44.06
N GLY C 274 17.16 -30.18 44.48
CA GLY C 274 17.68 -31.33 43.75
C GLY C 274 16.84 -31.73 42.55
N ILE C 275 17.52 -32.25 41.54
CA ILE C 275 16.90 -32.73 40.31
C ILE C 275 17.00 -34.25 40.30
N ASP C 276 15.88 -34.93 40.07
CA ASP C 276 15.90 -36.39 40.04
C ASP C 276 14.63 -36.88 39.34
N LEU C 277 14.36 -38.18 39.44
CA LEU C 277 13.27 -38.77 38.67
C LEU C 277 11.93 -38.11 38.92
N THR C 278 11.72 -37.47 40.09
CA THR C 278 10.43 -36.82 40.32
C THR C 278 10.56 -35.34 40.63
N HIS C 279 11.69 -34.69 40.29
CA HIS C 279 11.88 -33.28 40.57
C HIS C 279 12.53 -32.61 39.37
N ASN C 280 11.90 -31.54 38.88
CA ASN C 280 12.48 -30.68 37.85
C ASN C 280 12.44 -29.27 38.38
N PRO C 281 13.45 -28.42 38.07
CA PRO C 281 13.55 -27.12 38.75
C PRO C 281 12.36 -26.22 38.50
N GLU C 282 11.66 -26.38 37.39
CA GLU C 282 10.35 -25.74 37.28
C GLU C 282 9.35 -26.86 37.02
N PHE C 283 8.21 -26.78 37.68
CA PHE C 283 7.18 -27.79 37.51
C PHE C 283 5.83 -27.11 37.49
N THR C 284 4.85 -27.77 36.90
CA THR C 284 3.52 -27.19 36.77
C THR C 284 2.67 -27.63 37.96
N ALA C 285 2.15 -26.65 38.71
CA ALA C 285 1.34 -26.85 39.88
C ALA C 285 -0.04 -26.30 39.63
N MET C 286 -1.03 -26.97 40.19
CA MET C 286 -2.34 -26.37 40.41
C MET C 286 -2.54 -26.08 41.90
N GLU C 287 -3.02 -24.88 42.23
CA GLU C 287 -3.54 -24.54 43.55
C GLU C 287 -4.97 -24.04 43.43
N PHE C 288 -5.87 -24.48 44.32
CA PHE C 288 -7.14 -23.79 44.40
C PHE C 288 -7.45 -23.45 45.84
N TYR C 289 -8.25 -22.39 46.02
CA TYR C 289 -8.73 -21.95 47.33
C TYR C 289 -10.23 -21.85 47.26
N MET C 290 -10.89 -22.45 48.24
CA MET C 290 -12.33 -22.57 48.28
C MET C 290 -12.80 -22.11 49.64
N ALA C 291 -13.41 -20.91 49.71
CA ALA C 291 -13.92 -20.43 50.98
C ALA C 291 -14.98 -21.37 51.51
N TYR C 292 -15.03 -21.48 52.85
CA TYR C 292 -15.95 -22.30 53.64
C TYR C 292 -15.71 -23.82 53.52
N ALA C 293 -14.67 -24.27 52.82
CA ALA C 293 -14.31 -25.69 52.83
C ALA C 293 -13.32 -26.00 53.96
N ASP C 294 -13.43 -27.17 54.59
CA ASP C 294 -12.34 -27.63 55.44
C ASP C 294 -11.66 -28.83 54.76
N TYR C 295 -10.61 -29.37 55.39
CA TYR C 295 -9.81 -30.40 54.72
C TYR C 295 -10.57 -31.72 54.53
N TYR C 296 -11.64 -31.96 55.26
CA TYR C 296 -12.49 -33.10 54.91
C TYR C 296 -13.17 -32.89 53.57
N ASP C 297 -13.76 -31.71 53.34
CA ASP C 297 -14.30 -31.42 52.02
C ASP C 297 -13.23 -31.61 50.95
N LEU C 298 -12.00 -31.21 51.21
CA LEU C 298 -11.02 -31.27 50.15
C LEU C 298 -10.58 -32.70 49.87
N MET C 299 -10.59 -33.57 50.88
CA MET C 299 -10.31 -34.98 50.64
C MET C 299 -11.38 -35.58 49.72
N ASP C 300 -12.65 -35.27 49.98
CA ASP C 300 -13.74 -35.76 49.13
C ASP C 300 -13.61 -35.25 47.69
N LEU C 301 -13.25 -33.98 47.54
CA LEU C 301 -13.10 -33.42 46.19
C LEU C 301 -11.92 -34.05 45.49
N THR C 302 -10.82 -34.25 46.21
CA THR C 302 -9.65 -34.87 45.60
C THR C 302 -9.99 -36.23 45.05
N GLU C 303 -10.75 -37.04 45.83
CA GLU C 303 -11.17 -38.35 45.37
C GLU C 303 -12.05 -38.27 44.13
N GLU C 304 -13.01 -37.35 44.11
CA GLU C 304 -13.95 -37.22 43.01
C GLU C 304 -13.22 -36.77 41.76
N LEU C 305 -12.42 -35.71 41.90
CA LEU C 305 -11.61 -35.19 40.81
C LEU C 305 -10.68 -36.26 40.23
N ILE C 306 -9.83 -36.85 41.07
CA ILE C 306 -8.77 -37.73 40.57
CA ILE C 306 -8.78 -37.72 40.54
C ILE C 306 -9.36 -39.02 40.02
N SER C 307 -10.28 -39.65 40.77
CA SER C 307 -10.82 -40.91 40.24
C SER C 307 -11.59 -40.68 38.93
N GLY C 308 -12.30 -39.55 38.81
CA GLY C 308 -12.99 -39.29 37.55
C GLY C 308 -12.04 -39.07 36.39
N LEU C 309 -10.90 -38.45 36.65
CA LEU C 309 -9.90 -38.33 35.61
C LEU C 309 -9.28 -39.68 35.25
N VAL C 310 -8.98 -40.51 36.25
CA VAL C 310 -8.49 -41.86 35.93
C VAL C 310 -9.53 -42.62 35.11
N LEU C 311 -10.79 -42.53 35.50
CA LEU C 311 -11.83 -43.21 34.72
C LEU C 311 -11.91 -42.66 33.28
N GLU C 312 -11.83 -41.33 33.14
CA GLU C 312 -11.87 -40.72 31.82
C GLU C 312 -10.76 -41.24 30.93
N ILE C 313 -9.55 -41.37 31.47
CA ILE C 313 -8.44 -41.78 30.63
CA ILE C 313 -8.43 -41.78 30.64
C ILE C 313 -8.41 -43.28 30.46
N HIS C 314 -8.64 -44.03 31.53
CA HIS C 314 -8.33 -45.46 31.53
C HIS C 314 -9.55 -46.38 31.43
N GLY C 315 -10.76 -45.86 31.62
CA GLY C 315 -11.97 -46.65 31.51
C GLY C 315 -12.28 -47.48 32.73
N SER C 316 -11.40 -47.47 33.72
CA SER C 316 -11.66 -48.06 35.02
C SER C 316 -10.78 -47.32 36.01
N LEU C 317 -10.89 -47.66 37.28
CA LEU C 317 -10.04 -47.06 38.30
C LEU C 317 -8.80 -47.91 38.61
N LYS C 318 -8.58 -49.00 37.89
CA LYS C 318 -7.43 -49.84 38.13
C LYS C 318 -6.52 -49.72 36.93
N ILE C 319 -5.36 -49.09 37.10
CA ILE C 319 -4.50 -48.81 35.95
C ILE C 319 -3.10 -49.39 36.12
N PRO C 320 -2.36 -49.68 35.05
CA PRO C 320 -1.05 -50.30 35.23
C PRO C 320 0.03 -49.25 35.47
N TYR C 321 1.09 -49.69 36.12
CA TYR C 321 2.26 -48.86 36.30
C TYR C 321 3.49 -49.73 36.22
N HIS C 322 4.54 -49.22 35.58
CA HIS C 322 5.80 -49.93 35.46
C HIS C 322 6.85 -49.21 36.31
N PRO C 323 7.10 -49.66 37.55
CA PRO C 323 8.04 -48.95 38.41
C PRO C 323 9.45 -48.87 37.84
N ASP C 324 9.86 -49.84 37.03
CA ASP C 324 11.26 -49.94 36.58
C ASP C 324 11.33 -49.97 35.06
N GLY C 325 10.62 -49.05 34.40
CA GLY C 325 10.57 -49.01 32.96
C GLY C 325 9.69 -50.09 32.40
N PRO C 326 9.48 -50.10 31.09
CA PRO C 326 8.58 -51.07 30.45
C PRO C 326 9.10 -52.48 30.34
N GLU C 327 10.25 -52.83 30.93
CA GLU C 327 10.67 -54.23 30.95
C GLU C 327 11.55 -54.60 32.14
N GLY C 328 11.04 -54.61 33.38
CA GLY C 328 9.73 -54.08 33.72
C GLY C 328 8.66 -55.00 34.30
N LYS C 329 8.57 -55.08 35.64
CA LYS C 329 7.37 -55.62 36.25
C LYS C 329 6.24 -54.63 36.06
N CYS C 330 5.01 -55.15 36.04
CA CYS C 330 3.83 -54.32 35.96
C CYS C 330 2.99 -54.55 37.19
N ILE C 331 2.74 -53.47 37.94
CA ILE C 331 1.87 -53.52 39.10
C ILE C 331 0.57 -52.80 38.72
N GLU C 332 -0.41 -52.88 39.62
CA GLU C 332 -1.71 -52.23 39.45
C GLU C 332 -1.93 -51.19 40.54
N ILE C 333 -2.32 -49.97 40.15
CA ILE C 333 -2.71 -48.90 41.08
C ILE C 333 -4.22 -48.81 41.09
N ASP C 334 -4.83 -48.89 42.28
CA ASP C 334 -6.28 -48.95 42.41
C ASP C 334 -6.79 -47.64 42.99
N PHE C 335 -7.55 -46.89 42.20
CA PHE C 335 -8.05 -45.58 42.62
C PHE C 335 -9.48 -45.63 43.15
N THR C 336 -10.01 -46.82 43.36
CA THR C 336 -11.31 -46.99 43.99
C THR C 336 -11.38 -46.18 45.29
N THR C 337 -12.44 -45.41 45.41
CA THR C 337 -12.67 -44.56 46.59
C THR C 337 -13.64 -45.22 47.57
N PRO C 338 -13.60 -44.84 48.87
CA PRO C 338 -12.69 -43.88 49.51
C PRO C 338 -11.28 -44.44 49.60
N TRP C 339 -10.29 -43.56 49.68
CA TRP C 339 -8.88 -43.92 49.80
C TRP C 339 -8.46 -44.13 51.25
N LYS C 340 -7.43 -44.96 51.44
CA LYS C 340 -6.80 -45.14 52.75
C LYS C 340 -6.37 -43.81 53.36
N ARG C 341 -6.57 -43.66 54.67
CA ARG C 341 -5.97 -42.60 55.46
C ARG C 341 -4.92 -43.18 56.41
N PHE C 342 -3.73 -42.60 56.43
CA PHE C 342 -2.75 -42.87 57.49
C PHE C 342 -2.56 -41.63 58.36
N SER C 343 -2.63 -41.78 59.69
CA SER C 343 -2.34 -40.68 60.59
C SER C 343 -0.83 -40.53 60.77
N PHE C 344 -0.35 -39.30 60.57
CA PHE C 344 1.08 -38.99 60.48
C PHE C 344 1.86 -39.55 61.66
N VAL C 345 1.52 -39.08 62.86
CA VAL C 345 2.29 -39.44 64.05
C VAL C 345 2.06 -40.91 64.40
N GLU C 346 0.81 -41.38 64.32
CA GLU C 346 0.53 -42.74 64.78
C GLU C 346 1.18 -43.76 63.87
N GLU C 347 1.19 -43.51 62.56
CA GLU C 347 1.85 -44.44 61.66
C GLU C 347 3.34 -44.46 61.91
N ILE C 348 3.93 -43.30 62.22
CA ILE C 348 5.34 -43.27 62.62
C ILE C 348 5.54 -44.08 63.89
N GLU C 349 4.74 -43.77 64.92
CA GLU C 349 4.87 -44.50 66.16
C GLU C 349 4.65 -45.99 65.97
N SER C 350 3.73 -46.36 65.07
CA SER C 350 3.52 -47.80 64.85
C SER C 350 4.74 -48.43 64.20
N GLY C 351 5.45 -47.67 63.35
CA GLY C 351 6.67 -48.17 62.77
C GLY C 351 7.81 -48.25 63.75
N LEU C 352 7.81 -47.38 64.77
CA LEU C 352 8.87 -47.32 65.78
C LEU C 352 8.69 -48.29 66.94
N GLY C 353 7.50 -48.84 67.14
CA GLY C 353 7.21 -49.58 68.34
C GLY C 353 7.21 -48.79 69.62
N GLU C 354 7.17 -47.46 69.54
CA GLU C 354 7.06 -46.61 70.73
C GLU C 354 6.59 -45.24 70.30
N LYS C 355 6.22 -44.42 71.28
CA LYS C 355 5.60 -43.14 71.00
C LYS C 355 6.65 -42.02 70.94
N LEU C 356 6.35 -41.00 70.13
CA LEU C 356 7.19 -39.83 70.11
C LEU C 356 6.96 -39.03 71.39
N LYS C 357 8.02 -38.37 71.87
CA LYS C 357 7.90 -37.53 73.05
C LYS C 357 7.06 -36.29 72.73
N ARG C 358 6.52 -35.67 73.79
CA ARG C 358 5.68 -34.48 73.63
C ARG C 358 6.13 -33.39 74.58
N PRO C 359 6.09 -32.12 74.13
CA PRO C 359 5.60 -31.68 72.82
C PRO C 359 6.49 -32.15 71.67
N LEU C 360 5.91 -32.32 70.48
CA LEU C 360 6.68 -32.88 69.37
C LEU C 360 7.88 -32.03 69.01
N ASP C 361 7.87 -30.73 69.34
CA ASP C 361 8.98 -29.86 69.02
C ASP C 361 9.87 -29.59 70.23
N SER C 362 9.67 -30.32 71.32
CA SER C 362 10.57 -30.16 72.45
C SER C 362 11.97 -30.65 72.08
N GLN C 363 12.97 -30.09 72.77
CA GLN C 363 14.33 -30.59 72.61
C GLN C 363 14.40 -32.08 72.93
N GLU C 364 13.63 -32.54 73.93
CA GLU C 364 13.57 -33.97 74.25
C GLU C 364 13.11 -34.81 73.04
N ASN C 365 12.02 -34.42 72.37
CA ASN C 365 11.61 -35.21 71.20
C ASN C 365 12.59 -35.06 70.05
N ILE C 366 13.15 -33.87 69.86
CA ILE C 366 14.17 -33.69 68.83
C ILE C 366 15.32 -34.66 69.04
N ASP C 367 15.86 -34.69 70.27
CA ASP C 367 16.92 -35.65 70.56
C ASP C 367 16.43 -37.08 70.33
N PHE C 368 15.17 -37.35 70.69
CA PHE C 368 14.66 -38.71 70.53
C PHE C 368 14.59 -39.12 69.07
N MET C 369 14.12 -38.21 68.21
CA MET C 369 13.99 -38.56 66.80
C MET C 369 15.36 -38.76 66.17
N VAL C 370 16.38 -38.03 66.63
CA VAL C 370 17.73 -38.30 66.15
C VAL C 370 18.14 -39.71 66.51
N GLU C 371 17.89 -40.11 67.75
CA GLU C 371 18.24 -41.48 68.14
C GLU C 371 17.49 -42.49 67.29
N MET C 372 16.27 -42.15 66.85
CA MET C 372 15.48 -43.13 66.12
C MET C 372 15.96 -43.25 64.69
N CYS C 373 16.14 -42.09 64.03
CA CYS C 373 16.79 -42.07 62.73
C CYS C 373 18.06 -42.90 62.73
N GLU C 374 18.86 -42.81 63.79
CA GLU C 374 20.14 -43.52 63.74
C GLU C 374 19.97 -45.02 63.92
N LYS C 375 19.06 -45.44 64.81
CA LYS C 375 18.76 -46.87 64.95
C LYS C 375 18.17 -47.44 63.66
N HIS C 376 17.26 -46.72 63.01
CA HIS C 376 16.66 -47.19 61.78
C HIS C 376 17.42 -46.74 60.53
N GLU C 377 18.67 -46.30 60.68
CA GLU C 377 19.55 -45.97 59.56
C GLU C 377 18.91 -45.00 58.58
N ILE C 378 18.17 -44.03 59.11
CA ILE C 378 17.59 -42.97 58.29
C ILE C 378 18.59 -41.82 58.21
N GLU C 379 18.96 -41.44 56.99
CA GLU C 379 19.84 -40.28 56.83
C GLU C 379 19.27 -39.07 57.56
N LEU C 380 20.13 -38.40 58.35
CA LEU C 380 19.67 -37.27 59.16
C LEU C 380 19.55 -36.03 58.30
N PRO C 381 18.53 -35.20 58.55
CA PRO C 381 18.41 -33.94 57.84
C PRO C 381 19.38 -32.92 58.42
N HIS C 382 19.58 -31.85 57.67
CA HIS C 382 20.23 -30.66 58.19
C HIS C 382 19.49 -29.40 57.80
N PRO C 383 19.20 -28.53 58.80
CA PRO C 383 19.48 -28.74 60.22
C PRO C 383 18.52 -29.75 60.88
N ARG C 384 18.78 -30.17 62.12
CA ARG C 384 17.94 -31.17 62.76
C ARG C 384 16.78 -30.51 63.55
N THR C 385 15.93 -29.77 62.82
CA THR C 385 14.71 -29.24 63.40
C THR C 385 13.69 -30.35 63.61
N ALA C 386 12.74 -30.10 64.52
CA ALA C 386 11.68 -31.09 64.78
C ALA C 386 10.91 -31.42 63.52
N ALA C 387 10.63 -30.40 62.69
CA ALA C 387 9.83 -30.57 61.48
C ALA C 387 10.57 -31.41 60.45
N LYS C 388 11.88 -31.23 60.32
CA LYS C 388 12.62 -31.98 59.33
C LYS C 388 12.87 -33.41 59.78
N LEU C 389 13.07 -33.64 61.09
CA LEU C 389 13.19 -35.01 61.57
C LEU C 389 11.88 -35.76 61.45
N LEU C 390 10.76 -35.08 61.73
CA LEU C 390 9.44 -35.72 61.58
C LEU C 390 9.23 -36.13 60.12
N ASP C 391 9.69 -35.29 59.20
CA ASP C 391 9.56 -35.57 57.77
C ASP C 391 10.41 -36.78 57.36
N LYS C 392 11.63 -36.88 57.88
CA LYS C 392 12.46 -38.06 57.58
C LYS C 392 11.79 -39.34 58.06
N LEU C 393 11.24 -39.32 59.26
CA LEU C 393 10.53 -40.47 59.81
C LEU C 393 9.30 -40.83 58.98
N ALA C 394 8.48 -39.83 58.62
CA ALA C 394 7.34 -40.09 57.76
C ALA C 394 7.77 -40.71 56.44
N GLY C 395 8.85 -40.20 55.86
CA GLY C 395 9.31 -40.75 54.61
C GLY C 395 9.72 -42.20 54.77
N HIS C 396 10.26 -42.56 55.92
CA HIS C 396 10.78 -43.91 56.07
C HIS C 396 9.69 -44.93 56.39
N PHE C 397 8.69 -44.53 57.18
CA PHE C 397 7.72 -45.45 57.77
C PHE C 397 6.32 -45.33 57.22
N VAL C 398 5.98 -44.23 56.57
CA VAL C 398 4.61 -43.92 56.23
C VAL C 398 4.43 -43.78 54.73
N GLU C 399 5.33 -43.05 54.08
CA GLU C 399 5.23 -42.82 52.65
C GLU C 399 5.45 -44.11 51.87
N THR C 400 6.25 -45.02 52.40
CA THR C 400 6.51 -46.33 51.81
C THR C 400 5.33 -47.28 51.87
N LYS C 401 4.24 -46.93 52.56
CA LYS C 401 3.03 -47.74 52.52
C LYS C 401 2.04 -47.26 51.46
N CYS C 402 2.25 -46.05 50.94
CA CYS C 402 1.28 -45.43 50.04
C CYS C 402 1.51 -45.88 48.60
N THR C 403 1.13 -47.14 48.32
CA THR C 403 1.14 -47.67 46.95
C THR C 403 -0.06 -47.15 46.17
N ASN C 404 -1.25 -47.66 46.48
CA ASN C 404 -2.47 -47.04 46.02
C ASN C 404 -2.58 -45.62 46.59
N PRO C 405 -3.30 -44.73 45.91
CA PRO C 405 -3.51 -43.40 46.47
C PRO C 405 -3.96 -43.47 47.90
N SER C 406 -3.20 -42.81 48.75
CA SER C 406 -3.44 -42.79 50.18
C SER C 406 -3.25 -41.38 50.70
N PHE C 407 -4.03 -41.02 51.71
CA PHE C 407 -3.89 -39.72 52.37
C PHE C 407 -3.07 -39.91 53.64
N ILE C 408 -1.95 -39.19 53.78
CA ILE C 408 -1.31 -39.03 55.09
C ILE C 408 -1.90 -37.78 55.71
N ILE C 409 -2.37 -37.86 56.95
CA ILE C 409 -3.19 -36.78 57.48
C ILE C 409 -2.66 -36.35 58.83
N ASP C 410 -3.10 -35.15 59.23
CA ASP C 410 -3.02 -34.64 60.60
C ASP C 410 -1.57 -34.34 60.99
N HIS C 411 -0.88 -33.65 60.09
CA HIS C 411 0.53 -33.35 60.25
C HIS C 411 0.75 -32.46 61.47
N PRO C 412 1.84 -32.68 62.20
CA PRO C 412 2.22 -31.79 63.29
C PRO C 412 2.28 -30.34 62.85
N GLN C 413 1.83 -29.44 63.73
CA GLN C 413 1.85 -28.02 63.44
C GLN C 413 3.25 -27.53 63.11
N THR C 414 4.25 -28.02 63.85
CA THR C 414 5.62 -27.55 63.70
C THR C 414 6.13 -27.71 62.25
N MET C 415 5.56 -28.61 61.47
CA MET C 415 5.99 -28.76 60.09
C MET C 415 4.96 -28.19 59.11
N SER C 416 3.97 -27.44 59.63
CA SER C 416 2.79 -27.03 58.86
C SER C 416 2.41 -25.61 59.24
N PRO C 417 3.34 -24.65 59.03
CA PRO C 417 3.13 -23.29 59.56
C PRO C 417 1.93 -22.56 58.99
N LEU C 418 1.38 -23.00 57.84
CA LEU C 418 0.24 -22.35 57.24
C LEU C 418 -1.06 -23.13 57.42
N ALA C 419 -1.01 -24.26 58.09
CA ALA C 419 -2.20 -25.08 58.28
C ALA C 419 -2.85 -24.78 59.62
N LYS C 420 -4.17 -24.79 59.64
CA LYS C 420 -4.91 -24.48 60.85
C LYS C 420 -4.81 -25.63 61.83
N TRP C 421 -4.82 -25.28 63.12
CA TRP C 421 -4.71 -26.27 64.18
C TRP C 421 -5.86 -27.25 64.07
N HIS C 422 -5.57 -28.50 64.37
CA HIS C 422 -6.59 -29.53 64.34
C HIS C 422 -7.64 -29.29 65.42
N ARG C 423 -8.92 -29.39 65.03
CA ARG C 423 -10.01 -29.12 65.96
C ARG C 423 -10.10 -30.15 67.09
N GLU C 424 -9.55 -31.35 66.91
CA GLU C 424 -9.61 -32.33 67.98
C GLU C 424 -8.26 -32.73 68.55
N LYS C 425 -7.18 -32.56 67.79
CA LYS C 425 -5.91 -33.19 68.14
C LYS C 425 -4.84 -32.14 68.44
N PRO C 426 -4.40 -32.03 69.69
CA PRO C 426 -3.38 -31.06 70.06
C PRO C 426 -2.10 -31.27 69.29
N GLU C 427 -1.49 -30.14 68.88
CA GLU C 427 -0.19 -30.12 68.21
C GLU C 427 -0.30 -30.49 66.74
N MET C 428 -1.48 -30.97 66.31
CA MET C 428 -1.61 -31.37 64.92
C MET C 428 -2.32 -30.26 64.14
N THR C 429 -2.47 -30.50 62.83
CA THR C 429 -3.17 -29.58 61.94
C THR C 429 -4.12 -30.34 61.04
N GLU C 430 -5.04 -29.59 60.41
CA GLU C 430 -6.03 -30.15 59.51
C GLU C 430 -5.44 -30.17 58.11
N ARG C 431 -4.51 -31.12 57.93
CA ARG C 431 -3.70 -31.18 56.73
C ARG C 431 -3.73 -32.58 56.18
N PHE C 432 -3.54 -32.71 54.87
CA PHE C 432 -3.25 -34.01 54.28
C PHE C 432 -2.26 -33.88 53.14
N GLU C 433 -1.61 -35.00 52.84
CA GLU C 433 -0.85 -35.14 51.63
C GLU C 433 -1.39 -36.38 50.90
N LEU C 434 -1.55 -36.26 49.60
CA LEU C 434 -1.90 -37.42 48.81
C LEU C 434 -0.61 -38.07 48.30
N PHE C 435 -0.43 -39.34 48.60
CA PHE C 435 0.67 -40.12 48.04
C PHE C 435 0.16 -41.22 47.13
N VAL C 436 0.85 -41.40 46.01
CA VAL C 436 0.65 -42.53 45.10
C VAL C 436 1.99 -43.18 44.78
N LEU C 437 2.09 -44.48 45.00
CA LEU C 437 3.36 -45.18 44.85
C LEU C 437 4.46 -44.47 45.65
N GLY C 438 4.14 -44.07 46.89
CA GLY C 438 5.15 -43.40 47.68
C GLY C 438 5.67 -42.08 47.14
N LYS C 439 4.91 -41.39 46.27
CA LYS C 439 5.29 -40.07 45.73
C LYS C 439 4.17 -39.07 45.99
N GLU C 440 4.54 -37.88 46.42
CA GLU C 440 3.54 -36.88 46.82
C GLU C 440 2.82 -36.31 45.59
N LEU C 441 1.48 -36.39 45.58
CA LEU C 441 0.66 -35.82 44.50
C LEU C 441 -0.06 -34.54 44.90
N CYS C 442 -0.54 -34.47 46.13
CA CYS C 442 -1.28 -33.29 46.57
C CYS C 442 -0.83 -32.94 47.97
N ASN C 443 -1.09 -31.69 48.35
CA ASN C 443 -0.83 -31.14 49.66
C ASN C 443 -1.95 -30.12 49.91
N ALA C 444 -2.65 -30.27 51.04
CA ALA C 444 -3.82 -29.44 51.28
C ALA C 444 -4.08 -29.34 52.77
N TYR C 445 -4.86 -28.31 53.15
CA TYR C 445 -5.25 -28.18 54.53
C TYR C 445 -6.39 -27.16 54.68
N THR C 446 -7.13 -27.27 55.79
CA THR C 446 -7.85 -26.12 56.37
C THR C 446 -6.86 -24.97 56.59
N GLU C 447 -7.10 -23.81 55.97
CA GLU C 447 -6.14 -22.70 56.00
C GLU C 447 -6.11 -21.99 57.34
N LEU C 448 -4.91 -21.71 57.84
CA LEU C 448 -4.78 -20.92 59.06
C LEU C 448 -5.27 -19.51 58.78
N ASN C 449 -6.25 -19.04 59.56
CA ASN C 449 -6.81 -17.70 59.34
C ASN C 449 -6.75 -16.86 60.60
N GLU C 450 -5.96 -17.30 61.59
CA GLU C 450 -5.85 -16.58 62.86
C GLU C 450 -4.48 -15.89 62.90
N PRO C 451 -4.44 -14.55 62.87
CA PRO C 451 -3.19 -13.84 62.52
C PRO C 451 -2.11 -13.90 63.59
N LEU C 452 -2.48 -13.97 64.85
CA LEU C 452 -1.49 -14.07 65.94
CA LEU C 452 -1.48 -14.05 65.92
C LEU C 452 -0.64 -15.32 65.78
N GLN C 453 -1.29 -16.50 65.75
CA GLN C 453 -0.55 -17.74 65.54
C GLN C 453 0.19 -17.74 64.20
N GLN C 454 -0.42 -17.22 63.13
CA GLN C 454 0.31 -17.19 61.86
C GLN C 454 1.64 -16.45 62.01
N ARG C 455 1.64 -15.34 62.73
CA ARG C 455 2.88 -14.60 62.89
C ARG C 455 3.88 -15.36 63.77
N LYS C 456 3.38 -16.07 64.79
CA LYS C 456 4.26 -16.88 65.61
C LYS C 456 4.90 -17.98 64.76
N PHE C 457 4.10 -18.64 63.93
CA PHE C 457 4.64 -19.73 63.13
C PHE C 457 5.64 -19.21 62.10
N PHE C 458 5.37 -18.04 61.52
CA PHE C 458 6.34 -17.41 60.63
C PHE C 458 7.65 -17.12 61.37
N GLU C 459 7.56 -16.64 62.62
CA GLU C 459 8.77 -16.36 63.39
C GLU C 459 9.58 -17.63 63.63
N GLN C 460 8.91 -18.75 63.89
CA GLN C 460 9.65 -19.99 64.09
C GLN C 460 10.28 -20.47 62.79
N GLN C 461 9.66 -20.16 61.66
CA GLN C 461 10.25 -20.47 60.35
CA GLN C 461 10.27 -20.50 60.37
C GLN C 461 11.50 -19.63 60.11
N ALA C 462 11.46 -18.35 60.48
CA ALA C 462 12.64 -17.50 60.32
C ALA C 462 13.76 -17.95 61.22
N ASP C 463 13.44 -18.51 62.40
CA ASP C 463 14.47 -19.10 63.24
C ASP C 463 15.06 -20.34 62.59
N ALA C 464 14.21 -21.18 62.00
CA ALA C 464 14.68 -22.27 61.15
C ALA C 464 15.63 -21.76 60.07
N LYS C 465 15.21 -20.72 59.36
CA LYS C 465 15.99 -20.25 58.22
C LYS C 465 17.35 -19.74 58.69
N ALA C 466 17.36 -19.02 59.80
CA ALA C 466 18.59 -18.51 60.37
C ALA C 466 19.53 -19.62 60.85
N SER C 467 18.99 -20.81 61.18
CA SER C 467 19.78 -21.94 61.63
CA SER C 467 19.79 -21.93 61.63
C SER C 467 20.36 -22.79 60.50
N GLY C 468 20.08 -22.44 59.24
CA GLY C 468 20.59 -23.16 58.08
C GLY C 468 19.54 -23.87 57.24
N ASP C 469 18.28 -23.85 57.63
CA ASP C 469 17.24 -24.57 56.89
C ASP C 469 16.93 -23.81 55.61
N VAL C 470 17.45 -24.29 54.47
CA VAL C 470 17.24 -23.56 53.23
C VAL C 470 15.81 -23.67 52.74
N GLU C 471 14.99 -24.51 53.35
CA GLU C 471 13.60 -24.64 52.92
C GLU C 471 12.63 -23.84 53.78
N ALA C 472 13.12 -23.18 54.83
CA ALA C 472 12.29 -22.28 55.64
C ALA C 472 12.18 -20.91 54.99
N CYS C 473 11.02 -20.32 55.09
CA CYS C 473 10.66 -19.06 54.44
C CYS C 473 10.71 -17.89 55.42
N PRO C 474 11.03 -16.69 54.94
CA PRO C 474 11.04 -15.51 55.81
C PRO C 474 9.63 -14.99 56.02
N ILE C 475 9.49 -14.13 57.05
CA ILE C 475 8.19 -13.58 57.43
C ILE C 475 7.67 -12.65 56.32
N ASP C 476 6.41 -12.82 55.95
CA ASP C 476 5.78 -11.97 54.94
C ASP C 476 4.79 -11.04 55.62
N GLU C 477 5.23 -9.82 55.91
CA GLU C 477 4.35 -8.86 56.58
C GLU C 477 3.12 -8.52 55.74
N THR C 478 3.24 -8.54 54.41
CA THR C 478 2.07 -8.20 53.60
C THR C 478 0.98 -9.23 53.78
N PHE C 479 1.37 -10.50 53.95
CA PHE C 479 0.39 -11.56 54.11
C PHE C 479 -0.27 -11.48 55.48
N CYS C 480 0.52 -11.19 56.52
CA CYS C 480 -0.03 -11.02 57.85
C CYS C 480 -1.05 -9.90 57.87
N LEU C 481 -0.75 -8.83 57.15
CA LEU C 481 -1.69 -7.71 57.09
C LEU C 481 -2.97 -8.12 56.38
N ALA C 482 -2.88 -8.97 55.35
CA ALA C 482 -4.10 -9.44 54.69
C ALA C 482 -4.92 -10.30 55.63
N LEU C 483 -4.26 -11.14 56.42
CA LEU C 483 -4.99 -11.97 57.39
C LEU C 483 -5.70 -11.09 58.40
N GLU C 484 -5.06 -9.99 58.80
CA GLU C 484 -5.72 -9.06 59.73
C GLU C 484 -6.96 -8.43 59.12
N HIS C 485 -7.24 -8.65 57.83
CA HIS C 485 -8.46 -8.13 57.23
C HIS C 485 -9.56 -9.18 57.15
N GLY C 486 -9.30 -10.39 57.64
CA GLY C 486 -10.31 -11.44 57.72
C GLY C 486 -10.25 -12.42 56.57
N LEU C 487 -9.45 -13.47 56.68
CA LEU C 487 -9.57 -14.59 55.76
C LEU C 487 -10.74 -15.45 56.22
N PRO C 488 -11.78 -15.62 55.41
CA PRO C 488 -12.88 -16.53 55.77
C PRO C 488 -12.33 -17.92 56.04
N PRO C 489 -13.03 -18.73 56.82
CA PRO C 489 -12.69 -20.16 56.87
C PRO C 489 -12.57 -20.70 55.44
N THR C 490 -11.45 -21.38 55.17
CA THR C 490 -11.08 -21.70 53.80
C THR C 490 -10.30 -23.03 53.77
N GLY C 491 -10.48 -23.77 52.68
CA GLY C 491 -9.64 -24.92 52.41
C GLY C 491 -8.88 -24.71 51.12
N GLY C 492 -7.57 -24.99 51.12
CA GLY C 492 -6.74 -24.83 49.95
C GLY C 492 -5.95 -26.11 49.67
N TRP C 493 -5.38 -26.17 48.47
CA TRP C 493 -4.98 -27.47 47.91
C TRP C 493 -3.99 -27.23 46.80
N GLY C 494 -2.98 -28.10 46.72
CA GLY C 494 -2.04 -28.04 45.63
C GLY C 494 -1.86 -29.43 45.03
N LEU C 495 -1.60 -29.45 43.74
CA LEU C 495 -1.42 -30.70 42.98
C LEU C 495 -0.20 -30.56 42.11
N GLY C 496 0.62 -31.62 42.08
CA GLY C 496 1.74 -31.59 41.18
C GLY C 496 1.30 -32.19 39.87
N ILE C 497 1.07 -31.35 38.84
CA ILE C 497 0.51 -31.85 37.57
CA ILE C 497 0.50 -31.87 37.60
C ILE C 497 1.45 -32.84 36.90
N ASP C 498 2.76 -32.52 36.86
CA ASP C 498 3.67 -33.43 36.15
C ASP C 498 3.64 -34.81 36.76
N ARG C 499 3.58 -34.89 38.09
CA ARG C 499 3.57 -36.19 38.75
C ARG C 499 2.27 -36.92 38.47
N LEU C 500 1.17 -36.20 38.42
CA LEU C 500 -0.08 -36.80 38.01
C LEU C 500 0.07 -37.41 36.63
N ILE C 501 0.71 -36.68 35.70
CA ILE C 501 0.80 -37.18 34.34
C ILE C 501 1.66 -38.44 34.32
N MET C 502 2.69 -38.51 35.16
CA MET C 502 3.51 -39.72 35.22
C MET C 502 2.67 -40.95 35.48
N PHE C 503 1.72 -40.84 36.40
CA PHE C 503 0.88 -41.98 36.73
C PHE C 503 -0.13 -42.25 35.64
N LEU C 504 -0.78 -41.21 35.09
CA LEU C 504 -1.78 -41.45 34.04
C LEU C 504 -1.15 -42.03 32.78
N ALA C 505 0.10 -41.65 32.47
CA ALA C 505 0.78 -42.11 31.26
C ALA C 505 1.70 -43.30 31.51
N ASP C 506 1.85 -43.75 32.76
CA ASP C 506 2.80 -44.82 33.12
C ASP C 506 4.22 -44.47 32.66
N LYS C 507 4.74 -43.43 33.30
CA LYS C 507 6.11 -42.99 33.14
C LYS C 507 6.76 -42.91 34.51
N ASN C 508 7.99 -43.39 34.62
CA ASN C 508 8.67 -43.36 35.91
C ASN C 508 9.76 -42.32 35.97
N ASN C 509 9.83 -41.41 35.00
CA ASN C 509 10.80 -40.32 34.97
C ASN C 509 10.05 -39.04 34.62
N ILE C 510 10.15 -38.03 35.47
CA ILE C 510 9.49 -36.76 35.17
C ILE C 510 10.03 -36.17 33.87
N LYS C 511 11.19 -36.60 33.38
CA LYS C 511 11.64 -36.05 32.11
C LYS C 511 10.77 -36.52 30.94
N GLU C 512 9.96 -37.55 31.12
CA GLU C 512 9.09 -38.04 30.04
C GLU C 512 7.87 -37.19 29.82
N VAL C 513 7.47 -36.36 30.79
CA VAL C 513 6.21 -35.63 30.74
C VAL C 513 6.41 -34.13 30.67
N ILE C 514 7.65 -33.67 30.53
CA ILE C 514 8.01 -32.27 30.35
C ILE C 514 8.75 -32.18 29.02
N LEU C 515 8.32 -31.25 28.15
CA LEU C 515 8.86 -31.29 26.78
C LEU C 515 10.37 -31.07 26.80
N PHE C 516 10.82 -30.07 27.53
CA PHE C 516 12.23 -29.69 27.55
C PHE C 516 12.71 -29.74 28.98
N PRO C 517 12.93 -30.93 29.53
CA PRO C 517 13.30 -31.00 30.95
C PRO C 517 14.71 -30.45 31.16
N ALA C 518 15.03 -30.15 32.42
CA ALA C 518 16.37 -29.66 32.75
C ALA C 518 17.39 -30.77 32.66
N MET C 519 18.51 -30.49 31.97
CA MET C 519 19.53 -31.50 31.69
C MET C 519 20.89 -30.97 32.15
N ARG C 520 21.73 -31.88 32.64
CA ARG C 520 23.03 -31.51 33.18
C ARG C 520 24.07 -31.35 32.07
N SER D 21 -3.01 1.91 64.77
CA SER D 21 -4.22 2.36 65.44
C SER D 21 -4.54 1.51 66.66
N HIS D 22 -5.23 2.10 67.63
CA HIS D 22 -5.67 1.33 68.78
C HIS D 22 -6.81 0.39 68.42
N TYR D 23 -7.50 0.62 67.30
CA TYR D 23 -8.55 -0.28 66.88
C TYR D 23 -8.04 -1.70 66.75
N THR D 24 -6.89 -1.86 66.09
CA THR D 24 -6.34 -3.20 65.88
C THR D 24 -5.98 -3.87 67.21
N ASP D 25 -5.20 -3.19 68.04
CA ASP D 25 -4.89 -3.69 69.39
C ASP D 25 -6.14 -4.03 70.18
N ASN D 26 -7.15 -3.16 70.16
CA ASN D 26 -8.41 -3.49 70.83
C ASN D 26 -9.00 -4.77 70.29
N ARG D 27 -8.96 -4.96 68.97
CA ARG D 27 -9.63 -6.11 68.40
C ARG D 27 -8.85 -7.38 68.71
N TYR D 28 -7.52 -7.31 68.71
CA TYR D 28 -6.73 -8.45 69.20
C TYR D 28 -7.14 -8.77 70.63
N LYS D 29 -7.37 -7.73 71.43
CA LYS D 29 -7.72 -7.90 72.83
C LYS D 29 -9.10 -8.55 72.96
N MET D 30 -10.04 -8.16 72.11
CA MET D 30 -11.36 -8.75 72.17
C MET D 30 -11.27 -10.22 71.87
N MET D 31 -10.42 -10.58 70.91
CA MET D 31 -10.34 -11.96 70.50
C MET D 31 -9.71 -12.82 71.57
N GLU D 32 -8.73 -12.28 72.30
CA GLU D 32 -8.16 -13.03 73.42
C GLU D 32 -9.20 -13.27 74.50
N CYS D 33 -9.99 -12.25 74.81
N CYS D 33 -10.01 -12.25 74.82
CA CYS D 33 -11.09 -12.39 75.75
CA CYS D 33 -11.08 -12.45 75.79
C CYS D 33 -12.06 -13.48 75.30
C CYS D 33 -12.07 -13.50 75.31
N ILE D 34 -12.49 -13.41 74.05
CA ILE D 34 -13.35 -14.44 73.48
C ILE D 34 -12.73 -15.82 73.60
N LYS D 35 -11.42 -15.92 73.32
CA LYS D 35 -10.73 -17.20 73.43
C LYS D 35 -10.76 -17.73 74.87
N ASP D 36 -10.47 -16.87 75.85
CA ASP D 36 -10.38 -17.30 77.24
C ASP D 36 -11.74 -17.63 77.84
N ALA D 37 -12.81 -16.95 77.39
CA ALA D 37 -14.16 -17.20 77.89
C ALA D 37 -14.79 -18.47 77.31
N GLY D 38 -14.11 -19.15 76.38
CA GLY D 38 -14.66 -20.32 75.76
C GLY D 38 -15.69 -20.05 74.69
N ARG D 39 -15.83 -18.79 74.27
CA ARG D 39 -16.78 -18.45 73.22
C ARG D 39 -16.18 -18.80 71.86
N PRO D 40 -17.02 -18.89 70.80
CA PRO D 40 -16.50 -19.30 69.50
C PRO D 40 -15.30 -18.48 69.07
N PHE D 41 -14.20 -19.19 68.79
CA PHE D 41 -12.90 -18.59 68.46
C PHE D 41 -12.43 -19.20 67.14
N TYR D 42 -12.64 -18.47 66.00
CA TYR D 42 -12.25 -18.95 64.68
C TYR D 42 -12.74 -20.36 64.39
N PRO D 43 -14.04 -20.56 64.26
CA PRO D 43 -14.55 -21.93 64.03
C PRO D 43 -14.00 -22.50 62.73
N HIS D 44 -13.75 -23.80 62.76
CA HIS D 44 -13.08 -24.45 61.64
C HIS D 44 -13.97 -24.57 60.41
N LYS D 45 -15.26 -24.85 60.61
CA LYS D 45 -16.19 -25.14 59.53
C LYS D 45 -17.55 -24.53 59.85
N PHE D 46 -18.08 -23.72 58.93
CA PHE D 46 -19.45 -23.22 58.98
C PHE D 46 -20.17 -23.75 57.75
N LYS D 47 -21.26 -24.48 57.96
CA LYS D 47 -21.96 -25.17 56.87
C LYS D 47 -23.07 -24.26 56.39
N ILE D 48 -22.90 -23.64 55.22
CA ILE D 48 -23.95 -22.77 54.68
C ILE D 48 -25.05 -23.64 54.07
N SER D 49 -26.29 -23.20 54.21
CA SER D 49 -27.39 -23.91 53.57
C SER D 49 -27.38 -23.72 52.07
N MET D 50 -26.85 -22.59 51.60
CA MET D 50 -26.85 -22.25 50.18
C MET D 50 -26.08 -20.94 50.09
N SER D 51 -25.68 -20.60 48.87
CA SER D 51 -24.97 -19.35 48.65
C SER D 51 -25.92 -18.15 48.75
N LEU D 52 -25.34 -16.97 48.88
CA LEU D 52 -26.19 -15.77 48.83
C LEU D 52 -26.85 -15.59 47.47
N PRO D 53 -26.18 -15.81 46.33
CA PRO D 53 -26.94 -15.83 45.05
C PRO D 53 -28.08 -16.84 45.04
N ALA D 54 -27.84 -18.06 45.55
CA ALA D 54 -28.91 -19.06 45.55
C ALA D 54 -30.05 -18.63 46.44
N TYR D 55 -29.72 -18.03 47.59
CA TYR D 55 -30.74 -17.51 48.47
C TYR D 55 -31.55 -16.42 47.77
N ALA D 56 -30.86 -15.42 47.20
CA ALA D 56 -31.57 -14.35 46.51
C ALA D 56 -32.45 -14.89 45.40
N LEU D 57 -31.97 -15.93 44.70
CA LEU D 57 -32.72 -16.48 43.59
C LEU D 57 -33.96 -17.24 44.06
N LYS D 58 -33.91 -17.84 45.24
CA LYS D 58 -35.03 -18.62 45.72
C LYS D 58 -36.09 -17.80 46.43
N TYR D 59 -35.70 -16.82 47.25
CA TYR D 59 -36.67 -16.04 48.05
C TYR D 59 -36.87 -14.61 47.56
N GLY D 60 -36.13 -14.15 46.55
CA GLY D 60 -36.22 -12.77 46.13
C GLY D 60 -37.56 -12.35 45.57
N ASN D 61 -38.39 -13.29 45.11
CA ASN D 61 -39.66 -12.94 44.48
C ASN D 61 -40.87 -13.23 45.35
N VAL D 62 -40.67 -13.44 46.66
CA VAL D 62 -41.77 -13.67 47.60
C VAL D 62 -42.39 -12.33 48.00
N GLU D 63 -43.52 -12.36 48.71
CA GLU D 63 -44.26 -11.12 48.99
C GLU D 63 -43.57 -10.31 50.09
N ASN D 64 -43.76 -8.99 50.04
CA ASN D 64 -43.22 -8.13 51.09
C ASN D 64 -43.76 -8.58 52.45
N GLY D 65 -42.86 -8.68 53.43
CA GLY D 65 -43.26 -9.16 54.74
C GLY D 65 -43.39 -10.66 54.88
N TYR D 66 -43.15 -11.43 53.82
CA TYR D 66 -43.18 -12.89 53.94
C TYR D 66 -42.13 -13.39 54.92
N ILE D 67 -42.48 -14.48 55.63
CA ILE D 67 -41.51 -15.20 56.44
C ILE D 67 -41.96 -16.65 56.54
N ASP D 68 -40.98 -17.57 56.48
CA ASP D 68 -41.22 -19.00 56.64
C ASP D 68 -40.52 -19.47 57.91
N LYS D 69 -41.23 -19.41 59.04
CA LYS D 69 -40.61 -19.86 60.28
C LYS D 69 -40.48 -21.39 60.37
N ASP D 70 -40.90 -22.12 59.34
CA ASP D 70 -40.73 -23.58 59.32
C ASP D 70 -39.40 -24.01 58.70
N THR D 71 -38.63 -23.07 58.17
CA THR D 71 -37.39 -23.37 57.48
C THR D 71 -36.25 -22.60 58.14
N THR D 72 -35.19 -23.30 58.51
CA THR D 72 -34.06 -22.67 59.20
C THR D 72 -32.83 -22.82 58.31
N LEU D 73 -32.21 -21.70 57.96
CA LEU D 73 -31.09 -21.70 57.05
C LEU D 73 -29.87 -21.08 57.74
N SER D 74 -28.70 -21.38 57.17
CA SER D 74 -27.43 -20.77 57.56
C SER D 74 -26.84 -20.05 56.36
N LEU D 75 -26.56 -18.75 56.52
CA LEU D 75 -25.91 -17.96 55.49
C LEU D 75 -24.62 -17.38 56.04
N SER D 76 -23.73 -16.97 55.15
CA SER D 76 -22.52 -16.30 55.61
C SER D 76 -21.99 -15.35 54.54
N GLY D 77 -21.28 -14.34 55.00
CA GLY D 77 -20.65 -13.38 54.11
C GLY D 77 -19.87 -12.39 54.96
N ARG D 78 -19.39 -11.31 54.31
CA ARG D 78 -18.69 -10.25 55.01
C ARG D 78 -19.68 -9.16 55.40
N VAL D 79 -19.57 -8.66 56.62
CA VAL D 79 -20.48 -7.59 57.06
C VAL D 79 -20.09 -6.28 56.37
N THR D 80 -21.03 -5.72 55.60
CA THR D 80 -20.81 -4.41 55.02
C THR D 80 -21.56 -3.31 55.77
N SER D 81 -22.49 -3.67 56.65
CA SER D 81 -23.20 -2.65 57.38
C SER D 81 -23.75 -3.24 58.66
N ILE D 82 -23.75 -2.43 59.72
CA ILE D 82 -24.45 -2.71 60.96
C ILE D 82 -25.18 -1.45 61.33
N ARG D 83 -26.47 -1.57 61.63
CA ARG D 83 -27.25 -0.44 62.15
C ARG D 83 -28.12 -0.99 63.26
N SER D 84 -27.85 -0.56 64.50
CA SER D 84 -28.74 -0.82 65.64
C SER D 84 -29.85 0.22 65.62
N SER D 85 -30.97 -0.13 65.00
CA SER D 85 -32.09 0.81 64.94
C SER D 85 -32.63 1.11 66.31
N SER D 86 -32.72 0.10 67.17
CA SER D 86 -33.31 0.24 68.49
C SER D 86 -32.57 -0.70 69.43
N SER D 87 -32.91 -0.63 70.71
CA SER D 87 -32.29 -1.52 71.69
C SER D 87 -32.59 -3.00 71.44
N LYS D 88 -33.54 -3.32 70.56
CA LYS D 88 -33.97 -4.70 70.35
C LYS D 88 -33.74 -5.21 68.94
N LEU D 89 -33.25 -4.37 68.03
CA LEU D 89 -33.21 -4.69 66.62
C LEU D 89 -31.89 -4.23 66.03
N ILE D 90 -31.20 -5.15 65.35
CA ILE D 90 -29.97 -4.85 64.63
C ILE D 90 -30.17 -5.28 63.18
N PHE D 91 -29.77 -4.42 62.24
CA PHE D 91 -29.86 -4.67 60.81
C PHE D 91 -28.45 -4.80 60.27
N TYR D 92 -28.10 -5.99 59.77
CA TYR D 92 -26.85 -6.20 59.07
C TYR D 92 -27.08 -6.26 57.56
N ASP D 93 -26.06 -5.88 56.81
CA ASP D 93 -25.89 -6.35 55.44
C ASP D 93 -24.68 -7.27 55.40
N ILE D 94 -24.83 -8.42 54.75
CA ILE D 94 -23.68 -9.26 54.44
C ILE D 94 -23.59 -9.36 52.92
N PHE D 95 -22.39 -9.64 52.47
CA PHE D 95 -22.12 -9.67 51.04
C PHE D 95 -21.31 -10.92 50.76
N CYS D 96 -21.71 -11.69 49.75
CA CYS D 96 -20.86 -12.79 49.34
C CYS D 96 -21.19 -13.14 47.91
N GLU D 97 -20.17 -13.51 47.14
CA GLU D 97 -20.35 -13.97 45.75
C GLU D 97 -21.27 -13.03 44.98
N GLU D 98 -21.03 -11.72 45.11
CA GLU D 98 -21.65 -10.64 44.36
C GLU D 98 -23.10 -10.37 44.76
N GLN D 99 -23.56 -10.91 45.88
CA GLN D 99 -24.94 -10.79 46.32
C GLN D 99 -24.96 -10.24 47.73
N LYS D 100 -25.79 -9.22 47.96
CA LYS D 100 -26.04 -8.71 49.29
C LYS D 100 -27.31 -9.32 49.84
N VAL D 101 -27.31 -9.57 51.15
CA VAL D 101 -28.50 -10.06 51.87
C VAL D 101 -28.58 -9.32 53.21
N GLN D 102 -29.80 -8.91 53.58
CA GLN D 102 -30.05 -8.25 54.87
C GLN D 102 -30.27 -9.28 55.97
N ILE D 103 -29.78 -8.97 57.17
CA ILE D 103 -29.98 -9.81 58.34
C ILE D 103 -30.66 -8.97 59.40
N ILE D 104 -31.85 -9.40 59.82
CA ILE D 104 -32.61 -8.72 60.86
C ILE D 104 -32.52 -9.60 62.10
N ALA D 105 -31.85 -9.08 63.12
CA ALA D 105 -31.57 -9.81 64.34
C ALA D 105 -32.42 -9.19 65.44
N ASN D 106 -33.44 -9.91 65.85
CA ASN D 106 -34.42 -9.44 66.81
C ASN D 106 -34.14 -10.13 68.13
N ILE D 107 -34.08 -9.35 69.21
CA ILE D 107 -33.75 -9.94 70.51
C ILE D 107 -34.74 -11.04 70.86
N MET D 108 -36.02 -10.88 70.47
CA MET D 108 -37.04 -11.88 70.79
C MET D 108 -36.67 -13.25 70.24
N GLU D 109 -36.03 -13.29 69.07
CA GLU D 109 -35.72 -14.53 68.35
C GLU D 109 -34.33 -15.08 68.64
N HIS D 110 -33.60 -14.53 69.61
CA HIS D 110 -32.20 -14.91 69.76
C HIS D 110 -32.04 -16.22 70.52
N ASP D 111 -31.14 -17.05 70.03
CA ASP D 111 -30.84 -18.32 70.69
C ASP D 111 -29.90 -18.07 71.85
N ILE D 112 -30.44 -18.08 73.08
CA ILE D 112 -29.68 -17.78 74.29
C ILE D 112 -28.58 -18.80 74.57
N SER D 113 -28.66 -20.01 73.99
CA SER D 113 -27.58 -20.98 74.19
C SER D 113 -26.25 -20.47 73.66
N THR D 114 -26.27 -19.50 72.75
CA THR D 114 -25.05 -18.94 72.17
C THR D 114 -24.58 -17.69 72.89
N GLY D 115 -25.21 -17.33 74.00
CA GLY D 115 -24.89 -16.13 74.75
C GLY D 115 -26.04 -15.13 74.71
N GLU D 116 -25.97 -14.16 75.62
CA GLU D 116 -26.98 -13.11 75.61
C GLU D 116 -26.90 -12.31 74.31
N PHE D 117 -28.07 -11.85 73.86
CA PHE D 117 -28.18 -11.09 72.62
C PHE D 117 -27.14 -9.97 72.54
N SER D 118 -27.03 -9.18 73.61
CA SER D 118 -26.07 -8.09 73.64
C SER D 118 -24.64 -8.57 73.55
N VAL D 119 -24.32 -9.71 74.20
CA VAL D 119 -22.95 -10.20 74.19
C VAL D 119 -22.59 -10.72 72.81
N SER D 120 -23.47 -11.55 72.23
CA SER D 120 -23.21 -12.12 70.91
C SER D 120 -22.95 -11.03 69.89
N HIS D 121 -23.73 -9.97 69.93
CA HIS D 121 -23.62 -8.98 68.88
C HIS D 121 -22.54 -7.94 69.16
N SER D 122 -22.18 -7.70 70.43
CA SER D 122 -21.10 -6.75 70.68
C SER D 122 -19.80 -7.22 70.01
N GLU D 123 -19.64 -8.53 69.84
CA GLU D 123 -18.47 -9.11 69.19
C GLU D 123 -18.34 -8.85 67.68
N ILE D 124 -19.36 -8.33 66.99
CA ILE D 124 -19.34 -8.19 65.52
C ILE D 124 -19.02 -6.75 65.14
N ARG D 125 -18.25 -6.58 64.08
CA ARG D 125 -17.95 -5.26 63.54
C ARG D 125 -18.09 -5.29 62.03
N ARG D 126 -18.35 -4.11 61.46
CA ARG D 126 -18.28 -3.97 60.01
C ARG D 126 -16.97 -4.55 59.50
N GLY D 127 -17.05 -5.29 58.41
CA GLY D 127 -15.89 -5.95 57.85
C GLY D 127 -15.66 -7.36 58.32
N ASP D 128 -16.34 -7.81 59.38
CA ASP D 128 -16.14 -9.17 59.88
C ASP D 128 -16.75 -10.18 58.91
N VAL D 129 -16.14 -11.37 58.78
CA VAL D 129 -16.79 -12.50 58.13
C VAL D 129 -17.58 -13.28 59.18
N VAL D 130 -18.86 -13.49 58.91
CA VAL D 130 -19.74 -14.04 59.94
C VAL D 130 -20.75 -14.97 59.31
N GLY D 131 -21.33 -15.82 60.14
CA GLY D 131 -22.45 -16.64 59.76
C GLY D 131 -23.65 -16.31 60.62
N PHE D 132 -24.82 -16.45 60.02
CA PHE D 132 -26.09 -16.32 60.72
C PHE D 132 -26.94 -17.53 60.40
N THR D 133 -27.80 -17.90 61.35
CA THR D 133 -28.86 -18.87 61.11
C THR D 133 -30.19 -18.22 61.43
N GLY D 134 -31.19 -18.47 60.60
CA GLY D 134 -32.52 -17.95 60.89
C GLY D 134 -33.53 -18.41 59.88
N PHE D 135 -34.62 -17.63 59.76
CA PHE D 135 -35.77 -17.89 58.91
C PHE D 135 -35.77 -16.95 57.71
N PRO D 136 -36.10 -17.43 56.51
CA PRO D 136 -36.04 -16.59 55.32
C PRO D 136 -37.31 -15.77 55.08
N GLY D 137 -37.13 -14.66 54.38
CA GLY D 137 -38.28 -13.85 53.97
C GLY D 137 -37.89 -12.46 53.49
N LYS D 138 -38.87 -11.57 53.50
CA LYS D 138 -38.71 -10.17 53.14
C LYS D 138 -39.16 -9.29 54.30
N SER D 139 -38.51 -8.15 54.47
CA SER D 139 -39.01 -7.19 55.45
C SER D 139 -40.33 -6.59 54.95
N LYS D 140 -40.92 -5.73 55.77
CA LYS D 140 -42.12 -5.02 55.34
C LYS D 140 -41.81 -4.14 54.13
N ARG D 141 -40.65 -3.47 54.15
CA ARG D 141 -40.27 -2.59 53.05
C ARG D 141 -39.86 -3.35 51.79
N GLY D 142 -39.82 -4.68 51.83
CA GLY D 142 -39.50 -5.47 50.66
C GLY D 142 -38.06 -5.91 50.51
N GLU D 143 -37.24 -5.80 51.56
CA GLU D 143 -35.84 -6.18 51.47
C GLU D 143 -35.72 -7.69 51.69
N LEU D 144 -35.14 -8.40 50.72
CA LEU D 144 -34.79 -9.79 50.95
C LEU D 144 -33.92 -9.88 52.18
N SER D 145 -34.39 -10.63 53.18
CA SER D 145 -33.74 -10.68 54.50
C SER D 145 -33.66 -12.11 55.04
N LEU D 146 -32.83 -12.27 56.06
CA LEU D 146 -32.86 -13.42 56.96
C LEU D 146 -33.15 -12.90 58.37
N PHE D 147 -34.19 -13.46 59.00
CA PHE D 147 -34.58 -13.16 60.37
C PHE D 147 -33.81 -14.08 61.30
N SER D 148 -32.70 -13.58 61.86
CA SER D 148 -31.70 -14.46 62.42
C SER D 148 -32.03 -14.85 63.86
N LYS D 149 -31.55 -16.04 64.24
CA LYS D 149 -31.62 -16.51 65.63
C LYS D 149 -30.26 -16.56 66.29
N SER D 150 -29.18 -16.48 65.53
CA SER D 150 -27.85 -16.56 66.10
C SER D 150 -26.89 -15.86 65.15
N VAL D 151 -25.70 -15.56 65.68
CA VAL D 151 -24.60 -15.00 64.91
C VAL D 151 -23.33 -15.68 65.38
N VAL D 152 -22.45 -16.05 64.44
CA VAL D 152 -21.14 -16.62 64.75
C VAL D 152 -20.07 -15.79 64.06
N LEU D 153 -19.07 -15.36 64.82
CA LEU D 153 -17.94 -14.63 64.25
C LEU D 153 -16.95 -15.64 63.68
N LEU D 154 -16.77 -15.66 62.34
CA LEU D 154 -15.88 -16.65 61.75
C LEU D 154 -14.45 -16.15 61.60
N SER D 155 -14.30 -14.89 61.23
CA SER D 155 -13.00 -14.30 60.99
C SER D 155 -13.13 -12.78 61.08
N PRO D 156 -12.69 -12.16 62.16
CA PRO D 156 -12.83 -10.72 62.29
C PRO D 156 -11.87 -9.96 61.39
N CYS D 157 -12.26 -8.74 61.10
CA CYS D 157 -11.39 -7.76 60.45
C CYS D 157 -10.82 -6.83 61.53
N TYR D 158 -9.49 -6.82 61.68
CA TYR D 158 -8.82 -6.07 62.71
C TYR D 158 -8.63 -4.59 62.37
N HIS D 159 -9.08 -4.14 61.20
CA HIS D 159 -8.87 -2.75 60.78
C HIS D 159 -10.19 -2.10 60.41
N MET D 160 -10.26 -0.77 60.57
CA MET D 160 -11.45 -0.06 60.10
C MET D 160 -11.37 0.10 58.58
N LEU D 161 -12.39 -0.36 57.91
CA LEU D 161 -12.46 -0.35 56.45
C LEU D 161 -13.02 0.97 55.95
N PRO D 162 -12.53 1.46 54.82
CA PRO D 162 -13.14 2.64 54.19
C PRO D 162 -14.54 2.29 53.67
N THR D 163 -15.30 3.34 53.35
CA THR D 163 -16.60 3.10 52.73
C THR D 163 -16.45 2.66 51.28
N ALA D 164 -15.43 3.18 50.58
CA ALA D 164 -15.27 2.98 49.14
C ALA D 164 -13.79 3.09 48.80
N ILE D 165 -13.45 2.79 47.55
CA ILE D 165 -12.08 2.92 47.05
C ILE D 165 -11.58 4.35 47.30
N ASP D 170 -4.19 6.43 49.75
CA ASP D 170 -3.50 6.49 48.47
C ASP D 170 -4.06 5.45 47.51
N GLN D 171 -4.49 5.89 46.32
CA GLN D 171 -5.07 4.96 45.36
C GLN D 171 -4.09 3.87 44.90
N GLU D 172 -2.82 3.96 45.29
CA GLU D 172 -1.90 2.84 45.18
C GLU D 172 -2.22 1.74 46.18
N VAL D 173 -3.09 2.00 47.14
CA VAL D 173 -3.47 0.92 48.05
C VAL D 173 -4.15 -0.21 47.27
N ARG D 174 -4.85 0.12 46.19
CA ARG D 174 -5.57 -0.91 45.43
C ARG D 174 -4.63 -1.90 44.78
N TYR D 175 -3.43 -1.45 44.43
CA TYR D 175 -2.39 -2.29 43.86
C TYR D 175 -1.56 -2.98 44.92
N ARG D 176 -1.29 -2.32 46.05
CA ARG D 176 -0.46 -2.94 47.07
C ARG D 176 -1.28 -3.83 48.00
N GLN D 177 -2.56 -3.55 48.16
CA GLN D 177 -3.44 -4.38 48.98
C GLN D 177 -4.64 -4.72 48.12
N ARG D 178 -4.42 -5.56 47.10
CA ARG D 178 -5.46 -5.79 46.12
C ARG D 178 -6.70 -6.39 46.78
N TYR D 179 -6.54 -7.06 47.91
CA TYR D 179 -7.70 -7.64 48.58
C TYR D 179 -8.68 -6.57 49.05
N LEU D 180 -8.21 -5.35 49.28
CA LEU D 180 -9.15 -4.29 49.63
C LEU D 180 -9.87 -3.77 48.41
N ASP D 181 -9.16 -3.59 47.30
CA ASP D 181 -9.82 -3.24 46.04
C ASP D 181 -10.89 -4.28 45.68
N LEU D 182 -10.53 -5.56 45.70
CA LEU D 182 -11.49 -6.61 45.39
C LEU D 182 -12.64 -6.63 46.40
N MET D 183 -12.33 -6.43 47.67
CA MET D 183 -13.39 -6.40 48.67
C MET D 183 -14.40 -5.29 48.41
N LEU D 184 -13.92 -4.09 48.03
CA LEU D 184 -14.76 -2.90 48.05
C LEU D 184 -15.19 -2.38 46.68
N ASN D 185 -14.70 -2.95 45.59
CA ASN D 185 -14.88 -2.32 44.27
C ASN D 185 -15.33 -3.38 43.27
N GLU D 186 -16.64 -3.41 42.98
CA GLU D 186 -17.16 -4.38 42.00
C GLU D 186 -16.48 -4.22 40.63
N GLU D 187 -16.16 -2.99 40.24
CA GLU D 187 -15.51 -2.77 38.96
C GLU D 187 -14.19 -3.52 38.86
N SER D 188 -13.40 -3.53 39.94
CA SER D 188 -12.16 -4.30 39.90
C SER D 188 -12.44 -5.78 39.73
N ARG D 189 -13.47 -6.29 40.41
CA ARG D 189 -13.77 -7.71 40.27
C ARG D 189 -14.16 -8.07 38.84
N LYS D 190 -14.89 -7.18 38.16
CA LYS D 190 -15.25 -7.45 36.78
C LYS D 190 -14.03 -7.58 35.90
N VAL D 191 -13.01 -6.76 36.14
CA VAL D 191 -11.83 -6.81 35.28
C VAL D 191 -11.28 -8.23 35.25
N PHE D 192 -11.12 -8.84 36.42
CA PHE D 192 -10.47 -10.14 36.44
C PHE D 192 -11.39 -11.28 36.03
N LYS D 193 -12.70 -11.10 36.16
CA LYS D 193 -13.59 -12.04 35.48
C LYS D 193 -13.52 -11.90 33.95
N LEU D 194 -13.51 -10.67 33.44
CA LEU D 194 -13.39 -10.45 32.01
C LEU D 194 -12.11 -11.08 31.48
N ARG D 195 -11.00 -10.85 32.21
CA ARG D 195 -9.72 -11.43 31.83
C ARG D 195 -9.85 -12.93 31.65
N SER D 196 -10.53 -13.60 32.58
CA SER D 196 -10.67 -15.05 32.45
C SER D 196 -11.60 -15.42 31.28
N ARG D 197 -12.66 -14.65 31.06
CA ARG D 197 -13.54 -14.93 29.93
C ARG D 197 -12.82 -14.73 28.61
N ALA D 198 -11.97 -13.69 28.51
CA ALA D 198 -11.23 -13.49 27.27
C ALA D 198 -10.25 -14.64 27.02
N ILE D 199 -9.50 -15.06 28.04
CA ILE D 199 -8.55 -16.14 27.86
C ILE D 199 -9.26 -17.44 27.47
N LYS D 200 -10.42 -17.70 28.08
CA LYS D 200 -11.22 -18.86 27.69
C LYS D 200 -11.61 -18.83 26.23
N TYR D 201 -12.07 -17.67 25.76
CA TYR D 201 -12.44 -17.52 24.35
C TYR D 201 -11.24 -17.78 23.50
N ILE D 202 -10.07 -17.34 23.97
CA ILE D 202 -8.88 -17.50 23.17
C ILE D 202 -8.53 -18.98 23.08
N ARG D 203 -8.52 -19.71 24.20
CA ARG D 203 -8.22 -21.15 24.13
C ARG D 203 -9.18 -21.89 23.21
N ASN D 204 -10.48 -21.64 23.37
CA ASN D 204 -11.47 -22.32 22.55
C ASN D 204 -11.21 -22.13 21.06
N TYR D 205 -11.00 -20.87 20.62
CA TYR D 205 -10.71 -20.59 19.20
C TYR D 205 -9.62 -21.51 18.67
N PHE D 206 -8.53 -21.66 19.43
CA PHE D 206 -7.41 -22.45 18.90
C PHE D 206 -7.64 -23.94 19.09
N ASP D 207 -8.25 -24.33 20.21
CA ASP D 207 -8.65 -25.72 20.40
C ASP D 207 -9.53 -26.20 19.24
N ARG D 208 -10.50 -25.37 18.84
CA ARG D 208 -11.39 -25.74 17.74
C ARG D 208 -10.62 -25.92 16.43
N LEU D 209 -9.49 -25.24 16.29
CA LEU D 209 -8.71 -25.41 15.07
C LEU D 209 -7.77 -26.61 15.15
N GLY D 210 -7.77 -27.36 16.26
CA GLY D 210 -6.94 -28.55 16.38
C GLY D 210 -5.57 -28.30 16.98
N PHE D 211 -5.39 -27.19 17.69
CA PHE D 211 -4.07 -26.88 18.25
C PHE D 211 -3.83 -27.73 19.48
N LEU D 212 -2.56 -27.86 19.85
CA LEU D 212 -2.15 -28.51 21.10
C LEU D 212 -1.52 -27.47 22.00
N GLU D 213 -2.07 -27.31 23.20
CA GLU D 213 -1.41 -26.42 24.15
C GLU D 213 -0.22 -27.12 24.79
N VAL D 214 0.93 -26.45 24.82
CA VAL D 214 2.18 -26.97 25.36
C VAL D 214 2.73 -26.01 26.42
N GLU D 215 3.77 -26.46 27.10
CA GLU D 215 4.51 -25.67 28.09
C GLU D 215 5.97 -25.87 27.81
N THR D 216 6.70 -24.77 27.64
CA THR D 216 8.13 -24.82 27.40
C THR D 216 8.83 -24.07 28.53
N PRO D 217 10.15 -24.22 28.68
CA PRO D 217 10.80 -23.78 29.93
C PRO D 217 10.82 -22.26 30.12
N MET D 218 10.54 -21.86 31.34
CA MET D 218 10.75 -20.46 31.70
C MET D 218 12.16 -20.21 32.22
N LEU D 219 12.90 -21.27 32.57
CA LEU D 219 14.32 -21.19 32.94
C LEU D 219 15.13 -21.68 31.75
N ASN D 220 15.98 -20.80 31.20
CA ASN D 220 16.75 -21.11 29.99
C ASN D 220 18.24 -20.94 30.27
N MET D 221 19.04 -21.86 29.72
CA MET D 221 20.49 -21.67 29.71
C MET D 221 20.89 -20.56 28.76
N ILE D 222 20.07 -20.27 27.77
CA ILE D 222 20.33 -19.13 26.92
C ILE D 222 19.00 -18.49 26.54
N TYR D 223 18.84 -17.23 26.88
CA TYR D 223 17.60 -16.55 26.57
C TYR D 223 17.55 -16.19 25.08
N GLY D 224 16.34 -16.11 24.55
CA GLY D 224 16.21 -15.72 23.16
C GLY D 224 14.76 -15.55 22.74
N GLY D 225 14.59 -15.16 21.47
CA GLY D 225 13.27 -15.07 20.89
C GLY D 225 12.58 -13.74 21.01
N ALA D 226 13.23 -12.72 21.55
CA ALA D 226 12.67 -11.37 21.49
C ALA D 226 13.82 -10.43 21.70
N ALA D 227 13.51 -9.13 21.73
CA ALA D 227 14.51 -8.08 21.97
C ALA D 227 14.23 -7.48 23.34
N ALA D 228 15.00 -7.92 24.35
CA ALA D 228 14.70 -7.56 25.73
C ALA D 228 15.84 -7.99 26.62
N ARG D 229 16.12 -7.22 27.68
CA ARG D 229 17.10 -7.65 28.68
CA ARG D 229 17.10 -7.65 28.68
C ARG D 229 16.47 -8.72 29.57
N PRO D 230 17.18 -9.80 29.88
CA PRO D 230 16.56 -10.86 30.68
C PRO D 230 16.84 -10.75 32.18
N PHE D 231 16.00 -11.39 32.98
CA PHE D 231 16.34 -11.67 34.37
C PHE D 231 17.39 -12.77 34.42
N ILE D 232 18.33 -12.64 35.35
CA ILE D 232 19.38 -13.63 35.56
C ILE D 232 19.15 -14.29 36.93
N THR D 233 19.35 -15.60 37.01
CA THR D 233 19.29 -16.30 38.28
C THR D 233 20.37 -17.38 38.27
N TYR D 234 20.32 -18.25 39.28
CA TYR D 234 21.39 -19.21 39.54
C TYR D 234 20.81 -20.49 40.15
N HIS D 235 21.17 -21.65 39.58
CA HIS D 235 20.78 -22.94 40.14
C HIS D 235 21.95 -23.49 40.96
N ASN D 236 21.73 -23.67 42.25
CA ASN D 236 22.86 -23.99 43.11
C ASN D 236 23.36 -25.42 42.90
N GLU D 237 22.49 -26.38 42.59
CA GLU D 237 22.98 -27.75 42.46
C GLU D 237 23.77 -27.94 41.17
N LEU D 238 23.22 -27.46 40.06
CA LEU D 238 23.92 -27.45 38.77
C LEU D 238 24.98 -26.37 38.68
N GLU D 239 25.13 -25.57 39.74
CA GLU D 239 26.08 -24.45 39.79
C GLU D 239 26.11 -23.68 38.47
N THR D 240 24.94 -23.26 38.00
CA THR D 240 24.87 -22.64 36.68
C THR D 240 24.02 -21.38 36.70
N GLN D 241 24.49 -20.37 35.98
CA GLN D 241 23.65 -19.25 35.64
C GLN D 241 22.50 -19.70 34.75
N LEU D 242 21.32 -19.15 35.02
CA LEU D 242 20.15 -19.33 34.17
C LEU D 242 19.54 -17.98 33.89
N TYR D 243 18.74 -17.90 32.83
CA TYR D 243 17.93 -16.72 32.50
C TYR D 243 16.46 -17.10 32.57
N MET D 244 15.60 -16.19 33.05
CA MET D 244 14.17 -16.34 32.80
C MET D 244 13.89 -16.09 31.32
N ARG D 245 12.87 -16.75 30.77
CA ARG D 245 12.63 -16.59 29.34
C ARG D 245 12.04 -15.21 29.09
N ILE D 246 12.49 -14.59 28.00
CA ILE D 246 11.83 -13.38 27.51
C ILE D 246 10.77 -13.73 26.48
N ALA D 247 10.82 -14.94 25.90
CA ALA D 247 9.82 -15.48 24.99
C ALA D 247 10.03 -16.99 24.86
N PRO D 248 8.96 -17.74 24.60
CA PRO D 248 9.08 -19.18 24.31
C PRO D 248 9.36 -19.57 22.86
N GLU D 249 9.58 -18.60 21.95
CA GLU D 249 9.58 -18.85 20.50
C GLU D 249 10.55 -19.97 20.07
N LEU D 250 11.78 -19.94 20.56
CA LEU D 250 12.78 -20.89 20.09
C LEU D 250 12.39 -22.32 20.44
N TYR D 251 11.78 -22.51 21.60
CA TYR D 251 11.32 -23.82 22.01
C TYR D 251 10.11 -24.27 21.21
N LEU D 252 9.13 -23.37 21.02
CA LEU D 252 7.93 -23.73 20.26
C LEU D 252 8.24 -24.08 18.82
N LYS D 253 9.26 -23.47 18.22
CA LYS D 253 9.56 -23.84 16.85
C LYS D 253 10.18 -25.22 16.78
N GLN D 254 10.90 -25.64 17.81
CA GLN D 254 11.38 -27.02 17.81
C GLN D 254 10.22 -28.01 17.82
N LEU D 255 9.07 -27.63 18.36
CA LEU D 255 7.94 -28.55 18.39
C LEU D 255 7.31 -28.69 17.01
N ILE D 256 7.51 -27.70 16.14
CA ILE D 256 7.06 -27.84 14.76
C ILE D 256 8.02 -28.71 13.96
N VAL D 257 9.33 -28.59 14.22
CA VAL D 257 10.27 -29.58 13.69
C VAL D 257 9.85 -30.96 14.13
N GLY D 258 9.40 -31.07 15.37
CA GLY D 258 8.89 -32.28 15.93
C GLY D 258 7.65 -32.83 15.25
N GLY D 259 6.97 -32.04 14.41
CA GLY D 259 5.75 -32.50 13.77
C GLY D 259 4.47 -32.34 14.55
N LEU D 260 4.47 -31.55 15.62
CA LEU D 260 3.20 -31.33 16.32
C LEU D 260 2.24 -30.43 15.53
N ASP D 261 2.74 -29.72 14.51
CA ASP D 261 1.96 -29.04 13.47
C ASP D 261 1.27 -27.74 13.86
N LYS D 262 0.49 -27.73 14.95
CA LYS D 262 -0.15 -26.51 15.50
C LYS D 262 0.02 -26.55 17.00
N VAL D 263 0.82 -25.65 17.57
CA VAL D 263 0.98 -25.61 19.02
C VAL D 263 0.74 -24.19 19.50
N TYR D 264 0.26 -24.07 20.74
CA TYR D 264 0.22 -22.74 21.37
C TYR D 264 0.63 -22.83 22.83
N GLU D 265 1.10 -21.70 23.37
CA GLU D 265 1.41 -21.64 24.79
C GLU D 265 0.88 -20.31 25.33
N ILE D 266 0.30 -20.33 26.52
CA ILE D 266 -0.18 -19.10 27.17
C ILE D 266 0.46 -19.03 28.55
N GLY D 267 1.38 -18.08 28.74
CA GLY D 267 2.02 -17.94 30.03
C GLY D 267 2.92 -16.72 30.06
N LYS D 268 3.64 -16.60 31.16
CA LYS D 268 4.43 -15.41 31.43
C LYS D 268 5.71 -15.36 30.63
N ASN D 269 6.04 -14.17 30.19
CA ASN D 269 7.40 -13.76 29.87
C ASN D 269 7.95 -12.87 30.98
N PHE D 270 9.28 -12.89 31.13
CA PHE D 270 9.94 -12.04 32.10
C PHE D 270 10.94 -11.17 31.35
N ARG D 271 10.80 -9.87 31.48
CA ARG D 271 11.73 -8.94 30.82
C ARG D 271 12.19 -7.90 31.83
N ASN D 272 13.51 -7.72 31.91
CA ASN D 272 14.15 -6.93 32.94
C ASN D 272 14.46 -5.59 32.31
N GLU D 273 13.44 -4.73 32.28
CA GLU D 273 13.61 -3.42 31.67
C GLU D 273 12.75 -2.41 32.40
N GLY D 274 12.10 -1.52 31.68
CA GLY D 274 11.43 -0.39 32.29
C GLY D 274 9.95 -0.70 32.53
N ILE D 275 9.40 -0.09 33.59
CA ILE D 275 8.00 -0.21 33.97
C ILE D 275 7.30 1.09 33.61
N ASP D 276 6.02 0.99 33.23
CA ASP D 276 5.15 2.14 32.91
C ASP D 276 3.74 1.61 32.65
N LEU D 277 2.86 2.48 32.13
CA LEU D 277 1.45 2.11 31.96
C LEU D 277 1.21 0.89 31.05
N THR D 278 2.18 0.47 30.23
CA THR D 278 1.94 -0.70 29.37
C THR D 278 2.99 -1.80 29.54
N HIS D 279 3.78 -1.76 30.61
CA HIS D 279 4.92 -2.65 30.80
C HIS D 279 4.98 -3.06 32.26
N ASN D 280 4.94 -4.36 32.49
CA ASN D 280 5.08 -4.95 33.82
C ASN D 280 6.15 -6.03 33.69
N PRO D 281 7.02 -6.20 34.67
CA PRO D 281 8.21 -7.05 34.46
C PRO D 281 7.88 -8.48 34.08
N GLU D 282 6.72 -8.99 34.51
CA GLU D 282 6.19 -10.25 34.03
C GLU D 282 4.82 -9.96 33.42
N PHE D 283 4.55 -10.57 32.28
CA PHE D 283 3.30 -10.31 31.59
C PHE D 283 2.90 -11.60 30.90
N THR D 284 1.62 -11.74 30.63
CA THR D 284 1.08 -12.96 30.06
C THR D 284 1.05 -12.85 28.54
N ALA D 285 1.70 -13.79 27.87
CA ALA D 285 1.76 -13.79 26.43
C ALA D 285 1.21 -15.10 25.90
N MET D 286 0.66 -15.06 24.70
CA MET D 286 0.35 -16.27 23.96
C MET D 286 1.17 -16.27 22.70
N GLU D 287 1.81 -17.41 22.39
CA GLU D 287 2.43 -17.63 21.10
C GLU D 287 1.81 -18.86 20.47
N PHE D 288 1.63 -18.85 19.15
CA PHE D 288 1.30 -20.10 18.48
C PHE D 288 2.12 -20.23 17.21
N TYR D 289 2.34 -21.50 16.82
CA TYR D 289 3.09 -21.84 15.64
C TYR D 289 2.21 -22.76 14.80
N MET D 290 2.10 -22.46 13.53
CA MET D 290 1.14 -23.13 12.66
C MET D 290 1.86 -23.54 11.40
N ALA D 291 2.14 -24.84 11.29
CA ALA D 291 2.81 -25.32 10.10
C ALA D 291 1.98 -24.96 8.85
N TYR D 292 2.70 -24.49 7.83
CA TYR D 292 2.20 -24.22 6.45
C TYR D 292 1.44 -22.91 6.36
N ALA D 293 1.42 -22.12 7.43
CA ALA D 293 0.92 -20.77 7.37
C ALA D 293 2.05 -19.82 6.96
N ASP D 294 1.69 -18.75 6.27
CA ASP D 294 2.58 -17.62 6.06
C ASP D 294 1.99 -16.39 6.76
N TYR D 295 2.70 -15.27 6.70
CA TYR D 295 2.23 -14.15 7.52
C TYR D 295 0.96 -13.50 6.95
N TYR D 296 0.65 -13.69 5.65
CA TYR D 296 -0.66 -13.30 5.13
C TYR D 296 -1.78 -14.06 5.84
N ASP D 297 -1.65 -15.40 5.88
CA ASP D 297 -2.56 -16.23 6.69
C ASP D 297 -2.71 -15.68 8.10
N LEU D 298 -1.57 -15.35 8.74
CA LEU D 298 -1.60 -14.90 10.14
C LEU D 298 -2.33 -13.56 10.29
N MET D 299 -2.23 -12.69 9.31
CA MET D 299 -2.96 -11.42 9.41
C MET D 299 -4.47 -11.65 9.40
N ASP D 300 -4.96 -12.54 8.52
CA ASP D 300 -6.38 -12.86 8.46
C ASP D 300 -6.85 -13.50 9.77
N LEU D 301 -6.08 -14.46 10.30
CA LEU D 301 -6.45 -15.05 11.58
C LEU D 301 -6.50 -13.98 12.68
N THR D 302 -5.50 -13.08 12.72
CA THR D 302 -5.46 -12.10 13.79
C THR D 302 -6.73 -11.26 13.78
N GLU D 303 -7.13 -10.79 12.58
CA GLU D 303 -8.38 -10.06 12.43
C GLU D 303 -9.57 -10.91 12.90
N GLU D 304 -9.58 -12.21 12.61
CA GLU D 304 -10.79 -12.97 12.93
C GLU D 304 -10.90 -13.25 14.42
N LEU D 305 -9.80 -13.64 15.05
CA LEU D 305 -9.83 -13.88 16.50
C LEU D 305 -10.18 -12.61 17.26
N ILE D 306 -9.40 -11.55 17.03
CA ILE D 306 -9.54 -10.34 17.84
C ILE D 306 -10.90 -9.70 17.60
N SER D 307 -11.28 -9.52 16.35
CA SER D 307 -12.59 -8.92 16.09
C SER D 307 -13.71 -9.78 16.66
N GLY D 308 -13.54 -11.11 16.68
CA GLY D 308 -14.61 -11.93 17.21
C GLY D 308 -14.65 -11.85 18.72
N LEU D 309 -13.50 -11.63 19.34
CA LEU D 309 -13.49 -11.45 20.78
C LEU D 309 -14.10 -10.08 21.13
N VAL D 310 -13.71 -9.03 20.40
CA VAL D 310 -14.29 -7.70 20.65
C VAL D 310 -15.82 -7.80 20.58
N LEU D 311 -16.33 -8.35 19.48
CA LEU D 311 -17.78 -8.47 19.32
C LEU D 311 -18.38 -9.30 20.45
N GLU D 312 -17.71 -10.37 20.86
CA GLU D 312 -18.30 -11.27 21.84
C GLU D 312 -18.48 -10.56 23.17
N ILE D 313 -17.58 -9.65 23.49
CA ILE D 313 -17.66 -8.93 24.75
CA ILE D 313 -17.65 -8.93 24.75
C ILE D 313 -18.50 -7.68 24.60
N HIS D 314 -18.27 -6.90 23.54
CA HIS D 314 -18.91 -5.59 23.40
C HIS D 314 -20.16 -5.56 22.51
N GLY D 315 -20.43 -6.61 21.74
CA GLY D 315 -21.56 -6.60 20.84
C GLY D 315 -21.37 -5.70 19.64
N SER D 316 -20.15 -5.23 19.40
CA SER D 316 -19.94 -4.30 18.30
C SER D 316 -18.44 -4.23 18.08
N LEU D 317 -18.04 -3.95 16.85
CA LEU D 317 -16.62 -3.80 16.58
C LEU D 317 -16.07 -2.43 16.96
N LYS D 318 -16.94 -1.51 17.37
CA LYS D 318 -16.53 -0.17 17.75
C LYS D 318 -16.82 -0.05 19.24
N ILE D 319 -15.76 0.16 20.03
CA ILE D 319 -15.87 0.12 21.48
C ILE D 319 -15.28 1.40 22.06
N PRO D 320 -15.69 1.77 23.27
CA PRO D 320 -15.14 2.99 23.89
C PRO D 320 -13.81 2.76 24.58
N TYR D 321 -13.04 3.86 24.68
CA TYR D 321 -11.81 3.84 25.41
C TYR D 321 -11.56 5.24 25.96
N HIS D 322 -11.11 5.30 27.22
CA HIS D 322 -10.73 6.55 27.88
C HIS D 322 -9.21 6.59 27.96
N PRO D 323 -8.51 7.22 27.02
CA PRO D 323 -7.05 7.14 27.03
C PRO D 323 -6.42 7.84 28.22
N ASP D 324 -7.09 8.82 28.83
CA ASP D 324 -6.55 9.51 29.98
C ASP D 324 -7.39 9.24 31.24
N GLY D 325 -7.94 8.03 31.36
CA GLY D 325 -8.69 7.64 32.53
C GLY D 325 -10.17 7.99 32.46
N PRO D 326 -10.97 7.46 33.39
CA PRO D 326 -12.43 7.63 33.29
C PRO D 326 -12.89 9.06 33.48
N GLU D 327 -12.08 9.92 34.10
CA GLU D 327 -12.38 11.34 34.20
C GLU D 327 -12.09 12.11 32.90
N GLY D 328 -11.48 11.47 31.90
CA GLY D 328 -11.09 12.13 30.67
C GLY D 328 -12.07 11.90 29.52
N LYS D 329 -11.61 12.19 28.31
CA LYS D 329 -12.46 12.06 27.15
C LYS D 329 -12.67 10.59 26.76
N CYS D 330 -13.70 10.35 25.97
CA CYS D 330 -14.01 9.01 25.52
C CYS D 330 -13.79 8.95 24.02
N ILE D 331 -12.98 8.00 23.58
CA ILE D 331 -12.76 7.84 22.15
C ILE D 331 -13.35 6.50 21.76
N GLU D 332 -13.29 6.17 20.47
CA GLU D 332 -13.85 4.93 19.95
C GLU D 332 -12.78 4.22 19.14
N ILE D 333 -12.47 2.98 19.51
CA ILE D 333 -11.61 2.12 18.69
C ILE D 333 -12.51 1.32 17.76
N ASP D 334 -12.23 1.39 16.46
CA ASP D 334 -13.00 0.67 15.45
C ASP D 334 -12.21 -0.56 14.97
N PHE D 335 -12.71 -1.77 15.28
CA PHE D 335 -12.05 -3.01 14.85
C PHE D 335 -12.58 -3.55 13.51
N THR D 336 -13.29 -2.74 12.71
CA THR D 336 -13.88 -3.21 11.45
C THR D 336 -12.80 -3.56 10.43
N THR D 337 -12.82 -4.78 9.93
CA THR D 337 -11.81 -5.20 8.94
C THR D 337 -12.18 -4.71 7.55
N PRO D 338 -11.21 -4.58 6.62
CA PRO D 338 -9.79 -4.96 6.72
C PRO D 338 -9.03 -3.88 7.46
N TRP D 339 -8.09 -4.27 8.29
CA TRP D 339 -7.35 -3.27 9.04
C TRP D 339 -6.33 -2.60 8.14
N LYS D 340 -5.95 -1.39 8.51
CA LYS D 340 -4.97 -0.64 7.75
C LYS D 340 -3.61 -1.36 7.80
N ARG D 341 -2.88 -1.28 6.71
CA ARG D 341 -1.53 -1.81 6.63
C ARG D 341 -0.57 -0.65 6.42
N PHE D 342 0.53 -0.63 7.14
CA PHE D 342 1.56 0.37 6.93
C PHE D 342 2.85 -0.34 6.60
N SER D 343 3.48 0.02 5.50
CA SER D 343 4.78 -0.58 5.17
CA SER D 343 4.77 -0.59 5.19
C SER D 343 5.86 0.11 5.99
N PHE D 344 6.64 -0.70 6.71
CA PHE D 344 7.59 -0.18 7.69
C PHE D 344 8.52 0.88 7.08
N VAL D 345 9.23 0.51 6.00
CA VAL D 345 10.23 1.44 5.45
C VAL D 345 9.55 2.56 4.67
N GLU D 346 8.57 2.23 3.81
CA GLU D 346 7.85 3.27 3.07
C GLU D 346 7.29 4.36 4.01
N GLU D 347 6.72 3.96 5.13
CA GLU D 347 6.05 4.94 5.99
C GLU D 347 7.05 5.87 6.68
N ILE D 348 8.18 5.33 7.15
CA ILE D 348 9.26 6.19 7.66
C ILE D 348 9.66 7.20 6.59
N GLU D 349 9.84 6.74 5.35
CA GLU D 349 10.33 7.58 4.27
C GLU D 349 9.33 8.67 3.90
N SER D 350 8.02 8.39 4.02
CA SER D 350 7.03 9.46 3.87
C SER D 350 7.10 10.45 5.01
N GLY D 351 7.20 9.96 6.25
CA GLY D 351 7.46 10.87 7.36
C GLY D 351 8.70 11.72 7.13
N LEU D 352 9.81 11.07 6.79
CA LEU D 352 11.06 11.79 6.53
C LEU D 352 10.95 12.71 5.32
N GLY D 353 10.16 12.33 4.31
CA GLY D 353 10.21 13.07 3.05
C GLY D 353 11.39 12.74 2.18
N GLU D 354 12.12 11.66 2.48
CA GLU D 354 13.26 11.25 1.66
C GLU D 354 13.61 9.81 2.02
N LYS D 355 14.44 9.21 1.18
CA LYS D 355 14.70 7.77 1.23
C LYS D 355 15.78 7.40 2.23
N LEU D 356 15.59 6.25 2.86
CA LEU D 356 16.68 5.67 3.63
C LEU D 356 17.79 5.21 2.71
N LYS D 357 19.02 5.22 3.21
CA LYS D 357 20.14 4.74 2.41
C LYS D 357 20.18 3.21 2.38
N ARG D 358 20.51 2.65 1.23
CA ARG D 358 20.62 1.20 1.08
C ARG D 358 22.09 0.79 0.90
N PRO D 359 22.47 -0.39 1.41
CA PRO D 359 21.67 -1.24 2.29
C PRO D 359 21.35 -0.59 3.64
N LEU D 360 20.23 -1.03 4.22
CA LEU D 360 19.70 -0.44 5.45
C LEU D 360 20.62 -0.66 6.63
N ASP D 361 21.46 -1.68 6.59
CA ASP D 361 22.36 -1.98 7.69
C ASP D 361 23.78 -1.49 7.42
N SER D 362 23.99 -0.72 6.36
CA SER D 362 25.31 -0.18 6.06
C SER D 362 25.66 0.93 7.05
N GLN D 363 26.96 1.20 7.16
CA GLN D 363 27.38 2.29 8.06
C GLN D 363 26.86 3.63 7.56
N GLU D 364 26.71 3.79 6.24
CA GLU D 364 26.12 5.00 5.69
C GLU D 364 24.69 5.18 6.21
N ASN D 365 23.87 4.13 6.12
CA ASN D 365 22.49 4.29 6.56
C ASN D 365 22.43 4.57 8.05
N ILE D 366 23.24 3.87 8.85
CA ILE D 366 23.29 4.11 10.28
C ILE D 366 23.53 5.57 10.57
N ASP D 367 24.56 6.14 9.91
CA ASP D 367 24.90 7.54 10.07
C ASP D 367 23.76 8.45 9.60
N PHE D 368 23.13 8.12 8.47
CA PHE D 368 22.01 8.93 8.00
C PHE D 368 20.86 8.89 9.00
N MET D 369 20.57 7.73 9.57
CA MET D 369 19.46 7.63 10.50
C MET D 369 19.74 8.41 11.77
N VAL D 370 21.00 8.41 12.24
CA VAL D 370 21.40 9.29 13.33
C VAL D 370 21.08 10.75 12.99
N GLU D 371 21.48 11.20 11.79
CA GLU D 371 21.19 12.58 11.38
C GLU D 371 19.69 12.85 11.41
N MET D 372 18.91 11.96 10.82
CA MET D 372 17.46 12.10 10.85
C MET D 372 16.94 12.12 12.28
N CYS D 373 17.52 11.29 13.15
CA CYS D 373 17.12 11.31 14.56
C CYS D 373 17.44 12.67 15.20
N GLU D 374 18.60 13.25 14.90
CA GLU D 374 18.91 14.60 15.38
C GLU D 374 17.97 15.63 14.77
N LYS D 375 17.72 15.51 13.46
CA LYS D 375 16.87 16.46 12.74
C LYS D 375 15.44 16.48 13.28
N HIS D 376 14.91 15.32 13.63
CA HIS D 376 13.51 15.22 14.03
C HIS D 376 13.35 15.13 15.54
N GLU D 377 14.42 15.42 16.29
CA GLU D 377 14.42 15.35 17.75
C GLU D 377 13.87 14.01 18.24
N ILE D 378 14.44 12.93 17.71
CA ILE D 378 14.19 11.58 18.22
C ILE D 378 15.37 11.17 19.09
N GLU D 379 15.07 10.55 20.23
CA GLU D 379 16.08 10.06 21.14
C GLU D 379 16.90 8.92 20.52
N LEU D 380 18.25 9.04 20.61
CA LEU D 380 19.15 8.08 19.97
C LEU D 380 19.20 6.77 20.77
N PRO D 381 19.26 5.64 20.10
CA PRO D 381 19.36 4.36 20.83
C PRO D 381 20.81 4.09 21.23
N HIS D 382 20.95 3.19 22.18
CA HIS D 382 22.28 2.72 22.53
C HIS D 382 22.36 1.19 22.58
N PRO D 383 23.20 0.60 21.72
CA PRO D 383 24.08 1.30 20.79
C PRO D 383 23.37 1.74 19.51
N ARG D 384 24.09 2.44 18.62
CA ARG D 384 23.48 2.96 17.40
C ARG D 384 23.62 1.91 16.29
N THR D 385 22.84 0.84 16.44
CA THR D 385 22.74 -0.18 15.41
C THR D 385 21.64 0.18 14.41
N ALA D 386 21.79 -0.32 13.18
CA ALA D 386 20.76 -0.13 12.16
C ALA D 386 19.39 -0.52 12.67
N ALA D 387 19.26 -1.73 13.23
CA ALA D 387 17.98 -2.19 13.79
C ALA D 387 17.40 -1.18 14.78
N LYS D 388 18.22 -0.65 15.70
CA LYS D 388 17.66 0.16 16.77
C LYS D 388 17.28 1.54 16.29
N LEU D 389 18.05 2.08 15.33
CA LEU D 389 17.69 3.35 14.71
C LEU D 389 16.39 3.23 13.92
N LEU D 390 16.25 2.14 13.15
CA LEU D 390 15.00 1.92 12.43
C LEU D 390 13.82 1.84 13.38
N ASP D 391 13.99 1.09 14.48
CA ASP D 391 12.97 1.01 15.52
C ASP D 391 12.60 2.40 16.05
N LYS D 392 13.58 3.28 16.28
CA LYS D 392 13.23 4.59 16.83
C LYS D 392 12.51 5.44 15.78
N LEU D 393 12.92 5.31 14.51
CA LEU D 393 12.24 6.05 13.46
C LEU D 393 10.80 5.59 13.35
N ALA D 394 10.60 4.28 13.23
CA ALA D 394 9.26 3.71 13.13
C ALA D 394 8.38 4.12 14.30
N GLY D 395 8.95 4.13 15.52
CA GLY D 395 8.18 4.54 16.67
C GLY D 395 7.72 5.98 16.54
N HIS D 396 8.57 6.83 15.96
CA HIS D 396 8.27 8.24 15.83
C HIS D 396 7.30 8.54 14.70
N PHE D 397 7.45 7.86 13.56
CA PHE D 397 6.70 8.23 12.37
C PHE D 397 5.52 7.32 12.08
N VAL D 398 5.54 6.07 12.56
CA VAL D 398 4.60 5.06 12.09
C VAL D 398 3.70 4.57 13.20
N GLU D 399 4.28 4.19 14.36
CA GLU D 399 3.45 3.68 15.46
C GLU D 399 2.44 4.72 15.91
N THR D 400 2.85 6.00 15.88
CA THR D 400 1.96 7.11 16.20
C THR D 400 0.78 7.22 15.23
N LYS D 401 0.79 6.49 14.11
CA LYS D 401 -0.27 6.57 13.11
C LYS D 401 -1.33 5.48 13.28
N CYS D 402 -1.15 4.54 14.21
CA CYS D 402 -2.09 3.43 14.35
C CYS D 402 -3.00 3.70 15.55
N THR D 403 -4.10 4.42 15.29
CA THR D 403 -5.08 4.55 16.37
C THR D 403 -5.94 3.29 16.43
N ASN D 404 -6.77 3.08 15.41
CA ASN D 404 -7.45 1.81 15.18
C ASN D 404 -6.46 0.69 14.87
N PRO D 405 -6.85 -0.58 15.08
CA PRO D 405 -5.92 -1.70 14.85
C PRO D 405 -5.25 -1.58 13.51
N SER D 406 -3.92 -1.50 13.51
CA SER D 406 -3.17 -1.36 12.27
C SER D 406 -1.95 -2.28 12.26
N PHE D 407 -1.70 -2.90 11.11
CA PHE D 407 -0.51 -3.70 10.90
C PHE D 407 0.62 -2.82 10.36
N ILE D 408 1.76 -2.86 11.02
CA ILE D 408 3.02 -2.41 10.41
C ILE D 408 3.67 -3.67 9.83
N ILE D 409 4.00 -3.64 8.53
CA ILE D 409 4.44 -4.86 7.83
C ILE D 409 5.83 -4.70 7.21
N ASP D 410 6.41 -5.85 6.88
CA ASP D 410 7.60 -5.92 6.00
C ASP D 410 8.83 -5.25 6.64
N HIS D 411 9.07 -5.54 7.92
CA HIS D 411 10.20 -5.00 8.64
C HIS D 411 11.49 -5.43 7.96
N PRO D 412 12.52 -4.57 7.95
CA PRO D 412 13.82 -5.00 7.43
C PRO D 412 14.39 -6.19 8.21
N GLN D 413 15.08 -7.05 7.46
CA GLN D 413 15.78 -8.20 8.05
C GLN D 413 16.68 -7.79 9.21
N THR D 414 17.38 -6.66 9.09
CA THR D 414 18.35 -6.30 10.11
C THR D 414 17.75 -6.23 11.52
N MET D 415 16.43 -6.07 11.63
CA MET D 415 15.82 -5.98 12.95
C MET D 415 14.91 -7.16 13.25
N SER D 416 14.94 -8.20 12.40
CA SER D 416 14.01 -9.32 12.50
C SER D 416 14.83 -10.60 12.33
N PRO D 417 15.64 -10.95 13.32
CA PRO D 417 16.61 -12.04 13.15
C PRO D 417 15.99 -13.39 12.86
N LEU D 418 14.71 -13.58 13.22
CA LEU D 418 14.03 -14.86 13.06
C LEU D 418 12.91 -14.83 12.03
N ALA D 419 12.73 -13.72 11.32
CA ALA D 419 11.68 -13.67 10.31
C ALA D 419 12.25 -14.03 8.93
N LYS D 420 11.43 -14.68 8.13
CA LYS D 420 11.88 -15.10 6.80
C LYS D 420 11.96 -13.93 5.83
N TRP D 421 13.03 -13.92 5.02
CA TRP D 421 13.18 -12.89 4.00
C TRP D 421 11.89 -12.72 3.19
N HIS D 422 11.64 -11.49 2.74
CA HIS D 422 10.43 -11.23 1.99
C HIS D 422 10.51 -11.80 0.59
N ARG D 423 9.43 -12.44 0.16
CA ARG D 423 9.47 -13.17 -1.10
C ARG D 423 9.63 -12.28 -2.31
N GLU D 424 9.30 -10.97 -2.21
CA GLU D 424 9.56 -9.94 -3.24
C GLU D 424 10.54 -8.86 -2.83
N LYS D 425 10.50 -8.39 -1.58
CA LYS D 425 11.12 -7.12 -1.22
C LYS D 425 12.53 -7.33 -0.67
N PRO D 426 13.58 -6.92 -1.39
CA PRO D 426 14.94 -7.04 -0.85
C PRO D 426 15.05 -6.40 0.52
N GLU D 427 15.88 -7.02 1.38
CA GLU D 427 16.24 -6.54 2.71
C GLU D 427 15.09 -6.60 3.72
N MET D 428 13.87 -6.89 3.27
CA MET D 428 12.69 -6.95 4.12
C MET D 428 12.35 -8.40 4.49
N THR D 429 11.46 -8.55 5.49
CA THR D 429 11.03 -9.86 5.96
C THR D 429 9.50 -9.94 6.00
N GLU D 430 9.00 -11.17 6.01
CA GLU D 430 7.56 -11.39 6.04
C GLU D 430 7.04 -11.28 7.47
N ARG D 431 7.01 -10.05 7.97
CA ARG D 431 6.72 -9.82 9.37
C ARG D 431 5.60 -8.81 9.48
N PHE D 432 4.83 -8.90 10.56
CA PHE D 432 3.96 -7.79 10.92
C PHE D 432 3.90 -7.61 12.43
N GLU D 433 3.58 -6.39 12.84
CA GLU D 433 3.23 -6.07 14.21
C GLU D 433 1.85 -5.45 14.17
N LEU D 434 1.03 -5.72 15.17
CA LEU D 434 -0.28 -5.11 15.26
C LEU D 434 -0.24 -4.04 16.35
N PHE D 435 -0.67 -2.84 16.01
CA PHE D 435 -0.74 -1.74 16.97
C PHE D 435 -2.18 -1.28 17.13
N VAL D 436 -2.54 -0.97 18.37
CA VAL D 436 -3.79 -0.30 18.70
C VAL D 436 -3.45 0.86 19.61
N LEU D 437 -3.89 2.05 19.22
CA LEU D 437 -3.62 3.26 20.00
C LEU D 437 -2.12 3.44 20.22
N GLY D 438 -1.35 3.14 19.16
CA GLY D 438 0.09 3.27 19.22
C GLY D 438 0.77 2.31 20.15
N LYS D 439 0.06 1.27 20.61
CA LYS D 439 0.55 0.19 21.46
C LYS D 439 0.63 -1.14 20.71
N GLU D 440 1.74 -1.86 20.85
CA GLU D 440 1.93 -3.15 20.18
C GLU D 440 1.06 -4.20 20.85
N LEU D 441 0.18 -4.86 20.07
CA LEU D 441 -0.62 -5.98 20.55
C LEU D 441 -0.14 -7.34 20.06
N CYS D 442 0.40 -7.41 18.86
CA CYS D 442 0.82 -8.65 18.21
C CYS D 442 2.14 -8.45 17.46
N ASN D 443 2.88 -9.56 17.30
CA ASN D 443 4.15 -9.65 16.58
C ASN D 443 4.19 -11.03 15.99
N ALA D 444 4.39 -11.13 14.67
CA ALA D 444 4.20 -12.37 13.92
C ALA D 444 5.03 -12.38 12.65
N TYR D 445 5.33 -13.57 12.17
CA TYR D 445 5.96 -13.60 10.85
C TYR D 445 5.96 -14.99 10.24
N THR D 446 6.21 -15.02 8.94
CA THR D 446 6.65 -16.27 8.33
C THR D 446 8.01 -16.59 8.90
N GLU D 447 8.15 -17.78 9.49
CA GLU D 447 9.30 -18.14 10.28
C GLU D 447 10.49 -18.45 9.40
N LEU D 448 11.65 -17.93 9.78
CA LEU D 448 12.85 -18.22 9.00
C LEU D 448 13.21 -19.67 9.23
N ASN D 449 13.23 -20.46 8.16
CA ASN D 449 13.52 -21.90 8.29
C ASN D 449 14.77 -22.30 7.54
N GLU D 450 15.61 -21.33 7.17
CA GLU D 450 16.86 -21.57 6.48
C GLU D 450 18.01 -21.50 7.48
N PRO D 451 18.72 -22.60 7.75
CA PRO D 451 19.73 -22.57 8.82
C PRO D 451 20.98 -21.76 8.49
N LEU D 452 21.34 -21.57 7.22
CA LEU D 452 22.52 -20.77 6.93
C LEU D 452 22.29 -19.31 7.34
N GLN D 453 21.28 -18.68 6.76
CA GLN D 453 20.94 -17.31 7.14
C GLN D 453 20.67 -17.18 8.63
N GLN D 454 19.96 -18.14 9.22
CA GLN D 454 19.64 -18.03 10.62
C GLN D 454 20.93 -17.89 11.44
N ARG D 455 21.92 -18.76 11.18
CA ARG D 455 23.18 -18.69 11.91
CA ARG D 455 23.17 -18.68 11.91
C ARG D 455 23.83 -17.32 11.73
N LYS D 456 23.84 -16.81 10.50
CA LYS D 456 24.41 -15.49 10.25
C LYS D 456 23.71 -14.41 11.06
N PHE D 457 22.38 -14.49 11.13
CA PHE D 457 21.61 -13.44 11.80
C PHE D 457 21.75 -13.51 13.31
N PHE D 458 22.07 -14.69 13.84
CA PHE D 458 22.41 -14.79 15.26
C PHE D 458 23.82 -14.30 15.50
N GLU D 459 24.73 -14.54 14.55
CA GLU D 459 26.06 -13.97 14.63
C GLU D 459 25.99 -12.44 14.68
N GLN D 460 25.06 -11.85 13.92
CA GLN D 460 24.89 -10.39 13.98
C GLN D 460 24.28 -9.94 15.29
N GLN D 461 23.43 -10.78 15.91
CA GLN D 461 22.90 -10.47 17.24
CA GLN D 461 22.91 -10.43 17.22
C GLN D 461 24.01 -10.47 18.28
N ALA D 462 24.84 -11.52 18.29
CA ALA D 462 25.94 -11.60 19.26
C ALA D 462 26.98 -10.50 19.09
N ASP D 463 27.06 -9.91 17.89
CA ASP D 463 27.94 -8.75 17.67
C ASP D 463 27.31 -7.47 18.18
N ALA D 464 25.98 -7.34 18.09
CA ALA D 464 25.34 -6.17 18.68
C ALA D 464 25.44 -6.24 20.19
N LYS D 465 25.20 -7.44 20.75
CA LYS D 465 25.36 -7.67 22.17
C LYS D 465 26.77 -7.30 22.64
N ALA D 466 27.79 -7.75 21.91
CA ALA D 466 29.16 -7.38 22.25
C ALA D 466 29.39 -5.88 22.14
N SER D 467 28.56 -5.18 21.34
CA SER D 467 28.67 -3.75 21.14
C SER D 467 27.88 -2.96 22.19
N GLY D 468 27.24 -3.64 23.14
CA GLY D 468 26.49 -2.96 24.19
C GLY D 468 24.99 -3.11 24.08
N ASP D 469 24.47 -3.87 23.11
CA ASP D 469 23.03 -4.01 22.94
C ASP D 469 22.51 -5.02 23.96
N VAL D 470 21.90 -4.51 25.05
CA VAL D 470 21.35 -5.35 26.10
C VAL D 470 20.14 -6.14 25.65
N GLU D 471 19.64 -5.89 24.44
CA GLU D 471 18.49 -6.61 23.92
C GLU D 471 18.87 -7.64 22.87
N ALA D 472 20.15 -7.78 22.56
CA ALA D 472 20.61 -8.77 21.62
C ALA D 472 20.87 -10.09 22.34
N CYS D 473 20.49 -11.20 21.69
CA CYS D 473 20.63 -12.46 22.38
C CYS D 473 21.85 -13.22 21.88
N PRO D 474 22.47 -14.06 22.69
CA PRO D 474 23.57 -14.88 22.19
C PRO D 474 23.07 -15.93 21.21
N ILE D 475 24.02 -16.47 20.45
CA ILE D 475 23.68 -17.51 19.49
C ILE D 475 23.17 -18.73 20.24
N ASP D 476 22.06 -19.29 19.81
CA ASP D 476 21.57 -20.53 20.39
C ASP D 476 21.94 -21.69 19.48
N GLU D 477 22.96 -22.46 19.85
CA GLU D 477 23.35 -23.58 18.99
C GLU D 477 22.27 -24.66 18.94
N THR D 478 21.60 -24.94 20.06
CA THR D 478 20.61 -26.01 20.04
C THR D 478 19.53 -25.73 19.01
N PHE D 479 19.19 -24.45 18.85
CA PHE D 479 18.12 -24.11 17.93
C PHE D 479 18.57 -24.22 16.48
N CYS D 480 19.75 -23.69 16.15
CA CYS D 480 20.27 -23.85 14.80
C CYS D 480 20.32 -25.32 14.40
N LEU D 481 20.70 -26.19 15.34
CA LEU D 481 20.73 -27.61 15.08
C LEU D 481 19.33 -28.14 14.85
N ALA D 482 18.36 -27.63 15.60
CA ALA D 482 16.98 -27.99 15.33
C ALA D 482 16.60 -27.62 13.90
N LEU D 483 16.96 -26.39 13.45
CA LEU D 483 16.63 -26.02 12.06
C LEU D 483 17.30 -26.92 11.04
N GLU D 484 18.50 -27.42 11.35
CA GLU D 484 19.16 -28.40 10.49
C GLU D 484 18.37 -29.70 10.36
N HIS D 485 17.43 -29.94 11.25
CA HIS D 485 16.53 -31.07 11.11
C HIS D 485 15.28 -30.73 10.30
N GLY D 486 15.15 -29.51 9.81
CA GLY D 486 14.08 -29.18 8.90
C GLY D 486 12.86 -28.67 9.61
N LEU D 487 12.69 -27.34 9.54
CA LEU D 487 11.47 -26.72 10.01
C LEU D 487 10.55 -26.52 8.82
N PRO D 488 9.36 -27.12 8.84
CA PRO D 488 8.41 -26.89 7.77
C PRO D 488 8.15 -25.40 7.61
N PRO D 489 7.84 -24.96 6.39
CA PRO D 489 7.26 -23.62 6.24
C PRO D 489 6.20 -23.44 7.29
N THR D 490 6.31 -22.34 8.04
CA THR D 490 5.53 -22.17 9.26
C THR D 490 5.29 -20.70 9.48
N GLY D 491 4.15 -20.39 10.10
CA GLY D 491 3.95 -19.04 10.62
C GLY D 491 3.71 -19.00 12.12
N GLY D 492 4.36 -18.08 12.80
CA GLY D 492 4.24 -17.91 14.26
C GLY D 492 3.81 -16.51 14.65
N TRP D 493 3.37 -16.35 15.89
CA TRP D 493 2.56 -15.23 16.30
C TRP D 493 2.62 -15.10 17.82
N GLY D 494 2.67 -13.87 18.30
CA GLY D 494 2.62 -13.62 19.73
C GLY D 494 1.62 -12.51 20.00
N LEU D 495 1.08 -12.53 21.22
CA LEU D 495 0.04 -11.61 21.63
C LEU D 495 0.27 -11.24 23.08
N GLY D 496 0.14 -9.95 23.37
CA GLY D 496 0.22 -9.48 24.74
C GLY D 496 -1.18 -9.43 25.28
N ILE D 497 -1.50 -10.44 26.11
CA ILE D 497 -2.86 -10.60 26.65
C ILE D 497 -3.21 -9.45 27.57
N ASP D 498 -2.25 -9.03 28.40
CA ASP D 498 -2.54 -7.94 29.32
C ASP D 498 -2.97 -6.68 28.58
N ARG D 499 -2.30 -6.39 27.45
CA ARG D 499 -2.67 -5.21 26.70
C ARG D 499 -4.02 -5.40 26.05
N LEU D 500 -4.29 -6.61 25.53
CA LEU D 500 -5.62 -6.91 25.01
C LEU D 500 -6.71 -6.64 26.05
N ILE D 501 -6.48 -7.08 27.29
CA ILE D 501 -7.45 -6.88 28.35
C ILE D 501 -7.59 -5.41 28.67
N MET D 502 -6.48 -4.67 28.59
CA MET D 502 -6.56 -3.22 28.80
C MET D 502 -7.54 -2.59 27.82
N PHE D 503 -7.50 -3.00 26.55
CA PHE D 503 -8.41 -2.43 25.56
C PHE D 503 -9.85 -2.93 25.76
N LEU D 504 -10.03 -4.25 25.89
CA LEU D 504 -11.38 -4.82 26.10
C LEU D 504 -12.07 -4.27 27.35
N ALA D 505 -11.32 -4.10 28.44
CA ALA D 505 -11.90 -3.61 29.69
C ALA D 505 -11.89 -2.10 29.81
N ASP D 506 -11.27 -1.37 28.87
CA ASP D 506 -11.09 0.08 28.96
C ASP D 506 -10.31 0.47 30.22
N LYS D 507 -9.03 0.10 30.23
CA LYS D 507 -8.11 0.59 31.24
C LYS D 507 -6.87 1.13 30.54
N ASN D 508 -6.24 2.14 31.13
CA ASN D 508 -5.07 2.71 30.48
C ASN D 508 -3.81 2.45 31.29
N ASN D 509 -3.92 1.60 32.31
CA ASN D 509 -2.79 1.27 33.16
C ASN D 509 -2.76 -0.25 33.25
N ILE D 510 -1.65 -0.85 32.80
CA ILE D 510 -1.57 -2.30 32.89
C ILE D 510 -1.73 -2.78 34.34
N LYS D 511 -1.46 -1.91 35.34
CA LYS D 511 -1.70 -2.33 36.71
C LYS D 511 -3.16 -2.68 36.97
N GLU D 512 -4.08 -2.18 36.15
CA GLU D 512 -5.50 -2.45 36.36
C GLU D 512 -5.90 -3.85 35.97
N VAL D 513 -5.12 -4.51 35.11
CA VAL D 513 -5.50 -5.80 34.56
C VAL D 513 -4.65 -6.93 35.09
N ILE D 514 -3.73 -6.64 36.02
CA ILE D 514 -2.88 -7.62 36.68
C ILE D 514 -3.21 -7.56 38.16
N LEU D 515 -3.44 -8.74 38.76
CA LEU D 515 -3.90 -8.77 40.15
C LEU D 515 -2.84 -8.21 41.10
N PHE D 516 -1.59 -8.60 40.93
CA PHE D 516 -0.54 -8.10 41.81
C PHE D 516 0.59 -7.52 40.97
N PRO D 517 0.42 -6.31 40.47
CA PRO D 517 1.41 -5.75 39.55
C PRO D 517 2.65 -5.27 40.29
N ALA D 518 3.75 -5.13 39.56
CA ALA D 518 5.01 -4.76 40.19
C ALA D 518 4.97 -3.32 40.67
N MET D 519 5.27 -3.11 41.96
CA MET D 519 5.28 -1.81 42.63
C MET D 519 6.64 -1.53 43.26
N ARG D 520 7.03 -0.26 43.27
CA ARG D 520 8.28 0.12 43.90
C ARG D 520 8.10 0.17 45.42
N ASN D 521 9.20 -0.10 46.13
CA ASN D 521 9.21 -0.02 47.60
C ASN D 521 9.40 1.42 48.07
#